data_6EIV
#
_entry.id   6EIV
#
_cell.length_a   88.760
_cell.length_b   88.540
_cell.length_c   231.120
_cell.angle_alpha   90.00
_cell.angle_beta   90.00
_cell.angle_gamma   90.00
#
_symmetry.space_group_name_H-M   'P 21 21 21'
#
loop_
_entity.id
_entity.type
_entity.pdbx_description
1 polymer 'Dual specificity tyrosine-phosphorylation-regulated kinase 1A'
2 non-polymer ~{N}-[3-[[4-azanyl-2-[[4-(4-methylpiperazin-1-yl)phenyl]amino]-1,3-thiazol-5-yl]carbonyl]phenyl]propanamide
3 water water
#
_entity_poly.entity_id   1
_entity_poly.type   'polypeptide(L)'
_entity_poly.pdbx_seq_one_letter_code
;GASDSSHKKERKVYNDGYDDDNYDYIVKNGEKWMDRYEIDSLIGKGSFGQVVKAYDRVEQEWVAIKIIKNKKAFLNQAQI
EVRLLELMNKHDTEMKYYIVHLKRHFMFRNHLCLVFEMLSYNLYDLLRNTNFRGVSLNLTRKFAQQMCTALLFLATPELS
IIHCDLKPENILLCNPKRSAIKIVDFGSSCQLGQRIYQ(PTR)IQSRFYRSPEVLLGMPYDLAIDMWSLGCILVEMHTGE
PLFSGANEVDQMNKIVEVLGIPPAHILDQAPKARKFFEKLPDGTWNLKKTKDGKREYKPPGTRKLHNILGVETGGPGGRR
AGESGHTVADYLKFKDLILRMLDYDPKTRIQPYYALQHSFFKKTADEGTNTS
;
_entity_poly.pdbx_strand_id   A,B,C,D
#
loop_
_chem_comp.id
_chem_comp.type
_chem_comp.name
_chem_comp.formula
B6Q non-polymer ~{N}-[3-[[4-azanyl-2-[[4-(4-methylpiperazin-1-yl)phenyl]amino]-1,3-thiazol-5-yl]carbonyl]phenyl]propanamide 'C24 H28 N6 O2 S'
#
# COMPACT_ATOMS: atom_id res chain seq x y z
N LYS A 12 17.00 -32.76 -1.81
CA LYS A 12 17.02 -33.69 -0.69
C LYS A 12 16.08 -33.23 0.42
N VAL A 13 16.55 -32.29 1.24
CA VAL A 13 15.74 -31.74 2.33
C VAL A 13 15.37 -30.29 2.04
N TYR A 14 14.23 -29.86 2.58
CA TYR A 14 13.78 -28.48 2.42
C TYR A 14 13.52 -27.86 3.78
N ASN A 15 14.06 -26.66 3.99
CA ASN A 15 13.98 -25.97 5.28
C ASN A 15 14.42 -26.88 6.42
N ASP A 16 15.61 -27.45 6.28
CA ASP A 16 16.21 -28.35 7.26
C ASP A 16 15.30 -29.55 7.56
N GLY A 17 14.54 -29.98 6.56
CA GLY A 17 13.74 -31.18 6.68
C GLY A 17 12.39 -31.00 7.36
N TYR A 18 11.94 -29.76 7.49
CA TYR A 18 10.67 -29.47 8.14
C TYR A 18 9.53 -29.41 7.14
N ASP A 19 9.84 -28.99 5.92
CA ASP A 19 8.84 -28.87 4.85
C ASP A 19 8.95 -30.04 3.87
N ASP A 20 8.01 -30.10 2.92
CA ASP A 20 8.02 -31.15 1.91
C ASP A 20 8.14 -30.58 0.51
N ASP A 21 7.58 -31.31 -0.46
CA ASP A 21 7.59 -30.87 -1.86
C ASP A 21 6.79 -29.58 -2.04
N ASN A 22 5.73 -29.42 -1.26
CA ASN A 22 4.83 -28.30 -1.42
C ASN A 22 5.04 -27.20 -0.38
N TYR A 23 6.29 -27.06 0.07
CA TYR A 23 6.73 -25.94 0.91
C TYR A 23 6.05 -25.82 2.27
N ASP A 24 5.28 -26.81 2.69
CA ASP A 24 4.55 -26.66 3.94
C ASP A 24 4.97 -27.64 5.03
N TYR A 25 4.68 -27.26 6.26
CA TYR A 25 5.11 -27.99 7.45
C TYR A 25 4.54 -29.40 7.54
N ILE A 26 5.40 -30.35 7.81
CA ILE A 26 4.99 -31.73 8.08
C ILE A 26 4.51 -31.83 9.52
N VAL A 27 3.20 -31.88 9.72
CA VAL A 27 2.66 -31.95 11.07
C VAL A 27 2.85 -33.34 11.66
N LYS A 28 3.05 -33.39 12.97
CA LYS A 28 3.30 -34.65 13.67
C LYS A 28 2.49 -34.71 14.97
N ASN A 29 1.79 -35.82 15.16
CA ASN A 29 0.94 -36.00 16.34
C ASN A 29 1.70 -35.88 17.65
N GLY A 30 1.29 -34.93 18.49
CA GLY A 30 1.87 -34.77 19.81
C GLY A 30 3.05 -33.82 19.88
N GLU A 31 3.36 -33.16 18.77
CA GLU A 31 4.46 -32.21 18.73
C GLU A 31 4.12 -30.97 19.54
N LYS A 32 5.10 -30.43 20.25
CA LYS A 32 4.88 -29.28 21.12
C LYS A 32 5.66 -28.05 20.66
N TRP A 33 4.94 -26.98 20.36
CA TRP A 33 5.55 -25.75 19.86
C TRP A 33 5.67 -24.68 20.94
N MET A 34 6.84 -24.09 21.06
CA MET A 34 7.06 -22.91 21.90
C MET A 34 6.64 -23.11 23.35
N ASP A 35 6.54 -24.37 23.77
CA ASP A 35 6.09 -24.73 25.11
C ASP A 35 4.70 -24.15 25.42
N ARG A 36 3.89 -23.98 24.38
CA ARG A 36 2.52 -23.48 24.56
C ARG A 36 1.51 -24.32 23.78
N TYR A 37 1.62 -24.32 22.46
CA TYR A 37 0.67 -25.04 21.62
C TYR A 37 1.05 -26.51 21.48
N GLU A 38 0.04 -27.39 21.58
CA GLU A 38 0.27 -28.82 21.44
C GLU A 38 -0.51 -29.38 20.25
N ILE A 39 0.20 -29.80 19.22
CA ILE A 39 -0.43 -30.26 17.98
C ILE A 39 -1.13 -31.61 18.13
N ASP A 40 -2.34 -31.71 17.60
CA ASP A 40 -3.14 -32.91 17.69
C ASP A 40 -3.15 -33.66 16.36
N SER A 41 -3.97 -33.19 15.42
CA SER A 41 -4.10 -33.82 14.12
C SER A 41 -4.49 -32.83 13.03
N LEU A 42 -4.09 -33.13 11.79
CA LEU A 42 -4.43 -32.30 10.64
C LEU A 42 -5.93 -32.31 10.37
N ILE A 43 -6.51 -31.13 10.21
CA ILE A 43 -7.95 -31.01 10.00
C ILE A 43 -8.28 -30.34 8.66
N GLY A 44 -7.31 -29.64 8.09
CA GLY A 44 -7.54 -28.93 6.84
C GLY A 44 -6.34 -28.90 5.92
N LYS A 45 -6.61 -28.77 4.63
CA LYS A 45 -5.55 -28.70 3.63
C LYS A 45 -6.03 -27.94 2.40
N GLY A 46 -5.23 -26.98 1.96
CA GLY A 46 -5.56 -26.18 0.79
C GLY A 46 -4.35 -25.56 0.14
N SER A 47 -4.58 -24.83 -0.96
CA SER A 47 -3.51 -24.18 -1.70
C SER A 47 -2.70 -23.24 -0.82
N PHE A 48 -3.39 -22.53 0.07
CA PHE A 48 -2.75 -21.62 1.02
C PHE A 48 -1.76 -22.36 1.91
N GLY A 49 -2.12 -23.58 2.27
CA GLY A 49 -1.32 -24.35 3.20
C GLY A 49 -2.10 -25.42 3.94
N GLN A 50 -1.97 -25.44 5.26
CA GLN A 50 -2.61 -26.47 6.07
C GLN A 50 -3.31 -25.90 7.31
N VAL A 51 -4.28 -26.66 7.83
CA VAL A 51 -4.99 -26.28 9.04
C VAL A 51 -4.92 -27.43 10.03
N VAL A 52 -4.61 -27.11 11.28
CA VAL A 52 -4.41 -28.16 12.28
C VAL A 52 -5.16 -27.88 13.59
N LYS A 53 -5.52 -28.94 14.30
CA LYS A 53 -6.13 -28.85 15.61
C LYS A 53 -5.05 -28.85 16.68
N ALA A 54 -5.10 -27.92 17.63
CA ALA A 54 -4.06 -27.84 18.65
C ALA A 54 -4.60 -27.34 19.98
N TYR A 55 -3.84 -27.57 21.05
CA TYR A 55 -4.25 -27.14 22.38
C TYR A 55 -3.32 -26.08 22.95
N ASP A 56 -3.86 -24.88 23.12
CA ASP A 56 -3.17 -23.79 23.81
C ASP A 56 -3.13 -24.08 25.30
N ARG A 57 -1.93 -24.06 25.87
CA ARG A 57 -1.70 -24.40 27.27
C ARG A 57 -1.81 -23.17 28.17
N VAL A 58 -1.56 -22.00 27.59
CA VAL A 58 -1.65 -20.75 28.34
C VAL A 58 -3.10 -20.35 28.57
N GLU A 59 -3.89 -20.39 27.50
CA GLU A 59 -5.31 -20.08 27.61
C GLU A 59 -6.09 -21.31 28.04
N GLN A 60 -5.42 -22.46 28.00
CA GLN A 60 -6.02 -23.76 28.33
C GLN A 60 -7.29 -23.99 27.51
N GLU A 61 -7.12 -24.07 26.19
CA GLU A 61 -8.26 -24.21 25.30
C GLU A 61 -7.86 -24.81 23.96
N TRP A 62 -8.85 -25.27 23.20
CA TRP A 62 -8.58 -25.79 21.86
C TRP A 62 -8.64 -24.68 20.82
N VAL A 63 -7.69 -24.70 19.90
CA VAL A 63 -7.63 -23.72 18.81
C VAL A 63 -7.31 -24.40 17.49
N ALA A 64 -7.65 -23.71 16.39
CA ALA A 64 -7.32 -24.18 15.05
C ALA A 64 -6.25 -23.28 14.45
N ILE A 65 -5.10 -23.86 14.12
CA ILE A 65 -3.98 -23.07 13.63
C ILE A 65 -3.79 -23.23 12.11
N LYS A 66 -3.63 -22.09 11.45
CA LYS A 66 -3.46 -22.03 10.00
C LYS A 66 -2.00 -21.81 9.65
N ILE A 67 -1.37 -22.87 9.13
CA ILE A 67 0.03 -22.82 8.74
C ILE A 67 0.15 -22.55 7.24
N ILE A 68 0.70 -21.40 6.90
CA ILE A 68 0.88 -21.00 5.51
C ILE A 68 2.19 -21.56 4.97
N LYS A 69 2.22 -21.88 3.68
CA LYS A 69 3.40 -22.46 3.06
C LYS A 69 4.63 -21.59 3.18
N ASN A 70 5.80 -22.18 2.96
CA ASN A 70 7.07 -21.47 3.07
C ASN A 70 7.45 -20.77 1.77
N LYS A 71 6.56 -19.93 1.27
CA LYS A 71 6.81 -19.16 0.05
C LYS A 71 6.39 -17.71 0.22
N LYS A 72 6.96 -16.84 -0.60
CA LYS A 72 6.74 -15.40 -0.51
C LYS A 72 5.28 -15.02 -0.79
N ALA A 73 4.73 -15.59 -1.86
CA ALA A 73 3.36 -15.30 -2.29
C ALA A 73 2.34 -15.62 -1.21
N PHE A 74 2.33 -16.89 -0.79
CA PHE A 74 1.39 -17.37 0.22
C PHE A 74 1.51 -16.57 1.52
N LEU A 75 2.75 -16.22 1.89
CA LEU A 75 3.00 -15.41 3.07
C LEU A 75 2.37 -14.03 2.93
N ASN A 76 2.56 -13.40 1.77
CA ASN A 76 1.98 -12.08 1.51
C ASN A 76 0.45 -12.09 1.57
N GLN A 77 -0.15 -13.06 0.88
CA GLN A 77 -1.60 -13.22 0.87
C GLN A 77 -2.14 -13.40 2.29
N ALA A 78 -1.47 -14.27 3.03
CA ALA A 78 -1.82 -14.53 4.42
C ALA A 78 -1.71 -13.27 5.27
N GLN A 79 -0.74 -12.42 4.96
CA GLN A 79 -0.57 -11.17 5.70
C GLN A 79 -1.72 -10.21 5.40
N ILE A 80 -2.12 -10.13 4.14
CA ILE A 80 -3.31 -9.39 3.77
C ILE A 80 -4.52 -9.85 4.60
N GLU A 81 -4.74 -11.16 4.59
CA GLU A 81 -5.84 -11.76 5.34
C GLU A 81 -5.81 -11.42 6.82
N VAL A 82 -4.61 -11.53 7.41
CA VAL A 82 -4.41 -11.17 8.82
C VAL A 82 -4.77 -9.72 9.09
N ARG A 83 -4.34 -8.81 8.21
CA ARG A 83 -4.68 -7.40 8.33
C ARG A 83 -6.20 -7.21 8.34
N LEU A 84 -6.88 -7.92 7.44
CA LEU A 84 -8.34 -7.86 7.39
C LEU A 84 -8.98 -8.32 8.70
N LEU A 85 -8.58 -9.51 9.16
CA LEU A 85 -9.12 -10.09 10.39
C LEU A 85 -8.92 -9.15 11.59
N GLU A 86 -7.72 -8.62 11.72
CA GLU A 86 -7.40 -7.66 12.78
C GLU A 86 -8.28 -6.41 12.66
N LEU A 87 -8.51 -5.98 11.42
CA LEU A 87 -9.35 -4.81 11.16
C LEU A 87 -10.78 -5.06 11.65
N MET A 88 -11.29 -6.27 11.41
CA MET A 88 -12.63 -6.61 11.87
C MET A 88 -12.71 -6.71 13.38
N ASN A 89 -11.69 -7.32 13.98
CA ASN A 89 -11.66 -7.53 15.43
C ASN A 89 -11.61 -6.23 16.22
N LYS A 90 -11.26 -5.14 15.54
CA LYS A 90 -11.12 -3.84 16.19
C LYS A 90 -12.44 -3.08 16.31
N HIS A 91 -13.45 -3.53 15.58
CA HIS A 91 -14.76 -2.89 15.65
C HIS A 91 -15.52 -3.37 16.88
N ASP A 92 -16.42 -2.52 17.38
CA ASP A 92 -16.98 -2.71 18.71
C ASP A 92 -18.31 -3.48 18.74
N THR A 93 -19.01 -3.51 17.61
CA THR A 93 -20.35 -4.08 17.57
C THR A 93 -20.38 -5.60 17.79
N GLU A 94 -21.51 -6.10 18.27
CA GLU A 94 -21.69 -7.53 18.54
C GLU A 94 -21.79 -8.31 17.23
N MET A 95 -22.05 -7.60 16.15
CA MET A 95 -22.13 -8.21 14.83
C MET A 95 -20.81 -8.86 14.43
N LYS A 96 -19.75 -8.55 15.18
CA LYS A 96 -18.44 -9.15 14.94
C LYS A 96 -18.45 -10.65 15.24
N TYR A 97 -19.43 -11.09 16.02
CA TYR A 97 -19.46 -12.47 16.50
C TYR A 97 -20.11 -13.45 15.52
N TYR A 98 -20.06 -13.12 14.24
CA TYR A 98 -20.46 -14.07 13.21
C TYR A 98 -19.30 -14.27 12.25
N ILE A 99 -18.22 -13.54 12.51
CA ILE A 99 -16.96 -13.72 11.81
C ILE A 99 -16.01 -14.49 12.72
N VAL A 100 -15.27 -15.44 12.16
CA VAL A 100 -14.33 -16.23 12.95
C VAL A 100 -13.27 -15.32 13.57
N HIS A 101 -12.86 -15.64 14.80
CA HIS A 101 -11.99 -14.75 15.56
C HIS A 101 -10.53 -15.17 15.50
N LEU A 102 -9.68 -14.24 15.03
CA LEU A 102 -8.24 -14.44 15.03
C LEU A 102 -7.66 -13.99 16.37
N LYS A 103 -7.40 -14.95 17.25
CA LYS A 103 -6.92 -14.64 18.60
C LYS A 103 -5.55 -13.96 18.55
N ARG A 104 -4.61 -14.58 17.85
CA ARG A 104 -3.28 -14.02 17.65
C ARG A 104 -2.62 -14.70 16.46
N HIS A 105 -1.45 -14.21 16.07
CA HIS A 105 -0.72 -14.81 14.97
C HIS A 105 0.78 -14.70 15.23
N PHE A 106 1.56 -15.59 14.63
CA PHE A 106 3.00 -15.55 14.84
C PHE A 106 3.77 -16.26 13.73
N MET A 107 5.09 -16.19 13.81
CA MET A 107 5.96 -16.91 12.88
C MET A 107 6.58 -18.12 13.59
N PHE A 108 6.72 -19.21 12.87
CA PHE A 108 7.31 -20.43 13.42
C PHE A 108 8.02 -21.24 12.35
N ARG A 109 9.33 -21.35 12.48
CA ARG A 109 10.17 -22.09 11.54
C ARG A 109 9.89 -21.71 10.09
N ASN A 110 9.95 -20.41 9.83
CA ASN A 110 9.72 -19.84 8.50
C ASN A 110 8.30 -20.02 7.96
N HIS A 111 7.36 -20.36 8.86
CA HIS A 111 5.96 -20.46 8.49
C HIS A 111 5.14 -19.39 9.19
N LEU A 112 4.03 -18.98 8.57
CA LEU A 112 3.10 -18.07 9.22
C LEU A 112 1.97 -18.88 9.83
N CYS A 113 1.70 -18.62 11.11
CA CYS A 113 0.67 -19.35 11.84
C CYS A 113 -0.42 -18.41 12.35
N LEU A 114 -1.65 -18.71 11.97
CA LEU A 114 -2.81 -17.94 12.39
C LEU A 114 -3.64 -18.72 13.42
N VAL A 115 -3.82 -18.15 14.61
CA VAL A 115 -4.54 -18.84 15.67
C VAL A 115 -6.01 -18.45 15.70
N PHE A 116 -6.88 -19.40 15.31
CA PHE A 116 -8.32 -19.18 15.32
C PHE A 116 -8.99 -19.97 16.45
N GLU A 117 -10.18 -19.54 16.83
CA GLU A 117 -11.01 -20.31 17.74
C GLU A 117 -11.41 -21.61 17.05
N MET A 118 -11.41 -22.70 17.81
CA MET A 118 -11.82 -23.98 17.25
C MET A 118 -13.33 -24.01 17.05
N LEU A 119 -13.74 -24.27 15.81
CA LEU A 119 -15.17 -24.37 15.50
C LEU A 119 -15.53 -25.82 15.16
N SER A 120 -16.81 -26.07 14.92
CA SER A 120 -17.28 -27.44 14.68
C SER A 120 -17.43 -27.74 13.19
N TYR A 121 -18.48 -28.46 12.84
CA TYR A 121 -18.73 -28.88 11.46
C TYR A 121 -19.04 -27.69 10.55
N ASN A 122 -18.72 -27.85 9.26
CA ASN A 122 -19.20 -26.92 8.26
C ASN A 122 -20.55 -27.43 7.73
N LEU A 123 -21.25 -26.60 6.97
CA LEU A 123 -22.63 -26.92 6.59
C LEU A 123 -22.74 -28.04 5.56
N TYR A 124 -21.71 -28.23 4.76
CA TYR A 124 -21.71 -29.32 3.78
C TYR A 124 -21.68 -30.67 4.48
N ASP A 125 -20.99 -30.74 5.62
CA ASP A 125 -20.96 -31.96 6.41
C ASP A 125 -22.36 -32.33 6.87
N LEU A 126 -23.08 -31.34 7.38
CA LEU A 126 -24.46 -31.49 7.83
C LEU A 126 -25.35 -31.97 6.68
N LEU A 127 -25.26 -31.29 5.55
CA LEU A 127 -25.97 -31.69 4.34
C LEU A 127 -25.67 -33.15 3.96
N ARG A 128 -24.42 -33.56 4.09
CA ARG A 128 -24.05 -34.95 3.80
C ARG A 128 -24.59 -35.87 4.88
N ASN A 129 -24.92 -35.31 6.04
CA ASN A 129 -25.48 -36.11 7.12
C ASN A 129 -26.98 -36.32 6.91
N THR A 130 -27.61 -35.39 6.18
CA THR A 130 -29.04 -35.56 5.86
C THR A 130 -29.27 -36.49 4.67
N ASN A 131 -28.19 -37.09 4.17
CA ASN A 131 -28.20 -37.82 2.90
C ASN A 131 -28.58 -36.89 1.76
N PHE A 132 -28.22 -35.61 1.91
CA PHE A 132 -28.53 -34.56 0.94
C PHE A 132 -30.03 -34.37 0.73
N ARG A 133 -30.74 -34.25 1.85
CA ARG A 133 -32.18 -33.98 1.82
C ARG A 133 -32.50 -32.62 2.42
N GLY A 134 -31.47 -31.99 3.00
CA GLY A 134 -31.62 -30.68 3.61
C GLY A 134 -32.08 -30.75 5.05
N VAL A 135 -32.36 -29.60 5.65
CA VAL A 135 -32.86 -29.55 7.02
C VAL A 135 -34.15 -28.74 7.11
N SER A 136 -34.70 -28.65 8.32
CA SER A 136 -35.97 -27.96 8.55
C SER A 136 -35.88 -26.49 8.18
N LEU A 137 -37.03 -25.89 7.89
CA LEU A 137 -37.11 -24.48 7.54
C LEU A 137 -36.86 -23.61 8.77
N ASN A 138 -37.17 -24.16 9.94
CA ASN A 138 -36.98 -23.48 11.21
C ASN A 138 -35.51 -23.22 11.53
N LEU A 139 -34.66 -24.16 11.13
CA LEU A 139 -33.22 -24.02 11.31
C LEU A 139 -32.65 -23.10 10.24
N THR A 140 -33.17 -23.26 9.02
CA THR A 140 -32.76 -22.46 7.87
C THR A 140 -33.01 -20.98 8.14
N ARG A 141 -34.11 -20.66 8.83
CA ARG A 141 -34.42 -19.29 9.20
C ARG A 141 -33.34 -18.71 10.12
N LYS A 142 -32.88 -19.52 11.07
CA LYS A 142 -31.84 -19.10 12.00
C LYS A 142 -30.52 -18.84 11.27
N PHE A 143 -30.09 -19.82 10.49
CA PHE A 143 -28.88 -19.67 9.67
C PHE A 143 -28.94 -18.41 8.82
N ALA A 144 -30.06 -18.25 8.11
CA ALA A 144 -30.28 -17.11 7.22
C ALA A 144 -30.17 -15.79 7.99
N GLN A 145 -30.80 -15.73 9.16
CA GLN A 145 -30.75 -14.54 9.98
C GLN A 145 -29.32 -14.17 10.37
N GLN A 146 -28.60 -15.15 10.92
CA GLN A 146 -27.22 -14.90 11.33
C GLN A 146 -26.31 -14.48 10.16
N MET A 147 -26.49 -15.14 9.03
CA MET A 147 -25.71 -14.82 7.83
C MET A 147 -25.97 -13.40 7.33
N CYS A 148 -27.25 -13.03 7.28
CA CYS A 148 -27.63 -11.69 6.87
C CYS A 148 -27.06 -10.66 7.85
N THR A 149 -26.99 -11.02 9.12
CA THR A 149 -26.37 -10.16 10.11
C THR A 149 -24.88 -9.97 9.81
N ALA A 150 -24.19 -11.07 9.49
CA ALA A 150 -22.76 -11.02 9.19
C ALA A 150 -22.47 -10.16 7.97
N LEU A 151 -23.24 -10.38 6.89
CA LEU A 151 -23.11 -9.58 5.69
C LEU A 151 -23.43 -8.11 5.97
N LEU A 152 -24.33 -7.87 6.92
CA LEU A 152 -24.65 -6.52 7.34
C LEU A 152 -23.44 -5.88 8.02
N PHE A 153 -22.70 -6.69 8.77
CA PHE A 153 -21.50 -6.22 9.44
C PHE A 153 -20.38 -5.90 8.45
N LEU A 154 -20.18 -6.78 7.48
CA LEU A 154 -19.11 -6.61 6.49
C LEU A 154 -19.32 -5.39 5.61
N ALA A 155 -20.56 -4.91 5.56
CA ALA A 155 -20.91 -3.77 4.72
C ALA A 155 -20.64 -2.45 5.41
N THR A 156 -20.11 -2.52 6.64
CA THR A 156 -19.72 -1.33 7.39
C THR A 156 -18.79 -0.47 6.54
N PRO A 157 -19.13 0.83 6.38
CA PRO A 157 -18.42 1.77 5.50
C PRO A 157 -16.90 1.70 5.63
N GLU A 158 -16.42 1.59 6.86
CA GLU A 158 -14.98 1.53 7.12
C GLU A 158 -14.42 0.15 6.78
N LEU A 159 -15.29 -0.84 6.71
CA LEU A 159 -14.89 -2.20 6.35
C LEU A 159 -15.11 -2.45 4.86
N SER A 160 -16.37 -2.49 4.45
CA SER A 160 -16.76 -2.76 3.07
C SER A 160 -16.05 -4.00 2.52
N ILE A 161 -16.24 -5.12 3.20
CA ILE A 161 -15.53 -6.35 2.90
C ILE A 161 -16.38 -7.34 2.12
N ILE A 162 -15.85 -7.82 1.00
CA ILE A 162 -16.52 -8.84 0.20
C ILE A 162 -15.82 -10.19 0.37
N HIS A 163 -16.56 -11.17 0.87
CA HIS A 163 -15.99 -12.49 1.16
C HIS A 163 -15.50 -13.20 -0.09
N CYS A 164 -16.19 -12.97 -1.21
CA CYS A 164 -15.78 -13.45 -2.52
C CYS A 164 -15.73 -14.97 -2.67
N ASP A 165 -16.11 -15.70 -1.62
CA ASP A 165 -16.07 -17.16 -1.67
C ASP A 165 -16.99 -17.78 -0.62
N LEU A 166 -18.29 -17.50 -0.74
CA LEU A 166 -19.26 -18.06 0.17
C LEU A 166 -19.76 -19.41 -0.33
N LYS A 167 -19.48 -20.45 0.45
CA LYS A 167 -19.94 -21.81 0.16
C LYS A 167 -20.12 -22.56 1.48
N PRO A 168 -21.02 -23.55 1.51
CA PRO A 168 -21.38 -24.30 2.72
C PRO A 168 -20.20 -24.79 3.57
N GLU A 169 -19.04 -25.00 2.96
CA GLU A 169 -17.89 -25.50 3.71
C GLU A 169 -17.09 -24.35 4.35
N ASN A 170 -17.50 -23.12 4.06
CA ASN A 170 -16.88 -21.96 4.69
C ASN A 170 -17.77 -21.35 5.78
N ILE A 171 -18.75 -22.13 6.23
CA ILE A 171 -19.61 -21.73 7.33
C ILE A 171 -19.61 -22.83 8.39
N LEU A 172 -18.96 -22.57 9.52
CA LEU A 172 -18.78 -23.61 10.54
C LEU A 172 -19.59 -23.33 11.80
N LEU A 173 -20.06 -24.40 12.44
CA LEU A 173 -20.79 -24.29 13.71
C LEU A 173 -19.85 -23.98 14.86
N CYS A 174 -20.32 -23.16 15.80
CA CYS A 174 -19.58 -22.92 17.04
C CYS A 174 -19.70 -24.13 17.95
N ASN A 175 -20.94 -24.58 18.13
CA ASN A 175 -21.22 -25.73 18.97
C ASN A 175 -22.12 -26.73 18.24
N PRO A 176 -21.82 -28.02 18.37
CA PRO A 176 -22.59 -29.09 17.70
C PRO A 176 -24.04 -29.18 18.17
N LYS A 177 -24.40 -28.48 19.25
CA LYS A 177 -25.73 -28.60 19.82
C LYS A 177 -26.48 -27.27 19.82
N ARG A 178 -25.94 -26.28 19.13
CA ARG A 178 -26.59 -24.99 18.97
C ARG A 178 -26.56 -24.56 17.52
N SER A 179 -27.51 -23.69 17.14
CA SER A 179 -27.67 -23.30 15.75
C SER A 179 -26.81 -22.09 15.36
N ALA A 180 -25.76 -21.83 16.13
CA ALA A 180 -24.89 -20.69 15.86
C ALA A 180 -23.80 -21.03 14.85
N ILE A 181 -23.63 -20.17 13.85
CA ILE A 181 -22.62 -20.39 12.81
C ILE A 181 -21.65 -19.22 12.72
N LYS A 182 -20.59 -19.42 11.94
CA LYS A 182 -19.58 -18.40 11.71
C LYS A 182 -18.92 -18.58 10.36
N ILE A 183 -18.40 -17.48 9.82
CA ILE A 183 -17.75 -17.48 8.51
C ILE A 183 -16.24 -17.59 8.64
N VAL A 184 -15.65 -18.51 7.88
CA VAL A 184 -14.23 -18.79 7.96
C VAL A 184 -13.52 -18.56 6.62
N ASP A 185 -12.19 -18.63 6.65
CA ASP A 185 -11.35 -18.47 5.46
C ASP A 185 -11.58 -17.15 4.75
N PHE A 186 -10.87 -16.11 5.19
CA PHE A 186 -10.91 -14.82 4.53
C PHE A 186 -9.67 -14.60 3.67
N GLY A 187 -9.18 -15.68 3.07
CA GLY A 187 -8.02 -15.62 2.21
C GLY A 187 -8.35 -15.09 0.82
N SER A 188 -9.59 -15.33 0.39
CA SER A 188 -10.05 -14.84 -0.89
C SER A 188 -10.63 -13.43 -0.74
N SER A 189 -10.70 -12.98 0.51
CA SER A 189 -11.42 -11.76 0.88
C SER A 189 -10.92 -10.53 0.12
N CYS A 190 -11.77 -9.51 0.11
CA CYS A 190 -11.53 -8.30 -0.66
C CYS A 190 -12.27 -7.11 -0.06
N GLN A 191 -11.56 -6.02 0.14
CA GLN A 191 -12.20 -4.76 0.48
C GLN A 191 -12.64 -4.08 -0.80
N LEU A 192 -13.82 -3.45 -0.77
CA LEU A 192 -14.39 -2.80 -1.95
C LEU A 192 -13.37 -1.90 -2.62
N GLY A 193 -13.42 -1.84 -3.95
CA GLY A 193 -12.47 -1.04 -4.71
C GLY A 193 -12.61 -1.24 -6.19
N GLN A 194 -11.63 -0.76 -6.97
CA GLN A 194 -11.64 -0.95 -8.41
C GLN A 194 -11.31 -2.40 -8.75
N ARG A 195 -11.75 -2.86 -9.91
CA ARG A 195 -11.65 -4.27 -10.27
C ARG A 195 -10.23 -4.69 -10.65
N ILE A 196 -9.78 -5.80 -10.06
CA ILE A 196 -8.49 -6.38 -10.37
C ILE A 196 -8.65 -7.84 -10.77
N TYR A 197 -9.62 -8.52 -10.18
CA TYR A 197 -9.88 -9.92 -10.45
C TYR A 197 -11.23 -10.11 -11.14
N GLN A 198 -11.37 -11.18 -11.93
CA GLN A 198 -12.62 -11.43 -12.66
C GLN A 198 -13.07 -12.89 -12.58
N PTR A 199 -12.16 -13.78 -12.21
CA PTR A 199 -12.51 -15.19 -12.03
C PTR A 199 -12.66 -15.48 -10.54
O PTR A 199 -11.83 -16.15 -9.94
CB PTR A 199 -11.44 -16.10 -12.66
CG PTR A 199 -11.79 -17.57 -12.72
CD1 PTR A 199 -11.23 -18.48 -11.83
CD2 PTR A 199 -12.68 -18.06 -13.69
CE1 PTR A 199 -11.54 -19.82 -11.89
CE2 PTR A 199 -12.98 -19.41 -13.75
CZ PTR A 199 -12.42 -20.29 -12.84
OH PTR A 199 -12.71 -21.56 -12.91
P PTR A 199 -13.85 -22.21 -11.98
O1P PTR A 199 -13.72 -23.75 -12.03
O2P PTR A 199 -15.25 -21.82 -12.50
O3P PTR A 199 -13.69 -21.75 -10.58
N ILE A 200 -13.73 -14.96 -9.95
CA ILE A 200 -13.93 -15.04 -8.51
C ILE A 200 -15.17 -15.87 -8.15
N GLN A 201 -15.31 -16.14 -6.85
CA GLN A 201 -16.40 -16.97 -6.29
C GLN A 201 -16.34 -18.41 -6.78
N SER A 202 -16.96 -19.30 -6.02
CA SER A 202 -17.08 -20.70 -6.43
C SER A 202 -18.10 -20.78 -7.55
N ARG A 203 -17.93 -21.74 -8.45
CA ARG A 203 -18.75 -21.83 -9.66
C ARG A 203 -20.24 -21.94 -9.35
N PHE A 204 -20.58 -22.68 -8.31
CA PHE A 204 -21.99 -22.89 -7.96
C PHE A 204 -22.61 -21.60 -7.42
N TYR A 205 -21.78 -20.70 -6.90
CA TYR A 205 -22.25 -19.54 -6.17
C TYR A 205 -21.76 -18.24 -6.80
N ARG A 206 -21.32 -18.31 -8.04
CA ARG A 206 -20.80 -17.15 -8.76
C ARG A 206 -21.93 -16.30 -9.35
N SER A 207 -21.99 -15.04 -8.92
CA SER A 207 -23.05 -14.12 -9.36
C SER A 207 -23.00 -13.91 -10.88
N PRO A 208 -24.14 -13.57 -11.48
CA PRO A 208 -24.19 -13.41 -12.93
C PRO A 208 -23.35 -12.24 -13.46
N GLU A 209 -23.20 -11.19 -12.65
CA GLU A 209 -22.40 -10.05 -13.06
C GLU A 209 -20.94 -10.43 -13.20
N VAL A 210 -20.53 -11.44 -12.44
CA VAL A 210 -19.18 -11.98 -12.56
C VAL A 210 -19.09 -12.88 -13.79
N LEU A 211 -20.13 -13.69 -14.00
CA LEU A 211 -20.20 -14.57 -15.17
C LEU A 211 -20.25 -13.76 -16.46
N LEU A 212 -20.72 -12.51 -16.36
CA LEU A 212 -20.88 -11.67 -17.53
C LEU A 212 -19.75 -10.65 -17.66
N GLY A 213 -18.77 -10.73 -16.76
CA GLY A 213 -17.60 -9.85 -16.81
C GLY A 213 -17.91 -8.39 -16.58
N MET A 214 -18.70 -8.13 -15.55
CA MET A 214 -19.16 -6.77 -15.25
C MET A 214 -18.66 -6.32 -13.87
N PRO A 215 -18.73 -5.01 -13.59
CA PRO A 215 -18.33 -4.54 -12.26
C PRO A 215 -19.15 -5.18 -11.15
N TYR A 216 -18.56 -5.30 -9.96
CA TYR A 216 -19.23 -5.99 -8.87
C TYR A 216 -18.89 -5.37 -7.50
N ASP A 217 -19.79 -5.56 -6.55
CA ASP A 217 -19.56 -5.11 -5.18
C ASP A 217 -19.91 -6.22 -4.20
N LEU A 218 -20.47 -5.84 -3.06
CA LEU A 218 -20.81 -6.81 -2.01
C LEU A 218 -22.01 -7.66 -2.41
N ALA A 219 -22.75 -7.17 -3.39
CA ALA A 219 -23.98 -7.82 -3.85
C ALA A 219 -23.74 -9.24 -4.35
N ILE A 220 -22.50 -9.59 -4.62
CA ILE A 220 -22.18 -10.96 -5.05
C ILE A 220 -22.37 -11.92 -3.88
N ASP A 221 -21.92 -11.52 -2.68
CA ASP A 221 -22.06 -12.35 -1.49
C ASP A 221 -23.51 -12.75 -1.28
N MET A 222 -24.38 -11.73 -1.30
CA MET A 222 -25.82 -11.95 -1.20
C MET A 222 -26.27 -13.04 -2.17
N TRP A 223 -25.83 -12.95 -3.43
CA TRP A 223 -26.22 -13.95 -4.42
C TRP A 223 -25.85 -15.33 -3.92
N SER A 224 -24.59 -15.49 -3.51
CA SER A 224 -24.11 -16.75 -2.97
C SER A 224 -25.04 -17.23 -1.87
N LEU A 225 -25.37 -16.32 -0.96
CA LEU A 225 -26.21 -16.65 0.18
C LEU A 225 -27.53 -17.24 -0.30
N GLY A 226 -28.11 -16.61 -1.33
CA GLY A 226 -29.35 -17.09 -1.92
C GLY A 226 -29.23 -18.52 -2.41
N CYS A 227 -28.09 -18.84 -3.02
CA CYS A 227 -27.84 -20.18 -3.52
C CYS A 227 -27.63 -21.16 -2.38
N ILE A 228 -27.22 -20.64 -1.21
CA ILE A 228 -26.89 -21.50 -0.08
C ILE A 228 -28.13 -21.94 0.69
N LEU A 229 -28.94 -20.97 1.11
CA LEU A 229 -30.11 -21.22 1.94
C LEU A 229 -31.05 -22.27 1.35
N VAL A 230 -31.38 -22.11 0.07
CA VAL A 230 -32.19 -23.09 -0.65
C VAL A 230 -31.53 -24.47 -0.59
N GLU A 231 -30.22 -24.50 -0.84
CA GLU A 231 -29.46 -25.74 -0.78
C GLU A 231 -29.50 -26.35 0.62
N MET A 232 -29.66 -25.50 1.64
CA MET A 232 -29.72 -25.99 3.00
C MET A 232 -31.06 -26.66 3.31
N HIS A 233 -32.05 -26.40 2.46
CA HIS A 233 -33.37 -26.97 2.69
C HIS A 233 -33.66 -28.15 1.76
N THR A 234 -33.02 -28.14 0.59
CA THR A 234 -33.26 -29.20 -0.40
C THR A 234 -32.19 -30.28 -0.34
N GLY A 235 -30.94 -29.87 -0.11
CA GLY A 235 -29.84 -30.81 -0.03
C GLY A 235 -28.96 -30.81 -1.28
N GLU A 236 -29.50 -30.29 -2.37
CA GLU A 236 -28.77 -30.22 -3.63
C GLU A 236 -28.39 -28.78 -3.98
N PRO A 237 -27.26 -28.60 -4.68
CA PRO A 237 -26.87 -27.28 -5.17
C PRO A 237 -27.93 -26.69 -6.11
N LEU A 238 -28.21 -25.39 -5.95
CA LEU A 238 -29.22 -24.73 -6.77
C LEU A 238 -28.80 -24.71 -8.23
N PHE A 239 -27.60 -24.20 -8.50
CA PHE A 239 -27.02 -24.25 -9.83
C PHE A 239 -25.69 -24.98 -9.78
N SER A 240 -25.63 -26.17 -10.38
CA SER A 240 -24.44 -26.99 -10.34
C SER A 240 -23.89 -27.30 -11.73
N GLY A 241 -23.45 -26.26 -12.43
CA GLY A 241 -22.91 -26.42 -13.77
C GLY A 241 -21.50 -26.95 -13.76
N ALA A 242 -21.17 -27.76 -14.76
CA ALA A 242 -19.82 -28.31 -14.90
C ALA A 242 -18.86 -27.22 -15.37
N ASN A 243 -19.41 -26.20 -16.02
CA ASN A 243 -18.63 -25.06 -16.48
C ASN A 243 -19.48 -23.79 -16.44
N GLU A 244 -18.91 -22.68 -16.89
CA GLU A 244 -19.61 -21.39 -16.82
C GLU A 244 -20.81 -21.33 -17.75
N VAL A 245 -20.69 -21.94 -18.93
CA VAL A 245 -21.80 -22.00 -19.87
C VAL A 245 -22.98 -22.77 -19.28
N ASP A 246 -22.69 -23.97 -18.77
CA ASP A 246 -23.69 -24.80 -18.11
C ASP A 246 -24.29 -24.08 -16.91
N GLN A 247 -23.45 -23.36 -16.17
CA GLN A 247 -23.89 -22.60 -15.00
C GLN A 247 -24.90 -21.52 -15.39
N MET A 248 -24.52 -20.70 -16.36
CA MET A 248 -25.40 -19.63 -16.82
C MET A 248 -26.70 -20.19 -17.39
N ASN A 249 -26.60 -21.27 -18.13
CA ASN A 249 -27.78 -21.96 -18.65
C ASN A 249 -28.70 -22.41 -17.52
N LYS A 250 -28.11 -22.86 -16.42
CA LYS A 250 -28.90 -23.34 -15.29
C LYS A 250 -29.47 -22.19 -14.46
N ILE A 251 -28.84 -21.03 -14.52
CA ILE A 251 -29.37 -19.83 -13.86
C ILE A 251 -30.54 -19.27 -14.66
N VAL A 252 -30.37 -19.20 -15.98
CA VAL A 252 -31.43 -18.77 -16.89
C VAL A 252 -32.62 -19.72 -16.81
N GLU A 253 -32.31 -21.01 -16.67
CA GLU A 253 -33.33 -22.05 -16.59
C GLU A 253 -34.32 -21.82 -15.45
N VAL A 254 -33.89 -21.09 -14.44
CA VAL A 254 -34.73 -20.83 -13.26
C VAL A 254 -35.24 -19.39 -13.19
N LEU A 255 -34.35 -18.43 -13.42
CA LEU A 255 -34.69 -17.02 -13.23
C LEU A 255 -35.02 -16.29 -14.54
N GLY A 256 -34.79 -16.96 -15.66
CA GLY A 256 -35.06 -16.37 -16.96
C GLY A 256 -33.84 -15.70 -17.58
N ILE A 257 -33.95 -15.33 -18.85
CA ILE A 257 -32.88 -14.60 -19.53
C ILE A 257 -32.75 -13.20 -18.95
N PRO A 258 -31.52 -12.79 -18.62
CA PRO A 258 -31.22 -11.47 -18.05
C PRO A 258 -31.82 -10.30 -18.85
N PRO A 259 -32.09 -9.18 -18.16
CA PRO A 259 -32.59 -7.96 -18.79
C PRO A 259 -31.69 -7.51 -19.93
N ALA A 260 -32.28 -7.02 -21.02
CA ALA A 260 -31.52 -6.59 -22.19
C ALA A 260 -30.52 -5.50 -21.83
N HIS A 261 -30.92 -4.61 -20.93
CA HIS A 261 -30.06 -3.51 -20.52
C HIS A 261 -28.86 -4.01 -19.71
N ILE A 262 -28.97 -5.22 -19.18
CA ILE A 262 -27.85 -5.85 -18.50
C ILE A 262 -26.92 -6.50 -19.51
N LEU A 263 -27.51 -7.26 -20.43
CA LEU A 263 -26.74 -7.99 -21.45
C LEU A 263 -26.08 -7.04 -22.45
N ASP A 264 -26.63 -5.84 -22.61
CA ASP A 264 -26.04 -4.85 -23.49
C ASP A 264 -24.75 -4.29 -22.91
N GLN A 265 -24.61 -4.42 -21.59
CA GLN A 265 -23.43 -3.92 -20.90
C GLN A 265 -22.37 -5.00 -20.74
N ALA A 266 -22.82 -6.25 -20.64
CA ALA A 266 -21.93 -7.39 -20.38
C ALA A 266 -20.99 -7.69 -21.54
N PRO A 267 -19.68 -7.61 -21.28
CA PRO A 267 -18.65 -7.96 -22.26
C PRO A 267 -18.70 -9.44 -22.64
N LYS A 268 -18.91 -10.30 -21.64
CA LYS A 268 -18.95 -11.74 -21.87
C LYS A 268 -20.37 -12.24 -22.14
N ALA A 269 -21.27 -11.31 -22.46
CA ALA A 269 -22.66 -11.66 -22.74
C ALA A 269 -22.77 -12.66 -23.88
N ARG A 270 -21.88 -12.53 -24.86
CA ARG A 270 -21.91 -13.41 -26.02
C ARG A 270 -21.18 -14.73 -25.77
N LYS A 271 -20.81 -15.00 -24.53
CA LYS A 271 -20.28 -16.31 -24.18
C LYS A 271 -21.46 -17.26 -23.99
N PHE A 272 -22.61 -16.69 -23.63
CA PHE A 272 -23.81 -17.48 -23.39
C PHE A 272 -24.93 -17.13 -24.35
N PHE A 273 -24.96 -15.87 -24.78
CA PHE A 273 -26.08 -15.39 -25.59
C PHE A 273 -25.66 -14.90 -26.97
N GLU A 274 -26.67 -14.63 -27.80
CA GLU A 274 -26.48 -14.02 -29.10
C GLU A 274 -27.58 -12.97 -29.29
N LYS A 275 -27.23 -11.89 -29.98
CA LYS A 275 -28.17 -10.78 -30.18
C LYS A 275 -28.87 -10.91 -31.53
N LEU A 276 -30.19 -11.07 -31.50
CA LEU A 276 -30.98 -11.19 -32.71
C LEU A 276 -31.09 -9.85 -33.44
N PRO A 277 -31.41 -9.88 -34.75
CA PRO A 277 -31.57 -8.66 -35.55
C PRO A 277 -32.56 -7.65 -34.97
N ASP A 278 -33.50 -8.10 -34.14
CA ASP A 278 -34.49 -7.19 -33.57
C ASP A 278 -34.05 -6.66 -32.21
N GLY A 279 -32.77 -6.88 -31.87
CA GLY A 279 -32.20 -6.37 -30.65
C GLY A 279 -32.31 -7.31 -29.46
N THR A 280 -33.16 -8.30 -29.57
CA THR A 280 -33.42 -9.22 -28.45
C THR A 280 -32.28 -10.22 -28.27
N TRP A 281 -32.10 -10.69 -27.03
CA TRP A 281 -31.06 -11.66 -26.73
C TRP A 281 -31.62 -13.06 -26.62
N ASN A 282 -30.85 -14.05 -27.06
CA ASN A 282 -31.27 -15.45 -26.98
C ASN A 282 -30.11 -16.38 -26.62
N LEU A 283 -30.42 -17.52 -26.03
CA LEU A 283 -29.39 -18.46 -25.62
C LEU A 283 -28.70 -19.11 -26.81
N LYS A 284 -27.38 -19.28 -26.70
CA LYS A 284 -26.62 -20.05 -27.68
C LYS A 284 -26.80 -21.54 -27.40
N LYS A 285 -27.16 -22.28 -28.44
CA LYS A 285 -27.28 -23.73 -28.30
C LYS A 285 -25.89 -24.38 -28.23
N THR A 286 -25.78 -25.45 -27.46
CA THR A 286 -24.50 -26.14 -27.32
C THR A 286 -24.58 -27.53 -27.95
N GLU A 292 -31.25 -30.83 -23.20
CA GLU A 292 -30.20 -30.37 -22.29
C GLU A 292 -30.75 -29.46 -21.20
N TYR A 293 -31.54 -28.47 -21.60
CA TYR A 293 -32.09 -27.51 -20.64
C TYR A 293 -33.58 -27.28 -20.88
N LYS A 294 -34.30 -26.93 -19.81
CA LYS A 294 -35.69 -26.52 -19.93
C LYS A 294 -35.78 -25.12 -20.50
N PRO A 295 -36.95 -24.76 -21.07
CA PRO A 295 -37.17 -23.37 -21.50
C PRO A 295 -36.96 -22.40 -20.34
N PRO A 296 -36.45 -21.20 -20.63
CA PRO A 296 -36.11 -20.20 -19.61
C PRO A 296 -37.26 -19.87 -18.66
N GLY A 297 -37.04 -20.04 -17.36
CA GLY A 297 -37.99 -19.63 -16.35
C GLY A 297 -39.13 -20.60 -16.07
N THR A 298 -39.03 -21.81 -16.58
CA THR A 298 -40.10 -22.80 -16.38
C THR A 298 -39.76 -23.78 -15.26
N ARG A 299 -38.52 -23.71 -14.77
CA ARG A 299 -38.16 -24.42 -13.55
C ARG A 299 -38.44 -23.50 -12.37
N LYS A 300 -39.71 -23.41 -11.99
CA LYS A 300 -40.13 -22.46 -10.97
C LYS A 300 -39.61 -22.82 -9.58
N LEU A 301 -39.02 -21.82 -8.92
CA LEU A 301 -38.54 -21.97 -7.54
C LEU A 301 -39.68 -22.38 -6.61
N HIS A 302 -40.88 -21.93 -6.96
CA HIS A 302 -42.11 -22.30 -6.25
C HIS A 302 -42.25 -23.82 -6.20
N ASN A 303 -42.01 -24.46 -7.34
CA ASN A 303 -42.12 -25.92 -7.44
C ASN A 303 -40.88 -26.63 -6.90
N ILE A 304 -39.74 -25.94 -6.91
CA ILE A 304 -38.49 -26.50 -6.41
C ILE A 304 -38.53 -26.62 -4.89
N LEU A 305 -39.05 -25.60 -4.23
CA LEU A 305 -39.19 -25.62 -2.77
C LEU A 305 -40.39 -26.44 -2.36
N GLY A 306 -41.30 -26.69 -3.30
CA GLY A 306 -42.52 -27.43 -3.01
C GLY A 306 -43.41 -26.67 -2.04
N VAL A 307 -43.76 -25.44 -2.41
CA VAL A 307 -44.58 -24.59 -1.56
C VAL A 307 -45.96 -25.19 -1.33
N GLU A 308 -46.58 -25.66 -2.41
CA GLU A 308 -47.94 -26.19 -2.35
C GLU A 308 -47.97 -27.70 -2.46
N THR A 309 -46.80 -28.33 -2.43
CA THR A 309 -46.71 -29.79 -2.54
C THR A 309 -46.03 -30.43 -1.34
N GLY A 310 -46.08 -29.74 -0.20
CA GLY A 310 -45.55 -30.27 1.05
C GLY A 310 -44.04 -30.31 1.16
N GLY A 311 -43.39 -29.24 0.73
CA GLY A 311 -41.94 -29.16 0.81
C GLY A 311 -41.22 -29.91 -0.28
N PRO A 312 -39.88 -29.86 -0.28
CA PRO A 312 -39.04 -30.51 -1.28
C PRO A 312 -39.19 -32.03 -1.31
N GLY A 313 -39.76 -32.55 -2.39
CA GLY A 313 -39.97 -33.98 -2.53
C GLY A 313 -41.07 -34.51 -1.64
N GLY A 314 -41.81 -33.59 -1.02
CA GLY A 314 -42.91 -33.96 -0.14
C GLY A 314 -42.45 -34.65 1.12
N ARG A 315 -41.26 -34.29 1.61
CA ARG A 315 -40.72 -34.87 2.83
C ARG A 315 -40.96 -33.98 4.04
N ARG A 316 -41.61 -32.83 3.82
CA ARG A 316 -41.88 -31.89 4.90
C ARG A 316 -43.38 -31.74 5.13
N ALA A 317 -44.16 -32.71 4.66
CA ALA A 317 -45.60 -32.65 4.77
C ALA A 317 -46.07 -32.85 6.21
N GLY A 318 -46.78 -31.85 6.73
CA GLY A 318 -47.38 -31.95 8.05
C GLY A 318 -46.48 -31.49 9.20
N GLU A 319 -45.29 -31.02 8.88
CA GLU A 319 -44.34 -30.61 9.91
C GLU A 319 -44.62 -29.19 10.39
N SER A 320 -44.30 -28.93 11.65
CA SER A 320 -44.51 -27.62 12.27
C SER A 320 -43.81 -26.49 11.51
N GLY A 321 -44.54 -25.41 11.29
CA GLY A 321 -43.98 -24.24 10.62
C GLY A 321 -43.58 -24.50 9.18
N HIS A 322 -44.23 -25.47 8.56
CA HIS A 322 -43.98 -25.77 7.16
C HIS A 322 -45.24 -25.61 6.33
N THR A 323 -46.01 -24.56 6.66
CA THR A 323 -47.22 -24.24 5.92
C THR A 323 -46.89 -23.54 4.61
N VAL A 324 -47.90 -23.27 3.82
CA VAL A 324 -47.72 -22.60 2.53
C VAL A 324 -47.25 -21.17 2.71
N ALA A 325 -47.76 -20.51 3.75
CA ALA A 325 -47.40 -19.13 4.05
C ALA A 325 -45.91 -18.98 4.31
N ASP A 326 -45.37 -19.87 5.14
CA ASP A 326 -43.94 -19.84 5.46
C ASP A 326 -43.09 -19.99 4.20
N TYR A 327 -43.41 -21.01 3.40
CA TYR A 327 -42.71 -21.27 2.15
C TYR A 327 -42.82 -20.08 1.18
N LEU A 328 -43.92 -19.36 1.26
CA LEU A 328 -44.11 -18.20 0.40
C LEU A 328 -43.25 -17.02 0.85
N LYS A 329 -43.17 -16.79 2.16
CA LYS A 329 -42.24 -15.81 2.71
C LYS A 329 -40.82 -16.12 2.26
N PHE A 330 -40.41 -17.36 2.51
CA PHE A 330 -39.09 -17.86 2.14
C PHE A 330 -38.80 -17.63 0.66
N LYS A 331 -39.75 -18.01 -0.18
CA LYS A 331 -39.59 -17.87 -1.63
C LYS A 331 -39.43 -16.42 -2.04
N ASP A 332 -40.25 -15.55 -1.44
CA ASP A 332 -40.15 -14.12 -1.72
C ASP A 332 -38.76 -13.59 -1.39
N LEU A 333 -38.28 -13.92 -0.19
CA LEU A 333 -36.95 -13.47 0.23
C LEU A 333 -35.86 -13.97 -0.71
N ILE A 334 -35.90 -15.26 -1.03
CA ILE A 334 -34.90 -15.86 -1.92
C ILE A 334 -34.91 -15.19 -3.30
N LEU A 335 -36.10 -14.92 -3.83
CA LEU A 335 -36.22 -14.25 -5.11
C LEU A 335 -35.76 -12.80 -5.01
N ARG A 336 -35.77 -12.24 -3.81
CA ARG A 336 -35.22 -10.90 -3.59
C ARG A 336 -33.69 -10.95 -3.55
N MET A 337 -33.14 -12.09 -3.13
CA MET A 337 -31.69 -12.26 -3.07
C MET A 337 -31.07 -12.62 -4.42
N LEU A 338 -31.85 -13.27 -5.29
CA LEU A 338 -31.34 -13.68 -6.59
C LEU A 338 -31.71 -12.71 -7.70
N ASP A 339 -31.85 -11.44 -7.33
CA ASP A 339 -32.14 -10.39 -8.31
C ASP A 339 -30.97 -10.27 -9.29
N TYR A 340 -31.29 -10.17 -10.58
CA TYR A 340 -30.25 -10.09 -11.60
C TYR A 340 -29.47 -8.79 -11.53
N ASP A 341 -30.15 -7.71 -11.14
CA ASP A 341 -29.51 -6.40 -11.05
C ASP A 341 -28.90 -6.20 -9.67
N PRO A 342 -27.56 -6.06 -9.62
CA PRO A 342 -26.85 -5.84 -8.36
C PRO A 342 -27.31 -4.57 -7.65
N LYS A 343 -27.84 -3.62 -8.41
CA LYS A 343 -28.31 -2.36 -7.86
C LYS A 343 -29.64 -2.52 -7.13
N THR A 344 -30.47 -3.46 -7.60
CA THR A 344 -31.81 -3.64 -7.05
C THR A 344 -31.87 -4.83 -6.11
N ARG A 345 -30.80 -5.63 -6.08
CA ARG A 345 -30.71 -6.79 -5.19
C ARG A 345 -30.89 -6.38 -3.73
N ILE A 346 -31.57 -7.22 -2.96
CA ILE A 346 -31.91 -6.89 -1.58
C ILE A 346 -30.66 -6.75 -0.72
N GLN A 347 -30.69 -5.76 0.17
CA GLN A 347 -29.57 -5.48 1.06
C GLN A 347 -29.79 -6.16 2.41
N PRO A 348 -28.69 -6.42 3.15
CA PRO A 348 -28.76 -7.11 4.45
C PRO A 348 -29.75 -6.49 5.44
N TYR A 349 -29.67 -5.17 5.62
CA TYR A 349 -30.53 -4.47 6.58
C TYR A 349 -32.01 -4.70 6.30
N TYR A 350 -32.40 -4.60 5.03
CA TYR A 350 -33.79 -4.81 4.65
C TYR A 350 -34.14 -6.29 4.64
N ALA A 351 -33.14 -7.11 4.37
CA ALA A 351 -33.32 -8.57 4.38
C ALA A 351 -33.68 -9.05 5.78
N LEU A 352 -33.13 -8.38 6.78
CA LEU A 352 -33.38 -8.74 8.18
C LEU A 352 -34.75 -8.26 8.66
N GLN A 353 -35.46 -7.53 7.81
CA GLN A 353 -36.79 -7.03 8.17
C GLN A 353 -37.88 -7.77 7.40
N HIS A 354 -37.49 -8.80 6.65
CA HIS A 354 -38.42 -9.57 5.84
C HIS A 354 -39.43 -10.29 6.74
N SER A 355 -40.60 -10.59 6.19
CA SER A 355 -41.66 -11.27 6.93
C SER A 355 -41.22 -12.67 7.35
N PHE A 356 -40.20 -13.18 6.65
CA PHE A 356 -39.62 -14.48 6.94
C PHE A 356 -39.06 -14.53 8.35
N PHE A 357 -38.59 -13.39 8.85
CA PHE A 357 -37.93 -13.33 10.14
C PHE A 357 -38.82 -12.78 11.26
N LYS A 358 -40.14 -12.95 11.12
CA LYS A 358 -41.06 -12.48 12.14
C LYS A 358 -41.34 -13.58 13.16
N ARG B 11 -14.95 -36.70 -13.41
CA ARG B 11 -14.56 -35.98 -14.62
C ARG B 11 -14.78 -34.48 -14.45
N LYS B 12 -14.12 -33.91 -13.43
CA LYS B 12 -14.25 -32.49 -13.14
C LYS B 12 -13.74 -31.60 -14.26
N VAL B 13 -14.03 -30.31 -14.16
CA VAL B 13 -13.59 -29.33 -15.15
C VAL B 13 -13.10 -28.06 -14.48
N TYR B 14 -11.87 -27.66 -14.79
CA TYR B 14 -11.29 -26.45 -14.20
C TYR B 14 -11.16 -25.33 -15.23
N ASN B 15 -11.74 -24.17 -14.91
CA ASN B 15 -11.71 -23.00 -15.79
C ASN B 15 -12.19 -23.35 -17.19
N ASP B 16 -13.40 -23.92 -17.27
CA ASP B 16 -14.00 -24.36 -18.52
C ASP B 16 -13.16 -25.43 -19.24
N GLY B 17 -12.18 -25.99 -18.54
CA GLY B 17 -11.39 -27.08 -19.06
C GLY B 17 -10.00 -26.68 -19.52
N TYR B 18 -9.63 -25.42 -19.28
CA TYR B 18 -8.33 -24.92 -19.70
C TYR B 18 -7.27 -25.14 -18.65
N ASP B 19 -7.69 -25.24 -17.39
CA ASP B 19 -6.75 -25.41 -16.28
C ASP B 19 -6.63 -26.87 -15.86
N ASP B 20 -5.76 -27.12 -14.89
CA ASP B 20 -5.59 -28.46 -14.34
C ASP B 20 -5.73 -28.45 -12.83
N ASP B 21 -5.11 -29.43 -12.16
CA ASP B 21 -5.13 -29.50 -10.70
C ASP B 21 -4.48 -28.28 -10.06
N ASN B 22 -3.27 -27.96 -10.50
CA ASN B 22 -2.47 -26.91 -9.87
C ASN B 22 -2.66 -25.52 -10.48
N TYR B 23 -3.88 -25.25 -10.95
CA TYR B 23 -4.25 -23.94 -11.48
C TYR B 23 -3.39 -23.48 -12.67
N ASP B 24 -2.67 -24.41 -13.28
CA ASP B 24 -1.84 -24.10 -14.43
C ASP B 24 -2.62 -24.24 -15.73
N TYR B 25 -2.18 -23.53 -16.77
CA TYR B 25 -2.80 -23.62 -18.08
C TYR B 25 -2.26 -24.83 -18.83
N ILE B 26 -3.17 -25.57 -19.46
CA ILE B 26 -2.78 -26.72 -20.27
C ILE B 26 -2.23 -26.25 -21.61
N VAL B 27 -0.90 -26.27 -21.74
CA VAL B 27 -0.23 -25.78 -22.94
C VAL B 27 -0.35 -26.78 -24.10
N LYS B 28 -0.84 -26.28 -25.24
CA LYS B 28 -1.01 -27.10 -26.42
C LYS B 28 -0.32 -26.44 -27.62
N ASN B 29 0.65 -27.15 -28.19
CA ASN B 29 1.46 -26.61 -29.29
C ASN B 29 0.65 -26.26 -30.54
N GLY B 30 1.02 -25.15 -31.17
CA GLY B 30 0.39 -24.73 -32.40
C GLY B 30 -0.75 -23.74 -32.19
N GLU B 31 -1.14 -23.56 -30.94
CA GLU B 31 -2.26 -22.70 -30.58
C GLU B 31 -1.88 -21.22 -30.70
N LYS B 32 -2.66 -20.48 -31.48
CA LYS B 32 -2.39 -19.05 -31.67
C LYS B 32 -3.28 -18.19 -30.77
N TRP B 33 -2.67 -17.49 -29.83
CA TRP B 33 -3.41 -16.68 -28.86
C TRP B 33 -3.69 -15.27 -29.37
N MET B 34 -4.94 -14.85 -29.24
CA MET B 34 -5.34 -13.47 -29.51
C MET B 34 -4.91 -12.96 -30.88
N ASP B 35 -4.93 -13.85 -31.87
CA ASP B 35 -4.58 -13.51 -33.24
C ASP B 35 -3.15 -12.95 -33.32
N ARG B 36 -2.25 -13.52 -32.54
CA ARG B 36 -0.90 -12.97 -32.45
C ARG B 36 0.17 -14.00 -32.11
N TYR B 37 0.11 -14.56 -30.90
CA TYR B 37 1.18 -15.41 -30.39
C TYR B 37 0.99 -16.89 -30.72
N GLU B 38 1.85 -17.42 -31.58
CA GLU B 38 1.79 -18.83 -31.97
C GLU B 38 2.73 -19.67 -31.10
N ILE B 39 2.16 -20.51 -30.26
CA ILE B 39 2.96 -21.26 -29.28
C ILE B 39 3.70 -22.42 -29.92
N ASP B 40 4.94 -22.63 -29.47
CA ASP B 40 5.82 -23.65 -30.01
C ASP B 40 5.93 -24.86 -29.09
N SER B 41 6.44 -24.64 -27.89
CA SER B 41 6.61 -25.72 -26.91
C SER B 41 6.81 -25.17 -25.49
N LEU B 42 6.93 -26.08 -24.52
CA LEU B 42 7.15 -25.71 -23.13
C LEU B 42 8.64 -25.70 -22.79
N ILE B 43 9.13 -24.57 -22.28
CA ILE B 43 10.56 -24.41 -22.03
C ILE B 43 10.91 -24.25 -20.56
N GLY B 44 9.89 -24.09 -19.71
CA GLY B 44 10.13 -23.91 -18.29
C GLY B 44 8.92 -24.16 -17.42
N LYS B 45 9.18 -24.51 -16.16
CA LYS B 45 8.12 -24.74 -15.18
C LYS B 45 8.57 -24.38 -13.78
N GLY B 46 7.76 -23.58 -13.09
CA GLY B 46 8.05 -23.19 -11.73
C GLY B 46 6.78 -23.05 -10.92
N SER B 47 6.92 -22.82 -9.61
CA SER B 47 5.77 -22.69 -8.74
C SER B 47 4.90 -21.50 -9.15
N PHE B 48 5.53 -20.51 -9.78
CA PHE B 48 4.81 -19.35 -10.29
C PHE B 48 3.87 -19.73 -11.43
N GLY B 49 4.26 -20.72 -12.21
CA GLY B 49 3.52 -21.12 -13.38
C GLY B 49 4.41 -21.77 -14.43
N GLN B 50 4.28 -21.34 -15.68
CA GLN B 50 5.03 -21.97 -16.76
C GLN B 50 5.73 -20.95 -17.67
N VAL B 51 6.73 -21.41 -18.42
CA VAL B 51 7.41 -20.58 -19.40
C VAL B 51 7.40 -21.29 -20.75
N VAL B 52 6.97 -20.58 -21.80
CA VAL B 52 6.84 -21.18 -23.11
C VAL B 52 7.59 -20.40 -24.19
N LYS B 53 7.99 -21.10 -25.25
CA LYS B 53 8.49 -20.44 -26.46
C LYS B 53 7.31 -20.12 -27.37
N ALA B 54 7.19 -18.87 -27.75
CA ALA B 54 6.07 -18.43 -28.59
C ALA B 54 6.56 -17.54 -29.72
N TYR B 55 5.68 -17.29 -30.69
CA TYR B 55 6.03 -16.49 -31.85
C TYR B 55 5.02 -15.37 -32.09
N ASP B 56 5.42 -14.16 -31.74
CA ASP B 56 4.67 -12.96 -32.10
C ASP B 56 4.57 -12.90 -33.62
N ARG B 57 3.41 -13.26 -34.15
CA ARG B 57 3.20 -13.24 -35.59
C ARG B 57 3.07 -11.82 -36.12
N VAL B 58 2.42 -10.96 -35.34
CA VAL B 58 2.18 -9.59 -35.74
C VAL B 58 3.47 -8.79 -35.91
N GLU B 59 4.29 -8.78 -34.88
CA GLU B 59 5.55 -8.04 -34.93
C GLU B 59 6.70 -8.93 -35.38
N GLN B 60 6.36 -10.18 -35.73
CA GLN B 60 7.30 -11.14 -36.30
C GLN B 60 8.55 -11.33 -35.45
N GLU B 61 8.35 -11.82 -34.22
CA GLU B 61 9.46 -12.06 -33.31
C GLU B 61 9.30 -13.38 -32.56
N TRP B 62 10.39 -13.89 -32.00
CA TRP B 62 10.33 -15.05 -31.12
C TRP B 62 10.42 -14.58 -29.67
N VAL B 63 9.35 -14.84 -28.91
CA VAL B 63 9.28 -14.38 -27.52
C VAL B 63 9.16 -15.53 -26.54
N ALA B 64 9.47 -15.26 -25.28
CA ALA B 64 9.29 -16.24 -24.22
C ALA B 64 8.19 -15.75 -23.28
N ILE B 65 7.11 -16.51 -23.17
CA ILE B 65 5.97 -16.07 -22.38
C ILE B 65 5.91 -16.77 -21.02
N LYS B 66 5.74 -15.96 -19.98
CA LYS B 66 5.63 -16.44 -18.61
C LYS B 66 4.17 -16.44 -18.16
N ILE B 67 3.56 -17.61 -18.19
CA ILE B 67 2.16 -17.77 -17.81
C ILE B 67 2.03 -18.01 -16.31
N ILE B 68 1.46 -17.04 -15.61
CA ILE B 68 1.29 -17.15 -14.16
C ILE B 68 0.00 -17.92 -13.85
N LYS B 69 0.00 -18.66 -12.75
CA LYS B 69 -1.11 -19.52 -12.37
C LYS B 69 -2.43 -18.77 -12.16
N ASN B 70 -3.54 -19.49 -12.31
CA ASN B 70 -4.87 -18.93 -12.12
C ASN B 70 -5.25 -18.89 -10.64
N LYS B 71 -4.41 -18.25 -9.84
CA LYS B 71 -4.67 -18.08 -8.42
C LYS B 71 -4.35 -16.65 -8.00
N LYS B 72 -4.91 -16.21 -6.89
CA LYS B 72 -4.82 -14.82 -6.46
C LYS B 72 -3.41 -14.43 -6.01
N ALA B 73 -2.79 -15.29 -5.20
CA ALA B 73 -1.46 -15.03 -4.66
C ALA B 73 -0.43 -14.85 -5.75
N PHE B 74 -0.34 -15.85 -6.63
CA PHE B 74 0.60 -15.80 -7.74
C PHE B 74 0.37 -14.59 -8.64
N LEU B 75 -0.89 -14.19 -8.77
CA LEU B 75 -1.26 -13.00 -9.55
C LEU B 75 -0.76 -11.72 -8.91
N ASN B 76 -0.94 -11.60 -7.59
CA ASN B 76 -0.41 -10.47 -6.84
C ASN B 76 1.10 -10.37 -6.94
N GLN B 77 1.78 -11.49 -6.72
CA GLN B 77 3.24 -11.50 -6.75
C GLN B 77 3.71 -11.15 -8.17
N ALA B 78 2.97 -11.65 -9.14
CA ALA B 78 3.25 -11.40 -10.55
C ALA B 78 3.14 -9.93 -10.91
N GLN B 79 2.07 -9.26 -10.48
CA GLN B 79 1.90 -7.86 -10.82
C GLN B 79 2.89 -6.99 -10.04
N ILE B 80 3.31 -7.47 -8.87
CA ILE B 80 4.44 -6.83 -8.19
C ILE B 80 5.68 -6.86 -9.09
N GLU B 81 6.06 -8.07 -9.51
CA GLU B 81 7.17 -8.27 -10.43
C GLU B 81 7.06 -7.35 -11.66
N VAL B 82 5.84 -7.27 -12.21
CA VAL B 82 5.57 -6.42 -13.36
C VAL B 82 5.85 -4.95 -13.06
N ARG B 83 5.44 -4.49 -11.88
CA ARG B 83 5.70 -3.11 -11.48
C ARG B 83 7.21 -2.86 -11.46
N LEU B 84 7.97 -3.82 -10.93
CA LEU B 84 9.43 -3.68 -10.90
C LEU B 84 10.00 -3.57 -12.31
N LEU B 85 9.57 -4.49 -13.18
CA LEU B 85 10.04 -4.52 -14.55
C LEU B 85 9.76 -3.22 -15.30
N GLU B 86 8.54 -2.71 -15.19
CA GLU B 86 8.19 -1.46 -15.85
C GLU B 86 9.03 -0.30 -15.32
N LEU B 87 9.20 -0.25 -14.00
CA LEU B 87 10.04 0.78 -13.38
C LEU B 87 11.46 0.77 -13.98
N MET B 88 12.11 -0.40 -13.92
CA MET B 88 13.42 -0.58 -14.54
C MET B 88 13.45 -0.12 -15.98
N ASN B 89 12.57 -0.72 -16.78
CA ASN B 89 12.53 -0.50 -18.22
C ASN B 89 12.14 0.91 -18.62
N LYS B 90 11.75 1.71 -17.63
CA LYS B 90 11.48 3.12 -17.88
C LYS B 90 12.61 4.01 -17.36
N HIS B 91 13.36 3.51 -16.38
CA HIS B 91 14.61 4.16 -16.01
C HIS B 91 15.66 3.90 -17.09
N ASP B 92 15.75 2.65 -17.51
CA ASP B 92 16.55 2.28 -18.68
C ASP B 92 15.73 2.62 -19.93
N THR B 93 16.09 3.71 -20.60
CA THR B 93 15.29 4.26 -21.70
C THR B 93 15.00 3.21 -22.78
N GLU B 94 16.04 2.52 -23.24
CA GLU B 94 15.81 1.32 -24.02
C GLU B 94 16.15 0.09 -23.19
N MET B 95 16.97 -0.81 -23.73
CA MET B 95 17.25 -2.09 -23.10
C MET B 95 18.75 -2.39 -23.04
N LYS B 96 19.47 -1.66 -22.19
CA LYS B 96 20.87 -1.98 -21.94
C LYS B 96 21.04 -2.41 -20.50
N TYR B 97 22.25 -2.26 -19.97
CA TYR B 97 22.56 -2.59 -18.57
C TYR B 97 22.20 -4.03 -18.20
N TYR B 98 21.96 -4.86 -19.22
CA TYR B 98 21.78 -6.30 -19.08
C TYR B 98 20.69 -6.69 -18.09
N ILE B 99 19.47 -6.19 -18.34
CA ILE B 99 18.28 -6.61 -17.61
C ILE B 99 17.29 -7.20 -18.63
N VAL B 100 16.67 -8.32 -18.29
CA VAL B 100 15.72 -8.95 -19.19
C VAL B 100 14.53 -8.01 -19.45
N HIS B 101 14.09 -7.97 -20.71
CA HIS B 101 13.09 -6.99 -21.12
C HIS B 101 11.67 -7.55 -21.14
N LEU B 102 10.79 -6.89 -20.40
CA LEU B 102 9.36 -7.18 -20.48
C LEU B 102 8.75 -6.33 -21.58
N LYS B 103 8.54 -6.94 -22.75
CA LYS B 103 8.00 -6.21 -23.89
C LYS B 103 6.59 -5.72 -23.61
N ARG B 104 5.79 -6.60 -23.02
CA ARG B 104 4.42 -6.28 -22.63
C ARG B 104 3.88 -7.38 -21.73
N HIS B 105 2.76 -7.08 -21.07
CA HIS B 105 2.07 -8.08 -20.26
C HIS B 105 0.59 -8.04 -20.61
N PHE B 106 -0.10 -9.16 -20.55
CA PHE B 106 -1.52 -9.17 -20.87
C PHE B 106 -2.30 -10.25 -20.15
N MET B 107 -3.61 -10.24 -20.35
CA MET B 107 -4.49 -11.25 -19.78
C MET B 107 -5.03 -12.18 -20.86
N PHE B 108 -5.05 -13.48 -20.56
CA PHE B 108 -5.51 -14.49 -21.51
C PHE B 108 -6.15 -15.65 -20.75
N ARG B 109 -7.47 -15.76 -20.91
CA ARG B 109 -8.27 -16.81 -20.27
C ARG B 109 -7.94 -16.94 -18.79
N ASN B 110 -8.07 -15.84 -18.07
CA ASN B 110 -7.86 -15.75 -16.63
C ASN B 110 -6.41 -16.06 -16.21
N HIS B 111 -5.48 -15.97 -17.16
CA HIS B 111 -4.06 -16.10 -16.84
C HIS B 111 -3.32 -14.81 -17.17
N LEU B 112 -2.39 -14.40 -16.30
CA LEU B 112 -1.53 -13.26 -16.59
C LEU B 112 -0.26 -13.73 -17.29
N CYS B 113 -0.03 -13.20 -18.50
CA CYS B 113 1.11 -13.58 -19.29
C CYS B 113 2.12 -12.44 -19.39
N LEU B 114 3.37 -12.74 -19.06
CA LEU B 114 4.46 -11.79 -19.17
C LEU B 114 5.34 -12.09 -20.38
N VAL B 115 5.35 -11.18 -21.34
CA VAL B 115 6.08 -11.40 -22.59
C VAL B 115 7.51 -10.88 -22.52
N PHE B 116 8.47 -11.80 -22.42
CA PHE B 116 9.88 -11.45 -22.38
C PHE B 116 10.58 -11.73 -23.70
N GLU B 117 11.71 -11.08 -23.92
CA GLU B 117 12.56 -11.36 -25.06
C GLU B 117 13.15 -12.76 -24.92
N MET B 118 13.31 -13.46 -26.04
CA MET B 118 13.81 -14.83 -26.01
C MET B 118 15.32 -14.87 -25.83
N LEU B 119 15.77 -15.63 -24.83
CA LEU B 119 17.19 -15.78 -24.54
C LEU B 119 17.63 -17.24 -24.65
N SER B 120 18.94 -17.47 -24.64
CA SER B 120 19.47 -18.81 -24.77
C SER B 120 19.59 -19.51 -23.41
N TYR B 121 20.38 -20.58 -23.37
CA TYR B 121 20.52 -21.38 -22.16
C TYR B 121 21.18 -20.60 -21.03
N ASN B 122 20.93 -21.04 -19.80
CA ASN B 122 21.48 -20.40 -18.62
C ASN B 122 22.93 -20.81 -18.36
N LEU B 123 23.54 -20.23 -17.33
CA LEU B 123 24.95 -20.48 -17.05
C LEU B 123 25.21 -21.87 -16.48
N TYR B 124 24.19 -22.50 -15.89
CA TYR B 124 24.35 -23.85 -15.37
C TYR B 124 24.40 -24.85 -16.51
N ASP B 125 23.72 -24.52 -17.62
CA ASP B 125 23.78 -25.35 -18.81
C ASP B 125 25.18 -25.27 -19.41
N LEU B 126 25.74 -24.06 -19.41
CA LEU B 126 27.11 -23.84 -19.86
C LEU B 126 28.07 -24.64 -19.00
N LEU B 127 27.91 -24.55 -17.69
CA LEU B 127 28.72 -25.32 -16.75
C LEU B 127 28.56 -26.82 -16.97
N ARG B 128 27.38 -27.22 -17.45
CA ARG B 128 27.11 -28.61 -17.75
C ARG B 128 27.81 -29.02 -19.04
N ASN B 129 28.08 -28.03 -19.89
CA ASN B 129 28.77 -28.27 -21.15
C ASN B 129 30.28 -28.30 -21.00
N THR B 130 30.78 -27.74 -19.90
CA THR B 130 32.20 -27.84 -19.57
C THR B 130 32.46 -29.16 -18.87
N ASN B 131 31.39 -29.92 -18.68
CA ASN B 131 31.39 -31.09 -17.81
C ASN B 131 31.87 -30.71 -16.40
N PHE B 132 31.32 -29.61 -15.90
CA PHE B 132 31.60 -29.11 -14.56
C PHE B 132 33.09 -28.88 -14.33
N ARG B 133 33.78 -28.38 -15.35
CA ARG B 133 35.19 -28.05 -15.22
C ARG B 133 35.42 -26.54 -15.30
N GLY B 134 34.37 -25.81 -15.66
CA GLY B 134 34.43 -24.37 -15.67
C GLY B 134 34.99 -23.76 -16.95
N VAL B 135 34.82 -22.46 -17.09
CA VAL B 135 35.31 -21.74 -18.26
C VAL B 135 36.54 -20.90 -17.92
N SER B 136 37.13 -20.27 -18.92
CA SER B 136 38.34 -19.48 -18.74
C SER B 136 38.14 -18.31 -17.79
N LEU B 137 39.24 -17.66 -17.42
CA LEU B 137 39.21 -16.56 -16.48
C LEU B 137 38.82 -15.24 -17.16
N ASN B 138 39.06 -15.17 -18.47
CA ASN B 138 38.72 -13.97 -19.24
C ASN B 138 37.22 -13.85 -19.45
N LEU B 139 36.60 -14.96 -19.85
CA LEU B 139 35.15 -15.04 -19.97
C LEU B 139 34.51 -14.72 -18.61
N THR B 140 35.04 -15.34 -17.57
CA THR B 140 34.58 -15.09 -16.20
C THR B 140 34.70 -13.61 -15.86
N ARG B 141 35.76 -12.98 -16.36
CA ARG B 141 35.94 -11.55 -16.15
C ARG B 141 34.81 -10.76 -16.81
N LYS B 142 34.50 -11.10 -18.05
CA LYS B 142 33.40 -10.46 -18.77
C LYS B 142 32.08 -10.58 -18.01
N PHE B 143 31.74 -11.80 -17.64
CA PHE B 143 30.53 -12.07 -16.86
C PHE B 143 30.50 -11.22 -15.58
N ALA B 144 31.61 -11.25 -14.86
CA ALA B 144 31.75 -10.50 -13.61
C ALA B 144 31.47 -9.02 -13.82
N GLN B 145 32.02 -8.45 -14.89
CA GLN B 145 31.81 -7.04 -15.18
C GLN B 145 30.34 -6.74 -15.45
N GLN B 146 29.72 -7.58 -16.29
CA GLN B 146 28.29 -7.40 -16.61
C GLN B 146 27.43 -7.43 -15.35
N MET B 147 27.61 -8.45 -14.52
CA MET B 147 26.85 -8.60 -13.28
C MET B 147 27.10 -7.43 -12.32
N CYS B 148 28.36 -7.01 -12.20
CA CYS B 148 28.71 -5.86 -11.38
C CYS B 148 27.94 -4.61 -11.81
N THR B 149 27.95 -4.34 -13.11
CA THR B 149 27.22 -3.20 -13.65
C THR B 149 25.73 -3.29 -13.33
N ALA B 150 25.19 -4.50 -13.47
CA ALA B 150 23.78 -4.74 -13.15
C ALA B 150 23.46 -4.39 -11.70
N LEU B 151 24.25 -4.93 -10.77
CA LEU B 151 24.04 -4.66 -9.35
C LEU B 151 24.18 -3.17 -9.05
N LEU B 152 25.07 -2.51 -9.79
CA LEU B 152 25.20 -1.06 -9.68
C LEU B 152 23.91 -0.36 -10.07
N PHE B 153 23.30 -0.82 -11.16
CA PHE B 153 22.02 -0.26 -11.59
C PHE B 153 20.96 -0.47 -10.51
N LEU B 154 20.96 -1.66 -9.91
CA LEU B 154 19.99 -1.98 -8.86
C LEU B 154 20.28 -1.21 -7.59
N ALA B 155 21.49 -0.67 -7.48
CA ALA B 155 21.88 0.09 -6.30
C ALA B 155 21.37 1.54 -6.35
N THR B 156 20.77 1.91 -7.48
CA THR B 156 20.23 3.25 -7.68
C THR B 156 19.21 3.58 -6.59
N PRO B 157 19.36 4.76 -5.94
CA PRO B 157 18.51 5.21 -4.83
C PRO B 157 17.01 5.04 -5.07
N GLU B 158 16.54 5.39 -6.27
CA GLU B 158 15.12 5.26 -6.59
C GLU B 158 14.71 3.80 -6.73
N LEU B 159 15.67 2.94 -7.06
CA LEU B 159 15.40 1.53 -7.27
C LEU B 159 15.62 0.71 -6.00
N SER B 160 16.89 0.59 -5.59
CA SER B 160 17.27 -0.14 -4.39
C SER B 160 16.79 -1.59 -4.41
N ILE B 161 16.64 -2.15 -5.62
CA ILE B 161 16.09 -3.49 -5.79
C ILE B 161 17.09 -4.58 -5.45
N ILE B 162 16.63 -5.56 -4.68
CA ILE B 162 17.43 -6.73 -4.33
C ILE B 162 16.84 -7.97 -5.03
N HIS B 163 17.69 -8.73 -5.70
CA HIS B 163 17.23 -9.90 -6.45
C HIS B 163 16.82 -11.04 -5.52
N CYS B 164 17.57 -11.19 -4.43
CA CYS B 164 17.25 -12.14 -3.36
C CYS B 164 17.17 -13.59 -3.80
N ASP B 165 17.71 -13.89 -4.99
CA ASP B 165 17.71 -15.25 -5.51
C ASP B 165 18.70 -15.38 -6.65
N LEU B 166 19.90 -14.86 -6.47
CA LEU B 166 20.93 -14.96 -7.48
C LEU B 166 21.52 -16.36 -7.55
N LYS B 167 21.52 -16.92 -8.75
CA LYS B 167 22.07 -18.24 -9.02
C LYS B 167 22.28 -18.41 -10.51
N PRO B 168 23.19 -19.32 -10.92
CA PRO B 168 23.49 -19.57 -12.33
C PRO B 168 22.24 -19.86 -13.19
N GLU B 169 21.20 -20.42 -12.58
CA GLU B 169 19.97 -20.73 -13.31
C GLU B 169 19.23 -19.45 -13.71
N ASN B 170 19.52 -18.35 -13.01
CA ASN B 170 18.84 -17.08 -13.28
C ASN B 170 19.67 -16.15 -14.17
N ILE B 171 20.72 -16.68 -14.77
CA ILE B 171 21.55 -15.90 -15.68
C ILE B 171 21.58 -16.55 -17.05
N LEU B 172 21.02 -15.86 -18.05
CA LEU B 172 20.86 -16.44 -19.38
C LEU B 172 21.66 -15.74 -20.46
N LEU B 173 22.36 -16.51 -21.28
CA LEU B 173 23.09 -15.95 -22.41
C LEU B 173 22.13 -15.42 -23.48
N CYS B 174 22.47 -14.28 -24.06
CA CYS B 174 21.71 -13.73 -25.17
C CYS B 174 21.93 -14.57 -26.42
N ASN B 175 23.19 -14.92 -26.65
CA ASN B 175 23.57 -15.73 -27.81
C ASN B 175 24.55 -16.82 -27.39
N PRO B 176 24.32 -18.06 -27.87
CA PRO B 176 25.13 -19.22 -27.52
C PRO B 176 26.61 -19.11 -27.94
N LYS B 177 26.92 -18.16 -28.82
CA LYS B 177 28.30 -17.97 -29.26
C LYS B 177 28.86 -16.63 -28.76
N ARG B 178 27.97 -15.70 -28.42
CA ARG B 178 28.38 -14.41 -27.88
C ARG B 178 28.48 -14.49 -26.36
N SER B 179 29.03 -13.45 -25.75
CA SER B 179 29.31 -13.47 -24.32
C SER B 179 28.36 -12.61 -23.49
N ALA B 180 27.28 -12.14 -24.10
CA ALA B 180 26.33 -11.29 -23.40
C ALA B 180 25.33 -12.10 -22.57
N ILE B 181 25.05 -11.62 -21.36
CA ILE B 181 24.13 -12.32 -20.46
C ILE B 181 23.04 -11.39 -19.95
N LYS B 182 22.04 -11.98 -19.28
CA LYS B 182 20.90 -11.24 -18.74
C LYS B 182 20.41 -11.89 -17.46
N ILE B 183 19.90 -11.07 -16.54
CA ILE B 183 19.32 -11.58 -15.30
C ILE B 183 17.81 -11.72 -15.47
N VAL B 184 17.29 -12.90 -15.16
CA VAL B 184 15.87 -13.17 -15.33
C VAL B 184 15.17 -13.50 -14.01
N ASP B 185 13.84 -13.63 -14.07
CA ASP B 185 13.01 -14.00 -12.93
C ASP B 185 13.20 -13.07 -11.72
N PHE B 186 12.48 -11.97 -11.71
CA PHE B 186 12.51 -11.06 -10.57
C PHE B 186 11.30 -11.30 -9.65
N GLY B 187 10.91 -12.56 -9.53
CA GLY B 187 9.77 -12.92 -8.71
C GLY B 187 10.09 -12.98 -7.23
N SER B 188 11.31 -13.39 -6.91
CA SER B 188 11.75 -13.47 -5.52
C SER B 188 12.34 -12.16 -5.06
N SER B 189 12.29 -11.16 -5.94
CA SER B 189 12.93 -9.88 -5.70
C SER B 189 12.14 -8.98 -4.77
N CYS B 190 12.82 -8.36 -3.81
CA CYS B 190 12.20 -7.38 -2.94
C CYS B 190 13.10 -6.16 -2.80
N GLN B 191 12.50 -4.97 -2.89
CA GLN B 191 13.26 -3.73 -2.73
C GLN B 191 13.65 -3.54 -1.27
N LEU B 192 14.60 -2.65 -1.03
CA LEU B 192 15.06 -2.36 0.33
C LEU B 192 13.94 -1.75 1.16
N GLY B 193 13.86 -2.17 2.43
CA GLY B 193 12.83 -1.66 3.31
C GLY B 193 12.73 -2.45 4.59
N GLN B 194 11.53 -2.47 5.18
CA GLN B 194 11.29 -3.21 6.41
C GLN B 194 11.52 -4.70 6.22
N ARG B 195 11.98 -5.36 7.28
CA ARG B 195 12.28 -6.79 7.23
C ARG B 195 11.01 -7.63 7.39
N ILE B 196 10.70 -8.41 6.37
CA ILE B 196 9.50 -9.24 6.37
C ILE B 196 9.86 -10.73 6.34
N TYR B 197 10.91 -11.07 5.61
CA TYR B 197 11.31 -12.46 5.45
C TYR B 197 12.61 -12.80 6.18
N GLN B 198 12.76 -14.06 6.56
CA GLN B 198 13.98 -14.56 7.17
C GLN B 198 14.64 -15.62 6.29
N PTR B 199 13.84 -16.21 5.41
CA PTR B 199 14.29 -17.28 4.54
C PTR B 199 14.50 -16.73 3.14
O PTR B 199 13.63 -16.85 2.27
CB PTR B 199 13.20 -18.35 4.57
CG PTR B 199 13.60 -19.71 4.04
CD1 PTR B 199 14.60 -20.46 4.65
CD2 PTR B 199 12.97 -20.27 2.94
CE1 PTR B 199 14.97 -21.70 4.18
CE2 PTR B 199 13.32 -21.52 2.45
CZ PTR B 199 14.33 -22.23 3.08
OH PTR B 199 14.65 -23.41 2.62
P PTR B 199 16.17 -23.88 2.40
O1P PTR B 199 16.94 -22.83 1.59
O2P PTR B 199 16.14 -25.16 1.66
O3P PTR B 199 16.85 -24.10 3.77
N ILE B 200 15.68 -16.14 2.91
CA ILE B 200 15.98 -15.48 1.65
C ILE B 200 17.12 -16.19 0.91
N GLN B 201 17.11 -16.08 -0.43
CA GLN B 201 18.15 -16.60 -1.30
C GLN B 201 18.21 -18.12 -1.34
N SER B 202 18.74 -18.65 -2.44
CA SER B 202 18.96 -20.08 -2.55
C SER B 202 20.01 -20.49 -1.51
N ARG B 203 19.87 -21.71 -1.00
CA ARG B 203 20.66 -22.19 0.13
C ARG B 203 22.17 -21.98 -0.06
N PHE B 204 22.65 -22.26 -1.26
CA PHE B 204 24.08 -22.19 -1.55
C PHE B 204 24.59 -20.75 -1.56
N TYR B 205 23.76 -19.86 -2.10
CA TYR B 205 24.15 -18.47 -2.34
C TYR B 205 23.58 -17.56 -1.26
N ARG B 206 23.20 -18.16 -0.14
CA ARG B 206 22.61 -17.46 0.97
C ARG B 206 23.66 -16.71 1.80
N SER B 207 23.39 -15.44 2.06
CA SER B 207 24.33 -14.57 2.77
C SER B 207 24.53 -14.99 4.22
N PRO B 208 25.65 -14.55 4.84
CA PRO B 208 25.89 -14.85 6.26
C PRO B 208 24.92 -14.09 7.19
N GLU B 209 24.67 -12.82 6.90
CA GLU B 209 23.75 -12.05 7.74
C GLU B 209 22.33 -12.63 7.65
N VAL B 210 21.98 -13.15 6.48
CA VAL B 210 20.68 -13.79 6.29
C VAL B 210 20.58 -15.07 7.13
N LEU B 211 21.66 -15.85 7.13
CA LEU B 211 21.72 -17.07 7.92
C LEU B 211 21.71 -16.77 9.41
N LEU B 212 22.35 -15.66 9.80
CA LEU B 212 22.43 -15.28 11.20
C LEU B 212 21.13 -14.66 11.70
N GLY B 213 20.18 -14.46 10.78
CA GLY B 213 18.92 -13.82 11.13
C GLY B 213 19.15 -12.39 11.55
N MET B 214 19.79 -11.62 10.67
CA MET B 214 20.16 -10.25 10.97
C MET B 214 19.64 -9.30 9.88
N PRO B 215 19.55 -7.99 10.18
CA PRO B 215 19.13 -7.03 9.16
C PRO B 215 20.03 -7.08 7.92
N TYR B 216 19.43 -6.94 6.74
CA TYR B 216 20.18 -7.06 5.50
C TYR B 216 19.79 -6.00 4.47
N ASP B 217 20.53 -5.99 3.36
CA ASP B 217 20.30 -5.01 2.29
C ASP B 217 20.72 -5.57 0.94
N LEU B 218 21.11 -4.67 0.04
CA LEU B 218 21.47 -5.06 -1.31
C LEU B 218 22.77 -5.87 -1.34
N ALA B 219 23.58 -5.71 -0.29
CA ALA B 219 24.86 -6.41 -0.19
C ALA B 219 24.69 -7.92 -0.28
N ILE B 220 23.52 -8.42 0.13
CA ILE B 220 23.27 -9.85 0.11
C ILE B 220 23.29 -10.41 -1.31
N ASP B 221 23.12 -9.55 -2.29
CA ASP B 221 23.24 -9.98 -3.68
C ASP B 221 24.72 -10.17 -4.01
N MET B 222 25.53 -9.20 -3.58
CA MET B 222 26.98 -9.24 -3.83
C MET B 222 27.56 -10.57 -3.36
N TRP B 223 27.25 -10.96 -2.13
CA TRP B 223 27.67 -12.24 -1.58
C TRP B 223 27.32 -13.39 -2.52
N SER B 224 26.07 -13.42 -2.97
CA SER B 224 25.63 -14.47 -3.88
C SER B 224 26.50 -14.47 -5.13
N LEU B 225 26.76 -13.28 -5.65
CA LEU B 225 27.60 -13.13 -6.83
C LEU B 225 29.00 -13.68 -6.54
N GLY B 226 29.47 -13.45 -5.33
CA GLY B 226 30.76 -13.95 -4.90
C GLY B 226 30.85 -15.47 -4.95
N CYS B 227 29.70 -16.13 -4.83
CA CYS B 227 29.66 -17.58 -4.89
C CYS B 227 29.58 -18.04 -6.34
N ILE B 228 29.10 -17.16 -7.21
CA ILE B 228 28.82 -17.52 -8.59
C ILE B 228 30.05 -17.42 -9.49
N LEU B 229 30.75 -16.29 -9.41
CA LEU B 229 31.92 -16.03 -10.25
C LEU B 229 32.96 -17.15 -10.14
N VAL B 230 33.35 -17.47 -8.92
CA VAL B 230 34.24 -18.59 -8.65
C VAL B 230 33.70 -19.87 -9.27
N GLU B 231 32.41 -20.10 -9.10
CA GLU B 231 31.76 -21.31 -9.62
C GLU B 231 31.83 -21.37 -11.14
N MET B 232 32.01 -20.21 -11.78
CA MET B 232 32.09 -20.18 -13.24
C MET B 232 33.48 -20.54 -13.73
N HIS B 233 34.46 -20.54 -12.83
CA HIS B 233 35.83 -20.87 -13.20
C HIS B 233 36.18 -22.30 -12.81
N THR B 234 35.58 -22.78 -11.71
CA THR B 234 35.87 -24.13 -11.22
C THR B 234 34.84 -25.14 -11.70
N GLY B 235 33.58 -24.70 -11.82
CA GLY B 235 32.53 -25.56 -12.33
C GLY B 235 31.60 -26.12 -11.27
N GLU B 236 32.03 -26.06 -10.01
CA GLU B 236 31.26 -26.59 -8.90
C GLU B 236 30.87 -25.50 -7.91
N PRO B 237 29.75 -25.68 -7.19
CA PRO B 237 29.29 -24.69 -6.21
C PRO B 237 30.26 -24.53 -5.04
N LEU B 238 30.51 -23.27 -4.67
CA LEU B 238 31.44 -22.95 -3.60
C LEU B 238 30.96 -23.47 -2.24
N PHE B 239 29.71 -23.18 -1.91
CA PHE B 239 29.11 -23.64 -0.66
C PHE B 239 27.88 -24.50 -0.96
N SER B 240 27.94 -25.78 -0.61
CA SER B 240 26.84 -26.68 -0.96
C SER B 240 26.32 -27.47 0.23
N GLY B 241 25.80 -26.77 1.22
CA GLY B 241 25.26 -27.42 2.41
C GLY B 241 23.95 -28.13 2.09
N ALA B 242 23.80 -29.34 2.62
CA ALA B 242 22.55 -30.08 2.49
C ALA B 242 21.44 -29.34 3.23
N ASN B 243 21.80 -28.80 4.38
CA ASN B 243 20.92 -27.91 5.15
C ASN B 243 21.67 -26.63 5.51
N GLU B 244 21.03 -25.78 6.30
CA GLU B 244 21.61 -24.47 6.62
C GLU B 244 22.80 -24.60 7.58
N VAL B 245 22.73 -25.58 8.48
CA VAL B 245 23.85 -25.88 9.35
C VAL B 245 25.04 -26.33 8.52
N ASP B 246 24.80 -27.31 7.65
CA ASP B 246 25.78 -27.79 6.69
C ASP B 246 26.42 -26.63 5.93
N GLN B 247 25.57 -25.81 5.32
CA GLN B 247 25.99 -24.62 4.58
C GLN B 247 26.93 -23.73 5.38
N MET B 248 26.49 -23.35 6.58
CA MET B 248 27.28 -22.47 7.45
C MET B 248 28.61 -23.12 7.78
N ASN B 249 28.60 -24.42 8.06
CA ASN B 249 29.81 -25.16 8.39
C ASN B 249 30.80 -25.15 7.24
N LYS B 250 30.29 -25.18 6.01
CA LYS B 250 31.15 -25.12 4.84
C LYS B 250 31.71 -23.71 4.61
N ILE B 251 30.89 -22.71 4.89
CA ILE B 251 31.36 -21.32 4.84
C ILE B 251 32.46 -21.09 5.87
N VAL B 252 32.32 -21.73 7.04
CA VAL B 252 33.34 -21.66 8.09
C VAL B 252 34.54 -22.51 7.69
N GLU B 253 34.33 -23.47 6.80
CA GLU B 253 35.45 -24.22 6.24
C GLU B 253 36.31 -23.30 5.39
N VAL B 254 35.69 -22.60 4.45
CA VAL B 254 36.44 -21.71 3.57
C VAL B 254 36.93 -20.46 4.30
N LEU B 255 36.01 -19.67 4.83
CA LEU B 255 36.37 -18.47 5.58
C LEU B 255 36.61 -18.79 7.05
N GLY B 256 36.92 -17.76 7.83
CA GLY B 256 37.14 -17.95 9.25
C GLY B 256 35.83 -17.99 10.02
N ILE B 257 35.91 -18.09 11.33
CA ILE B 257 34.74 -17.96 12.17
C ILE B 257 34.41 -16.47 12.28
N PRO B 258 33.19 -16.08 11.89
CA PRO B 258 32.74 -14.68 11.82
C PRO B 258 33.09 -13.86 13.06
N PRO B 259 33.36 -12.56 12.88
CA PRO B 259 33.75 -11.64 13.95
C PRO B 259 32.80 -11.69 15.15
N ALA B 260 33.33 -11.46 16.34
CA ALA B 260 32.53 -11.48 17.55
C ALA B 260 31.47 -10.37 17.52
N HIS B 261 31.78 -9.28 16.84
CA HIS B 261 30.87 -8.14 16.74
C HIS B 261 29.53 -8.49 16.10
N ILE B 262 29.57 -8.93 14.84
CA ILE B 262 28.35 -9.24 14.12
C ILE B 262 27.66 -10.51 14.64
N LEU B 263 28.43 -11.35 15.33
CA LEU B 263 27.91 -12.64 15.76
C LEU B 263 27.26 -12.59 17.13
N ASP B 264 27.74 -11.70 17.99
CA ASP B 264 27.15 -11.53 19.32
C ASP B 264 25.72 -11.02 19.21
N GLN B 265 25.51 -10.08 18.31
CA GLN B 265 24.19 -9.48 18.11
C GLN B 265 23.34 -10.33 17.17
N ALA B 266 23.87 -11.48 16.76
CA ALA B 266 23.16 -12.40 15.88
C ALA B 266 22.25 -13.33 16.69
N PRO B 267 20.95 -13.31 16.39
CA PRO B 267 19.96 -14.15 17.06
C PRO B 267 20.15 -15.63 16.77
N LYS B 268 20.50 -15.97 15.53
CA LYS B 268 20.64 -17.35 15.12
C LYS B 268 22.01 -17.94 15.45
N ALA B 269 22.87 -17.14 16.07
CA ALA B 269 24.22 -17.56 16.42
C ALA B 269 24.27 -18.95 17.08
N ARG B 270 23.60 -19.07 18.23
CA ARG B 270 23.55 -20.31 18.99
C ARG B 270 23.09 -21.53 18.17
N LYS B 271 22.43 -21.30 17.05
CA LYS B 271 22.01 -22.39 16.18
C LYS B 271 23.20 -23.16 15.63
N PHE B 272 24.29 -22.44 15.34
CA PHE B 272 25.50 -23.06 14.80
C PHE B 272 26.66 -22.99 15.78
N PHE B 273 26.68 -21.95 16.60
CA PHE B 273 27.89 -21.60 17.35
C PHE B 273 27.74 -21.70 18.87
N GLU B 274 28.70 -22.37 19.49
CA GLU B 274 28.76 -22.49 20.95
C GLU B 274 29.60 -21.37 21.57
N LYS B 275 29.23 -20.99 22.79
CA LYS B 275 29.87 -19.87 23.47
C LYS B 275 30.42 -20.33 24.83
N LEU B 276 31.64 -19.92 25.14
CA LEU B 276 32.27 -20.25 26.42
C LEU B 276 32.24 -19.01 27.32
N PRO B 277 32.51 -19.20 28.64
CA PRO B 277 32.57 -18.05 29.54
C PRO B 277 33.63 -17.02 29.14
N ASP B 278 34.65 -17.46 28.41
CA ASP B 278 35.73 -16.58 27.97
C ASP B 278 35.22 -15.41 27.12
N GLY B 279 34.29 -15.72 26.21
CA GLY B 279 33.78 -14.72 25.30
C GLY B 279 34.06 -15.11 23.86
N THR B 280 34.72 -16.26 23.69
CA THR B 280 35.10 -16.73 22.37
C THR B 280 33.96 -17.51 21.72
N TRP B 281 33.83 -17.38 20.40
CA TRP B 281 32.80 -18.10 19.66
C TRP B 281 33.39 -19.32 18.95
N ASN B 282 32.72 -20.45 19.08
CA ASN B 282 33.15 -21.69 18.46
C ASN B 282 31.98 -22.39 17.78
N LEU B 283 32.19 -23.60 17.28
CA LEU B 283 31.08 -24.37 16.72
C LEU B 283 31.16 -25.83 17.16
N LYS B 284 30.01 -26.43 17.45
CA LYS B 284 29.96 -27.83 17.88
C LYS B 284 28.78 -28.54 17.22
N TYR B 293 33.41 -32.17 8.13
CA TYR B 293 33.87 -31.99 9.51
C TYR B 293 35.21 -31.27 9.54
N LYS B 294 35.58 -30.65 8.42
CA LYS B 294 36.86 -29.99 8.28
C LYS B 294 37.03 -28.80 9.24
N PRO B 295 38.27 -28.54 9.68
CA PRO B 295 38.58 -27.43 10.58
C PRO B 295 38.30 -26.07 9.96
N PRO B 296 37.95 -25.08 10.78
CA PRO B 296 37.64 -23.72 10.31
C PRO B 296 38.81 -23.04 9.60
N GLY B 297 38.55 -22.46 8.45
CA GLY B 297 39.54 -21.69 7.71
C GLY B 297 40.37 -22.50 6.72
N THR B 298 40.90 -23.62 7.19
CA THR B 298 41.91 -24.41 6.48
C THR B 298 41.74 -24.58 4.97
N ARG B 299 40.49 -24.58 4.51
CA ARG B 299 40.20 -24.73 3.09
C ARG B 299 40.37 -23.39 2.38
N LYS B 300 41.61 -22.94 2.24
CA LYS B 300 41.90 -21.62 1.71
C LYS B 300 41.49 -21.46 0.25
N LEU B 301 41.01 -20.27 -0.09
CA LEU B 301 40.62 -19.95 -1.46
C LEU B 301 41.80 -20.05 -2.41
N HIS B 302 42.99 -19.79 -1.86
CA HIS B 302 44.24 -19.83 -2.61
C HIS B 302 44.48 -21.19 -3.25
N ASN B 303 44.11 -22.26 -2.55
CA ASN B 303 44.30 -23.61 -3.04
C ASN B 303 43.23 -24.01 -4.06
N ILE B 304 42.00 -23.59 -3.80
CA ILE B 304 40.88 -23.96 -4.65
C ILE B 304 40.93 -23.24 -6.00
N LEU B 305 41.34 -21.98 -5.99
CA LEU B 305 41.53 -21.25 -7.24
C LEU B 305 42.66 -21.85 -8.08
N GLY B 306 43.60 -22.50 -7.40
CA GLY B 306 44.77 -23.03 -8.07
C GLY B 306 45.67 -21.90 -8.55
N VAL B 307 45.92 -20.96 -7.66
CA VAL B 307 46.69 -19.75 -7.98
C VAL B 307 48.10 -20.07 -8.45
N GLU B 308 48.77 -20.97 -7.75
CA GLU B 308 50.16 -21.30 -8.04
C GLU B 308 50.29 -22.65 -8.76
N THR B 309 49.18 -23.36 -8.89
CA THR B 309 49.19 -24.69 -9.50
C THR B 309 48.48 -24.71 -10.85
N GLY B 310 48.53 -23.60 -11.57
CA GLY B 310 47.94 -23.51 -12.89
C GLY B 310 46.44 -23.70 -12.92
N GLY B 311 45.74 -23.03 -12.01
CA GLY B 311 44.29 -23.08 -11.97
C GLY B 311 43.73 -24.35 -11.35
N PRO B 312 42.41 -24.55 -11.47
CA PRO B 312 41.69 -25.71 -10.93
C PRO B 312 42.02 -27.00 -11.66
N GLY B 313 42.66 -27.94 -10.96
CA GLY B 313 43.05 -29.20 -11.55
C GLY B 313 44.32 -29.09 -12.37
N GLY B 314 44.98 -27.94 -12.27
CA GLY B 314 46.19 -27.68 -13.02
C GLY B 314 45.94 -27.72 -14.51
N ARG B 315 44.75 -27.30 -14.91
CA ARG B 315 44.36 -27.36 -16.31
C ARG B 315 44.54 -26.01 -17.01
N ARG B 316 44.78 -24.98 -16.21
CA ARG B 316 45.00 -23.64 -16.75
C ARG B 316 46.49 -23.30 -16.74
N ALA B 317 47.33 -24.34 -16.67
CA ALA B 317 48.77 -24.17 -16.66
C ALA B 317 49.27 -23.64 -18.00
N GLY B 318 49.88 -22.47 -17.99
CA GLY B 318 50.48 -21.89 -19.18
C GLY B 318 49.48 -21.29 -20.15
N GLU B 319 48.26 -21.05 -19.68
CA GLU B 319 47.23 -20.46 -20.52
C GLU B 319 47.25 -18.94 -20.41
N SER B 320 46.94 -18.27 -21.52
CA SER B 320 46.97 -16.81 -21.59
C SER B 320 45.95 -16.18 -20.65
N GLY B 321 46.40 -15.20 -19.86
CA GLY B 321 45.53 -14.50 -18.93
C GLY B 321 45.35 -15.26 -17.66
N HIS B 322 46.18 -16.27 -17.44
CA HIS B 322 46.07 -17.12 -16.26
C HIS B 322 47.36 -17.11 -15.43
N THR B 323 48.08 -16.00 -15.50
CA THR B 323 49.29 -15.83 -14.70
C THR B 323 48.94 -15.75 -13.23
N VAL B 324 49.95 -15.80 -12.36
CA VAL B 324 49.72 -15.72 -10.93
C VAL B 324 49.13 -14.35 -10.56
N ALA B 325 49.63 -13.32 -11.22
CA ALA B 325 49.17 -11.95 -11.00
C ALA B 325 47.66 -11.83 -11.24
N ASP B 326 47.21 -12.38 -12.36
CA ASP B 326 45.79 -12.34 -12.72
C ASP B 326 44.93 -13.04 -11.67
N TYR B 327 45.38 -14.22 -11.24
CA TYR B 327 44.69 -14.98 -10.21
C TYR B 327 44.66 -14.23 -8.88
N LEU B 328 45.66 -13.38 -8.66
CA LEU B 328 45.66 -12.53 -7.48
C LEU B 328 44.62 -11.42 -7.62
N LYS B 329 44.59 -10.79 -8.79
CA LYS B 329 43.58 -9.77 -9.12
C LYS B 329 42.17 -10.31 -8.90
N PHE B 330 41.98 -11.58 -9.25
CA PHE B 330 40.70 -12.24 -9.08
C PHE B 330 40.41 -12.57 -7.61
N LYS B 331 41.40 -13.18 -6.95
CA LYS B 331 41.23 -13.64 -5.58
C LYS B 331 40.96 -12.49 -4.61
N ASP B 332 41.53 -11.31 -4.87
CA ASP B 332 41.27 -10.17 -3.99
C ASP B 332 39.79 -9.76 -4.02
N LEU B 333 39.31 -9.48 -5.23
CA LEU B 333 37.91 -9.11 -5.45
C LEU B 333 36.97 -10.14 -4.85
N ILE B 334 37.19 -11.41 -5.17
CA ILE B 334 36.37 -12.47 -4.61
C ILE B 334 36.43 -12.49 -3.09
N LEU B 335 37.63 -12.35 -2.54
CA LEU B 335 37.83 -12.39 -1.10
C LEU B 335 37.06 -11.31 -0.37
N ARG B 336 36.99 -10.11 -0.95
CA ARG B 336 36.17 -9.07 -0.34
C ARG B 336 34.67 -9.32 -0.60
N MET B 337 34.36 -10.01 -1.70
CA MET B 337 32.97 -10.29 -2.02
C MET B 337 32.36 -11.23 -0.99
N LEU B 338 33.19 -12.09 -0.42
CA LEU B 338 32.75 -13.00 0.61
C LEU B 338 33.09 -12.46 1.99
N ASP B 339 32.86 -11.18 2.19
CA ASP B 339 33.12 -10.55 3.48
C ASP B 339 31.92 -10.73 4.41
N TYR B 340 32.19 -11.17 5.63
CA TYR B 340 31.16 -11.49 6.60
C TYR B 340 30.25 -10.30 6.95
N ASP B 341 30.86 -9.13 7.13
CA ASP B 341 30.10 -7.95 7.51
C ASP B 341 29.57 -7.23 6.27
N PRO B 342 28.24 -7.03 6.21
CA PRO B 342 27.58 -6.34 5.10
C PRO B 342 28.05 -4.91 4.90
N LYS B 343 28.59 -4.30 5.96
CA LYS B 343 29.07 -2.93 5.89
C LYS B 343 30.45 -2.85 5.23
N THR B 344 31.27 -3.85 5.48
CA THR B 344 32.60 -3.92 4.87
C THR B 344 32.53 -4.67 3.53
N ARG B 345 31.32 -4.86 3.03
CA ARG B 345 31.10 -5.46 1.72
C ARG B 345 31.44 -4.44 0.64
N ILE B 346 31.73 -4.90 -0.57
CA ILE B 346 31.97 -3.97 -1.67
C ILE B 346 30.68 -3.57 -2.36
N GLN B 347 30.60 -2.29 -2.72
CA GLN B 347 29.53 -1.79 -3.57
C GLN B 347 30.08 -1.80 -4.99
N PRO B 348 29.22 -2.17 -5.97
CA PRO B 348 29.60 -2.35 -7.38
C PRO B 348 30.54 -1.28 -7.95
N TYR B 349 30.40 -0.04 -7.47
CA TYR B 349 31.26 1.05 -7.91
C TYR B 349 32.73 0.77 -7.62
N TYR B 350 33.00 0.35 -6.39
CA TYR B 350 34.37 0.05 -5.98
C TYR B 350 34.82 -1.32 -6.50
N ALA B 351 33.94 -1.99 -7.22
CA ALA B 351 34.26 -3.27 -7.85
C ALA B 351 34.61 -3.08 -9.31
N LEU B 352 34.02 -2.07 -9.94
CA LEU B 352 34.30 -1.77 -11.34
C LEU B 352 35.63 -1.03 -11.52
N GLN B 353 36.18 -0.54 -10.41
CA GLN B 353 37.48 0.13 -10.44
C GLN B 353 38.59 -0.80 -9.98
N HIS B 354 38.23 -2.03 -9.64
CA HIS B 354 39.19 -3.03 -9.19
C HIS B 354 40.24 -3.28 -10.27
N SER B 355 41.44 -3.68 -9.86
CA SER B 355 42.54 -3.92 -10.80
C SER B 355 42.26 -5.12 -11.69
N PHE B 356 41.32 -5.95 -11.28
CA PHE B 356 40.91 -7.11 -12.08
C PHE B 356 40.34 -6.66 -13.42
N PHE B 357 39.57 -5.57 -13.39
CA PHE B 357 39.04 -4.97 -14.61
C PHE B 357 39.98 -3.88 -15.10
N LYS B 358 41.14 -4.28 -15.60
CA LYS B 358 42.18 -3.37 -16.06
C LYS B 358 42.58 -2.38 -14.97
N VAL C 13 -17.81 31.02 6.81
CA VAL C 13 -18.05 30.01 7.84
C VAL C 13 -17.66 28.62 7.36
N TYR C 14 -16.64 28.04 7.98
CA TYR C 14 -16.13 26.74 7.57
C TYR C 14 -16.26 25.71 8.68
N ASN C 15 -16.59 24.48 8.29
CA ASN C 15 -16.83 23.39 9.23
C ASN C 15 -17.90 23.78 10.25
N ASP C 16 -18.98 24.39 9.75
CA ASP C 16 -20.06 24.90 10.58
C ASP C 16 -19.58 25.87 11.66
N GLY C 17 -18.48 26.56 11.38
CA GLY C 17 -17.97 27.59 12.27
C GLY C 17 -16.94 27.10 13.27
N TYR C 18 -16.61 25.82 13.22
CA TYR C 18 -15.67 25.24 14.17
C TYR C 18 -14.22 25.40 13.71
N ASP C 19 -14.03 25.71 12.43
CA ASP C 19 -12.69 25.87 11.87
C ASP C 19 -12.39 27.30 11.45
N ASP C 20 -11.12 27.60 11.24
CA ASP C 20 -10.72 28.90 10.72
C ASP C 20 -10.49 28.82 9.21
N ASP C 21 -9.65 29.70 8.69
CA ASP C 21 -9.30 29.67 7.27
C ASP C 21 -8.02 28.88 7.03
N ASN C 22 -7.35 28.51 8.12
CA ASN C 22 -6.14 27.70 8.03
C ASN C 22 -6.43 26.23 8.33
N TYR C 23 -7.71 25.86 8.19
CA TYR C 23 -8.17 24.48 8.37
C TYR C 23 -7.91 23.94 9.78
N ASP C 24 -7.84 24.83 10.76
CA ASP C 24 -7.59 24.41 12.13
C ASP C 24 -8.81 24.62 13.03
N TYR C 25 -8.97 23.73 14.01
CA TYR C 25 -10.06 23.83 14.96
C TYR C 25 -9.87 25.03 15.88
N ILE C 26 -10.87 25.90 15.94
CA ILE C 26 -10.82 27.07 16.80
C ILE C 26 -10.93 26.66 18.26
N VAL C 27 -9.81 26.76 18.98
CA VAL C 27 -9.73 26.31 20.35
C VAL C 27 -10.34 27.31 21.34
N LYS C 28 -11.19 26.81 22.23
CA LYS C 28 -11.76 27.61 23.30
C LYS C 28 -11.36 27.03 24.65
N ASN C 29 -10.82 27.86 25.53
CA ASN C 29 -10.40 27.40 26.85
C ASN C 29 -11.59 26.97 27.71
N GLY C 30 -11.46 25.82 28.36
CA GLY C 30 -12.50 25.32 29.24
C GLY C 30 -13.56 24.51 28.51
N GLU C 31 -13.45 24.45 27.18
CA GLU C 31 -14.41 23.70 26.37
C GLU C 31 -14.36 22.21 26.72
N LYS C 32 -15.49 21.54 26.57
CA LYS C 32 -15.60 20.13 26.91
C LYS C 32 -15.94 19.28 25.69
N TRP C 33 -15.11 18.30 25.41
CA TRP C 33 -15.33 17.42 24.26
C TRP C 33 -15.87 16.06 24.68
N MET C 34 -17.00 15.66 24.09
CA MET C 34 -17.57 14.32 24.27
C MET C 34 -17.86 13.98 25.73
N ASP C 35 -18.01 14.99 26.57
CA ASP C 35 -18.15 14.82 28.01
C ASP C 35 -17.07 13.90 28.56
N ARG C 36 -15.83 14.21 28.21
CA ARG C 36 -14.68 13.47 28.72
C ARG C 36 -13.49 14.38 28.94
N TYR C 37 -13.15 15.16 27.91
CA TYR C 37 -12.00 16.04 27.98
C TYR C 37 -12.39 17.50 28.11
N GLU C 38 -11.88 18.17 29.14
CA GLU C 38 -12.03 19.61 29.24
C GLU C 38 -10.76 20.31 28.77
N ILE C 39 -10.88 21.05 27.66
CA ILE C 39 -9.75 21.75 27.08
C ILE C 39 -9.24 22.85 28.01
N ASP C 40 -8.13 22.59 28.69
CA ASP C 40 -7.53 23.60 29.56
C ASP C 40 -6.97 24.74 28.74
N SER C 41 -6.03 24.44 27.84
CA SER C 41 -5.40 25.49 27.07
C SER C 41 -4.74 25.01 25.78
N LEU C 42 -4.10 25.95 25.08
CA LEU C 42 -3.32 25.64 23.88
C LEU C 42 -1.84 25.73 24.21
N ILE C 43 -1.11 24.65 23.90
CA ILE C 43 0.28 24.54 24.32
C ILE C 43 1.25 24.38 23.15
N GLY C 44 0.71 24.33 21.94
CA GLY C 44 1.55 24.17 20.77
C GLY C 44 0.83 24.34 19.45
N LYS C 45 1.58 24.73 18.42
CA LYS C 45 1.04 24.89 17.07
C LYS C 45 2.07 24.37 16.07
N GLY C 46 1.64 24.16 14.83
CA GLY C 46 2.54 23.65 13.80
C GLY C 46 1.86 23.48 12.45
N SER C 47 2.52 22.73 11.58
CA SER C 47 1.99 22.47 10.23
C SER C 47 0.77 21.56 10.29
N PHE C 48 0.89 20.48 11.07
CA PHE C 48 -0.17 19.48 11.21
C PHE C 48 -1.46 20.08 11.76
N GLY C 49 -1.31 21.07 12.63
CA GLY C 49 -2.45 21.67 13.32
C GLY C 49 -2.07 22.21 14.67
N GLN C 50 -2.76 21.77 15.71
CA GLN C 50 -2.50 22.29 17.06
C GLN C 50 -2.35 21.20 18.10
N VAL C 51 -1.91 21.59 19.30
CA VAL C 51 -1.80 20.68 20.43
C VAL C 51 -2.35 21.36 21.69
N VAL C 52 -3.31 20.71 22.34
CA VAL C 52 -3.97 21.30 23.50
C VAL C 52 -3.73 20.52 24.79
N LYS C 53 -3.61 21.26 25.89
CA LYS C 53 -3.59 20.66 27.21
C LYS C 53 -5.02 20.50 27.69
N ALA C 54 -5.40 19.26 27.97
CA ALA C 54 -6.77 18.95 28.36
C ALA C 54 -6.80 17.98 29.55
N TYR C 55 -7.94 17.90 30.22
CA TYR C 55 -8.09 16.98 31.34
C TYR C 55 -9.10 15.87 31.03
N ASP C 56 -8.63 14.63 31.13
CA ASP C 56 -9.48 13.46 30.98
C ASP C 56 -10.16 13.14 32.32
N ARG C 57 -11.48 13.32 32.35
CA ARG C 57 -12.27 13.09 33.56
C ARG C 57 -12.40 11.62 33.91
N VAL C 58 -12.62 10.81 32.88
CA VAL C 58 -12.80 9.37 33.06
C VAL C 58 -11.57 8.72 33.71
N GLU C 59 -10.40 9.00 33.14
CA GLU C 59 -9.16 8.45 33.65
C GLU C 59 -8.59 9.32 34.78
N GLN C 60 -9.21 10.48 34.97
CA GLN C 60 -8.81 11.44 36.01
C GLN C 60 -7.35 11.84 35.88
N GLU C 61 -6.95 12.29 34.70
CA GLU C 61 -5.54 12.63 34.46
C GLU C 61 -5.38 13.65 33.34
N TRP C 62 -4.25 14.37 33.36
CA TRP C 62 -3.96 15.34 32.30
C TRP C 62 -3.47 14.65 31.03
N VAL C 63 -3.94 15.12 29.89
CA VAL C 63 -3.51 14.58 28.60
C VAL C 63 -3.23 15.70 27.60
N ALA C 64 -2.35 15.41 26.65
CA ALA C 64 -2.05 16.34 25.57
C ALA C 64 -2.67 15.83 24.27
N ILE C 65 -3.60 16.61 23.71
CA ILE C 65 -4.31 16.16 22.53
C ILE C 65 -3.83 16.88 21.27
N LYS C 66 -3.38 16.08 20.30
CA LYS C 66 -2.93 16.59 19.02
C LYS C 66 -4.11 16.71 18.05
N ILE C 67 -4.57 17.94 17.85
CA ILE C 67 -5.64 18.23 16.91
C ILE C 67 -5.08 18.44 15.51
N ILE C 68 -5.23 17.41 14.67
CA ILE C 68 -4.83 17.48 13.28
C ILE C 68 -5.80 18.37 12.50
N LYS C 69 -5.29 19.12 11.54
CA LYS C 69 -6.11 19.98 10.71
C LYS C 69 -7.17 19.20 9.93
N ASN C 70 -8.21 19.92 9.52
CA ASN C 70 -9.30 19.32 8.75
C ASN C 70 -8.98 19.35 7.26
N LYS C 71 -7.88 18.69 6.88
CA LYS C 71 -7.45 18.64 5.50
C LYS C 71 -6.90 17.25 5.16
N LYS C 72 -7.07 16.84 3.92
CA LYS C 72 -6.74 15.48 3.49
C LYS C 72 -5.29 15.09 3.72
N ALA C 73 -4.38 16.00 3.37
CA ALA C 73 -2.95 15.74 3.51
C ALA C 73 -2.55 15.44 4.95
N PHE C 74 -2.88 16.36 5.85
CA PHE C 74 -2.54 16.22 7.25
C PHE C 74 -3.25 15.01 7.86
N LEU C 75 -4.42 14.69 7.34
CA LEU C 75 -5.19 13.54 7.81
C LEU C 75 -4.48 12.23 7.45
N ASN C 76 -3.99 12.13 6.22
CA ASN C 76 -3.27 10.94 5.79
C ASN C 76 -1.92 10.81 6.48
N GLN C 77 -1.23 11.93 6.63
CA GLN C 77 0.03 11.98 7.36
C GLN C 77 -0.18 11.48 8.80
N ALA C 78 -1.24 11.98 9.42
CA ALA C 78 -1.61 11.58 10.78
C ALA C 78 -1.96 10.10 10.83
N GLN C 79 -2.58 9.59 9.76
CA GLN C 79 -2.87 8.17 9.65
C GLN C 79 -1.58 7.36 9.72
N ILE C 80 -0.60 7.77 8.93
CA ILE C 80 0.71 7.13 8.93
C ILE C 80 1.33 7.16 10.32
N GLU C 81 1.33 8.33 10.96
CA GLU C 81 1.87 8.47 12.31
C GLU C 81 1.17 7.52 13.29
N VAL C 82 -0.15 7.43 13.19
CA VAL C 82 -0.94 6.55 14.06
C VAL C 82 -0.53 5.10 13.87
N ARG C 83 -0.44 4.67 12.61
CA ARG C 83 -0.05 3.29 12.30
C ARG C 83 1.34 2.98 12.87
N LEU C 84 2.27 3.92 12.69
CA LEU C 84 3.61 3.77 13.24
C LEU C 84 3.60 3.63 14.76
N LEU C 85 2.83 4.50 15.42
CA LEU C 85 2.72 4.50 16.87
C LEU C 85 2.14 3.19 17.40
N GLU C 86 1.10 2.70 16.73
CA GLU C 86 0.47 1.44 17.10
C GLU C 86 1.44 0.27 16.90
N LEU C 87 2.26 0.36 15.85
CA LEU C 87 3.23 -0.68 15.55
C LEU C 87 4.38 -0.68 16.57
N MET C 88 4.70 0.50 17.09
CA MET C 88 5.78 0.62 18.07
C MET C 88 5.37 0.13 19.45
N ASN C 89 4.14 0.43 19.86
CA ASN C 89 3.65 0.06 21.18
C ASN C 89 3.29 -1.42 21.27
N LYS C 90 3.35 -2.12 20.14
CA LYS C 90 3.00 -3.52 20.10
C LYS C 90 4.24 -4.41 20.28
N HIS C 91 5.41 -3.79 20.44
CA HIS C 91 6.64 -4.53 20.61
C HIS C 91 7.10 -4.57 22.07
N ASP C 92 7.22 -5.77 22.61
CA ASP C 92 7.57 -5.98 24.01
C ASP C 92 9.01 -5.56 24.30
N THR C 93 9.18 -4.36 24.85
CA THR C 93 10.51 -3.86 25.21
C THR C 93 10.43 -2.75 26.26
N GLU C 94 11.48 -2.62 27.06
CA GLU C 94 11.63 -1.48 27.97
C GLU C 94 11.93 -0.22 27.19
N MET C 95 12.70 -0.39 26.11
CA MET C 95 13.11 0.73 25.27
C MET C 95 11.92 1.45 24.65
N LYS C 96 10.85 0.69 24.40
CA LYS C 96 9.64 1.21 23.79
C LYS C 96 9.03 2.34 24.60
N TYR C 97 9.34 2.38 25.89
CA TYR C 97 8.77 3.38 26.79
C TYR C 97 9.71 4.57 26.93
N TYR C 98 10.58 4.73 25.94
CA TYR C 98 11.36 5.96 25.80
C TYR C 98 10.74 6.81 24.69
N ILE C 99 9.55 6.40 24.26
CA ILE C 99 8.78 7.12 23.25
C ILE C 99 7.39 7.42 23.81
N VAL C 100 6.90 8.62 23.53
CA VAL C 100 5.61 9.08 24.06
C VAL C 100 4.48 8.11 23.68
N HIS C 101 3.59 7.86 24.64
CA HIS C 101 2.54 6.86 24.46
C HIS C 101 1.27 7.45 23.87
N LEU C 102 0.82 6.86 22.77
CA LEU C 102 -0.47 7.21 22.17
C LEU C 102 -1.58 6.41 22.86
N LYS C 103 -2.30 7.07 23.74
CA LYS C 103 -3.38 6.41 24.49
C LYS C 103 -4.52 6.02 23.55
N ARG C 104 -4.96 6.97 22.73
CA ARG C 104 -6.04 6.73 21.79
C ARG C 104 -6.15 7.86 20.75
N HIS C 105 -7.04 7.68 19.80
CA HIS C 105 -7.31 8.71 18.79
C HIS C 105 -8.77 8.61 18.34
N PHE C 106 -9.31 9.72 17.84
CA PHE C 106 -10.71 9.77 17.45
C PHE C 106 -11.04 10.93 16.53
N MET C 107 -12.05 10.75 15.69
CA MET C 107 -12.58 11.83 14.89
C MET C 107 -13.47 12.72 15.75
N PHE C 108 -13.26 14.03 15.67
CA PHE C 108 -14.07 14.98 16.43
C PHE C 108 -14.29 16.25 15.61
N ARG C 109 -15.48 16.38 15.05
CA ARG C 109 -15.85 17.50 14.19
C ARG C 109 -14.87 17.62 13.02
N ASN C 110 -14.72 16.51 12.30
CA ASN C 110 -13.88 16.42 11.11
C ASN C 110 -12.39 16.66 11.38
N HIS C 111 -12.00 16.50 12.64
CA HIS C 111 -10.58 16.53 13.01
C HIS C 111 -10.16 15.19 13.61
N LEU C 112 -9.01 14.70 13.19
CA LEU C 112 -8.43 13.52 13.83
C LEU C 112 -7.63 13.98 15.05
N CYS C 113 -8.09 13.59 16.23
CA CYS C 113 -7.45 14.01 17.46
C CYS C 113 -6.71 12.85 18.11
N LEU C 114 -5.40 13.00 18.30
CA LEU C 114 -4.59 11.95 18.90
C LEU C 114 -4.31 12.25 20.37
N VAL C 115 -4.69 11.34 21.27
CA VAL C 115 -4.45 11.56 22.69
C VAL C 115 -3.10 11.01 23.13
N PHE C 116 -2.25 11.88 23.65
CA PHE C 116 -0.95 11.49 24.18
C PHE C 116 -0.85 11.76 25.68
N GLU C 117 0.00 11.00 26.35
CA GLU C 117 0.28 11.22 27.76
C GLU C 117 0.91 12.59 27.97
N MET C 118 0.69 13.18 29.14
CA MET C 118 1.17 14.51 29.43
C MET C 118 2.63 14.51 29.90
N LEU C 119 3.45 15.33 29.26
CA LEU C 119 4.86 15.44 29.63
C LEU C 119 5.19 16.88 30.05
N SER C 120 6.33 17.05 30.71
CA SER C 120 6.68 18.33 31.31
C SER C 120 7.01 19.42 30.28
N TYR C 121 8.20 19.31 29.68
CA TYR C 121 8.64 20.23 28.62
C TYR C 121 9.87 19.69 27.91
N ASN C 122 10.15 20.18 26.71
CA ASN C 122 11.27 19.67 25.92
C ASN C 122 12.61 20.27 26.32
N LEU C 123 13.67 19.84 25.65
CA LEU C 123 15.04 20.20 26.02
C LEU C 123 15.43 21.60 25.58
N TYR C 124 14.76 22.13 24.57
CA TYR C 124 15.06 23.50 24.13
C TYR C 124 14.57 24.52 25.15
N ASP C 125 13.44 24.23 25.80
CA ASP C 125 12.95 25.08 26.87
C ASP C 125 13.91 25.02 28.04
N LEU C 126 14.53 23.86 28.22
CA LEU C 126 15.52 23.66 29.28
C LEU C 126 16.76 24.50 29.01
N LEU C 127 17.28 24.42 27.78
CA LEU C 127 18.43 25.20 27.37
C LEU C 127 18.14 26.69 27.46
N ARG C 128 16.89 27.06 27.17
CA ARG C 128 16.44 28.44 27.31
C ARG C 128 16.48 28.84 28.78
N ASN C 129 16.09 27.91 29.65
CA ASN C 129 16.07 28.15 31.08
C ASN C 129 17.47 28.20 31.68
N THR C 130 18.43 27.56 31.01
CA THR C 130 19.82 27.59 31.46
C THR C 130 20.52 28.85 30.98
N ASN C 131 19.75 29.76 30.37
CA ASN C 131 20.28 30.99 29.81
C ASN C 131 21.34 30.71 28.74
N PHE C 132 21.15 29.60 28.02
CA PHE C 132 22.05 29.18 26.94
C PHE C 132 23.49 29.03 27.40
N ARG C 133 23.66 28.58 28.65
CA ARG C 133 24.97 28.28 29.19
C ARG C 133 25.10 26.78 29.40
N GLY C 134 24.04 26.05 29.08
CA GLY C 134 24.06 24.60 29.09
C GLY C 134 23.78 23.98 30.44
N VAL C 135 23.52 22.68 30.42
CA VAL C 135 23.29 21.93 31.65
C VAL C 135 24.58 21.26 32.11
N SER C 136 24.50 20.45 33.15
CA SER C 136 25.66 19.72 33.65
C SER C 136 26.06 18.63 32.67
N LEU C 137 27.25 18.07 32.87
CA LEU C 137 27.75 17.01 32.00
C LEU C 137 27.11 15.67 32.36
N ASN C 138 26.80 15.48 33.63
CA ASN C 138 26.17 14.25 34.11
C ASN C 138 24.77 14.07 33.52
N LEU C 139 24.00 15.14 33.58
CA LEU C 139 22.66 15.15 32.99
C LEU C 139 22.73 14.91 31.48
N THR C 140 23.76 15.48 30.86
CA THR C 140 24.01 15.28 29.44
C THR C 140 24.32 13.81 29.16
N ARG C 141 25.00 13.17 30.09
CA ARG C 141 25.32 11.75 29.98
C ARG C 141 24.06 10.89 30.05
N LYS C 142 23.20 11.17 31.03
CA LYS C 142 21.95 10.43 31.15
C LYS C 142 21.07 10.60 29.91
N PHE C 143 20.92 11.86 29.48
CA PHE C 143 20.20 12.17 28.25
C PHE C 143 20.76 11.35 27.09
N ALA C 144 22.08 11.37 26.95
CA ALA C 144 22.76 10.65 25.88
C ALA C 144 22.43 9.16 25.90
N GLN C 145 22.55 8.54 27.07
CA GLN C 145 22.29 7.11 27.19
C GLN C 145 20.86 6.77 26.82
N GLN C 146 19.91 7.55 27.35
CA GLN C 146 18.49 7.33 27.03
C GLN C 146 18.24 7.45 25.52
N MET C 147 18.86 8.46 24.91
CA MET C 147 18.72 8.68 23.47
C MET C 147 19.28 7.52 22.65
N CYS C 148 20.43 7.00 23.06
CA CYS C 148 21.06 5.89 22.36
C CYS C 148 20.22 4.62 22.49
N THR C 149 19.62 4.42 23.66
CA THR C 149 18.71 3.29 23.86
C THR C 149 17.49 3.43 22.95
N ALA C 150 16.98 4.64 22.84
CA ALA C 150 15.83 4.92 21.98
C ALA C 150 16.15 4.63 20.51
N LEU C 151 17.30 5.12 20.04
CA LEU C 151 17.72 4.92 18.66
C LEU C 151 18.06 3.45 18.40
N LEU C 152 18.43 2.73 19.45
CA LEU C 152 18.68 1.30 19.33
C LEU C 152 17.35 0.56 19.21
N PHE C 153 16.31 1.11 19.84
CA PHE C 153 14.97 0.55 19.72
C PHE C 153 14.40 0.79 18.33
N LEU C 154 14.63 1.99 17.79
CA LEU C 154 14.16 2.32 16.45
C LEU C 154 14.89 1.50 15.39
N ALA C 155 16.04 0.94 15.77
CA ALA C 155 16.87 0.17 14.85
C ALA C 155 16.50 -1.31 14.86
N THR C 156 15.37 -1.64 15.48
CA THR C 156 14.86 -3.00 15.45
C THR C 156 14.52 -3.37 14.00
N PRO C 157 15.04 -4.51 13.52
CA PRO C 157 14.86 -4.97 12.14
C PRO C 157 13.40 -4.98 11.67
N GLU C 158 12.47 -5.24 12.57
CA GLU C 158 11.06 -5.26 12.21
C GLU C 158 10.49 -3.84 12.07
N LEU C 159 11.17 -2.87 12.65
CA LEU C 159 10.73 -1.48 12.57
C LEU C 159 11.51 -0.70 11.51
N SER C 160 12.81 -0.53 11.74
CA SER C 160 13.69 0.20 10.82
C SER C 160 13.18 1.62 10.59
N ILE C 161 13.02 2.38 11.67
CA ILE C 161 12.41 3.69 11.60
C ILE C 161 13.43 4.82 11.66
N ILE C 162 13.32 5.76 10.73
CA ILE C 162 14.15 6.95 10.71
C ILE C 162 13.34 8.16 11.17
N HIS C 163 13.73 8.78 12.28
CA HIS C 163 12.94 9.90 12.80
C HIS C 163 12.93 11.08 11.83
N CYS C 164 14.06 11.29 11.14
CA CYS C 164 14.18 12.30 10.10
C CYS C 164 13.96 13.74 10.57
N ASP C 165 14.02 13.98 11.88
CA ASP C 165 13.86 15.33 12.41
C ASP C 165 14.21 15.45 13.89
N LEU C 166 15.33 14.86 14.30
CA LEU C 166 15.78 14.96 15.69
C LEU C 166 16.14 16.40 16.03
N LYS C 167 15.65 16.86 17.17
CA LYS C 167 15.80 18.26 17.58
C LYS C 167 15.41 18.39 19.06
N PRO C 168 16.08 19.29 19.81
CA PRO C 168 15.77 19.57 21.21
C PRO C 168 14.28 19.78 21.51
N GLU C 169 13.52 20.24 20.52
CA GLU C 169 12.11 20.54 20.74
C GLU C 169 11.24 19.28 20.66
N ASN C 170 11.85 18.13 20.36
CA ASN C 170 11.10 16.88 20.26
C ASN C 170 11.54 15.84 21.28
N ILE C 171 12.32 16.27 22.27
CA ILE C 171 12.73 15.40 23.36
C ILE C 171 12.23 15.99 24.67
N LEU C 172 11.16 15.42 25.22
CA LEU C 172 10.49 16.04 26.35
C LEU C 172 10.72 15.32 27.68
N LEU C 173 10.67 16.07 28.77
CA LEU C 173 10.78 15.49 30.10
C LEU C 173 9.44 14.96 30.58
N CYS C 174 9.44 13.75 31.13
CA CYS C 174 8.22 13.17 31.68
C CYS C 174 7.83 13.92 32.96
N ASN C 175 8.76 13.93 33.91
CA ASN C 175 8.60 14.68 35.15
C ASN C 175 9.62 15.80 35.20
N PRO C 176 9.18 17.04 35.49
CA PRO C 176 10.03 18.23 35.49
C PRO C 176 11.32 18.08 36.31
N LYS C 177 11.28 17.27 37.37
CA LYS C 177 12.46 17.09 38.21
C LYS C 177 13.29 15.87 37.78
N ARG C 178 12.61 14.78 37.44
CA ARG C 178 13.31 13.57 36.99
C ARG C 178 14.00 13.82 35.65
N SER C 179 15.04 13.05 35.38
CA SER C 179 15.82 13.23 34.15
C SER C 179 15.27 12.40 33.00
N ALA C 180 14.11 11.80 33.20
CA ALA C 180 13.49 10.95 32.19
C ALA C 180 13.05 11.77 30.97
N ILE C 181 13.30 11.23 29.78
CA ILE C 181 12.90 11.89 28.54
C ILE C 181 12.27 10.92 27.54
N LYS C 182 11.41 11.46 26.67
CA LYS C 182 10.80 10.68 25.61
C LYS C 182 10.85 11.42 24.28
N ILE C 183 10.88 10.64 23.19
CA ILE C 183 10.94 11.16 21.83
C ILE C 183 9.53 11.45 21.32
N VAL C 184 9.38 12.57 20.60
CA VAL C 184 8.06 13.01 20.15
C VAL C 184 8.03 13.37 18.65
N ASP C 185 6.82 13.41 18.10
CA ASP C 185 6.55 13.91 16.75
C ASP C 185 7.11 13.01 15.66
N PHE C 186 6.33 11.99 15.28
CA PHE C 186 6.72 11.08 14.22
C PHE C 186 5.87 11.29 12.96
N GLY C 187 5.56 12.55 12.66
CA GLY C 187 4.79 12.89 11.48
C GLY C 187 5.68 13.11 10.28
N SER C 188 6.96 13.39 10.52
CA SER C 188 7.93 13.62 9.47
C SER C 188 8.85 12.42 9.31
N SER C 189 8.44 11.30 9.88
CA SER C 189 9.28 10.09 9.90
C SER C 189 9.52 9.50 8.52
N CYS C 190 10.75 9.59 8.05
CA CYS C 190 11.19 8.84 6.88
C CYS C 190 11.46 7.41 7.32
N GLN C 191 11.60 6.49 6.37
CA GLN C 191 11.87 5.11 6.74
C GLN C 191 12.92 4.49 5.82
N LEU C 192 13.57 3.44 6.30
CA LEU C 192 14.53 2.70 5.49
C LEU C 192 13.83 2.09 4.27
N GLY C 193 14.25 2.47 3.08
CA GLY C 193 13.68 1.98 1.84
C GLY C 193 14.19 2.77 0.64
N GLN C 194 13.47 2.77 -0.47
CA GLN C 194 13.90 3.53 -1.65
C GLN C 194 13.74 5.01 -1.35
N ARG C 195 14.77 5.77 -1.69
CA ARG C 195 14.78 7.21 -1.49
C ARG C 195 13.78 7.99 -2.34
N ILE C 196 12.91 8.73 -1.67
CA ILE C 196 11.88 9.49 -2.37
C ILE C 196 11.96 10.96 -1.96
N TYR C 197 12.40 11.20 -0.74
CA TYR C 197 12.47 12.54 -0.18
C TYR C 197 13.92 12.97 0.02
N GLN C 198 14.25 14.16 -0.47
CA GLN C 198 15.64 14.64 -0.45
C GLN C 198 15.86 15.80 0.51
N PTR C 199 14.89 16.70 0.60
CA PTR C 199 14.99 17.84 1.49
C PTR C 199 14.38 17.49 2.84
O PTR C 199 13.35 18.03 3.23
CB PTR C 199 14.30 19.04 0.86
CG PTR C 199 14.48 20.35 1.59
CD1 PTR C 199 15.68 21.04 1.55
CD2 PTR C 199 13.42 20.93 2.29
CE1 PTR C 199 15.83 22.25 2.21
CE2 PTR C 199 13.56 22.13 2.95
CZ PTR C 199 14.78 22.79 2.91
OH PTR C 199 14.92 23.93 3.52
P PTR C 199 15.45 24.05 5.03
O1P PTR C 199 16.93 23.64 5.10
O2P PTR C 199 14.64 23.17 5.90
O3P PTR C 199 15.29 25.52 5.49
N ILE C 200 15.04 16.57 3.56
CA ILE C 200 14.53 16.12 4.84
C ILE C 200 15.36 16.69 6.00
N GLN C 201 14.87 16.52 7.21
CA GLN C 201 15.55 16.92 8.45
C GLN C 201 15.67 18.43 8.63
N SER C 202 15.72 18.85 9.90
CA SER C 202 15.92 20.26 10.23
C SER C 202 17.31 20.71 9.81
N ARG C 203 17.46 22.01 9.54
CA ARG C 203 18.67 22.56 8.98
C ARG C 203 19.91 22.31 9.84
N PHE C 204 19.82 22.61 11.12
CA PHE C 204 20.97 22.53 12.03
C PHE C 204 21.46 21.09 12.23
N TYR C 205 20.53 20.14 12.13
CA TYR C 205 20.82 18.76 12.52
C TYR C 205 20.78 17.84 11.29
N ARG C 206 20.83 18.46 10.12
CA ARG C 206 20.83 17.72 8.87
C ARG C 206 22.14 16.97 8.66
N SER C 207 22.05 15.65 8.50
CA SER C 207 23.23 14.81 8.32
C SER C 207 23.99 15.18 7.05
N PRO C 208 25.28 14.84 6.98
CA PRO C 208 26.04 15.16 5.77
C PRO C 208 25.53 14.40 4.55
N GLU C 209 24.96 13.23 4.77
CA GLU C 209 24.45 12.41 3.68
C GLU C 209 23.20 13.02 3.06
N VAL C 210 22.37 13.66 3.88
CA VAL C 210 21.19 14.34 3.37
C VAL C 210 21.61 15.62 2.64
N LEU C 211 22.60 16.31 3.21
CA LEU C 211 23.19 17.47 2.56
C LEU C 211 23.87 17.08 1.26
N LEU C 212 24.17 15.79 1.12
CA LEU C 212 24.87 15.25 -0.04
C LEU C 212 23.91 14.93 -1.20
N GLY C 213 23.02 13.97 -0.98
CA GLY C 213 22.08 13.58 -2.01
C GLY C 213 22.20 12.12 -2.39
N MET C 214 22.82 11.35 -1.50
CA MET C 214 23.03 9.92 -1.71
C MET C 214 22.26 9.13 -0.65
N PRO C 215 22.03 7.82 -0.91
CA PRO C 215 21.32 6.91 0.00
C PRO C 215 21.49 7.19 1.49
N TYR C 216 20.37 7.23 2.21
CA TYR C 216 20.38 7.56 3.62
C TYR C 216 19.66 6.50 4.45
N ASP C 217 20.01 6.42 5.74
CA ASP C 217 19.42 5.43 6.62
C ASP C 217 19.22 5.99 8.03
N LEU C 218 19.26 5.11 9.03
CA LEU C 218 19.01 5.50 10.41
C LEU C 218 20.19 6.26 11.02
N ALA C 219 21.38 6.05 10.47
CA ALA C 219 22.59 6.71 10.93
C ALA C 219 22.38 8.22 11.02
N ILE C 220 21.61 8.76 10.08
CA ILE C 220 21.18 10.15 10.08
C ILE C 220 20.81 10.65 11.47
N ASP C 221 19.86 9.95 12.09
CA ASP C 221 19.38 10.33 13.42
C ASP C 221 20.55 10.43 14.39
N MET C 222 21.38 9.40 14.40
CA MET C 222 22.57 9.37 15.26
C MET C 222 23.37 10.64 15.06
N TRP C 223 23.58 11.02 13.81
CA TRP C 223 24.29 12.25 13.49
C TRP C 223 23.67 13.42 14.26
N SER C 224 22.38 13.62 14.04
CA SER C 224 21.65 14.71 14.69
C SER C 224 21.83 14.60 16.20
N LEU C 225 21.76 13.38 16.71
CA LEU C 225 21.89 13.13 18.14
C LEU C 225 23.18 13.76 18.66
N GLY C 226 24.28 13.52 17.94
CA GLY C 226 25.55 14.11 18.30
C GLY C 226 25.40 15.61 18.44
N CYS C 227 24.89 16.23 17.37
CA CYS C 227 24.72 17.68 17.33
C CYS C 227 23.82 18.16 18.46
N ILE C 228 22.94 17.28 18.93
CA ILE C 228 22.06 17.62 20.04
C ILE C 228 22.86 17.62 21.34
N LEU C 229 23.62 16.56 21.57
CA LEU C 229 24.33 16.35 22.83
C LEU C 229 25.18 17.56 23.21
N VAL C 230 26.08 17.94 22.31
CA VAL C 230 26.92 19.12 22.50
C VAL C 230 26.07 20.35 22.85
N GLU C 231 24.99 20.54 22.09
CA GLU C 231 24.12 21.70 22.27
C GLU C 231 23.53 21.74 23.67
N MET C 232 23.38 20.58 24.28
CA MET C 232 22.79 20.50 25.61
C MET C 232 23.73 21.02 26.69
N HIS C 233 25.03 20.95 26.44
CA HIS C 233 26.00 21.34 27.48
C HIS C 233 26.57 22.74 27.26
N THR C 234 26.66 23.16 26.00
CA THR C 234 27.05 24.53 25.70
C THR C 234 25.86 25.43 25.90
N GLY C 235 24.67 24.91 25.58
CA GLY C 235 23.44 25.65 25.69
C GLY C 235 23.08 26.33 24.38
N GLU C 236 23.96 26.16 23.39
CA GLU C 236 23.81 26.85 22.12
C GLU C 236 24.09 25.89 20.95
N PRO C 237 23.34 26.05 19.84
CA PRO C 237 23.43 25.16 18.68
C PRO C 237 24.83 25.07 18.10
N LEU C 238 25.28 23.85 17.86
CA LEU C 238 26.63 23.60 17.36
C LEU C 238 26.83 24.15 15.95
N PHE C 239 25.92 23.82 15.05
CA PHE C 239 26.02 24.23 13.67
C PHE C 239 24.87 25.15 13.28
N SER C 240 24.95 26.41 13.71
CA SER C 240 23.86 27.36 13.57
C SER C 240 23.87 28.11 12.24
N GLY C 241 24.06 27.39 11.14
CA GLY C 241 24.05 28.00 9.82
C GLY C 241 22.65 28.36 9.37
N ALA C 242 22.49 29.57 8.85
CA ALA C 242 21.20 30.03 8.34
C ALA C 242 20.99 29.55 6.90
N ASN C 243 22.01 28.89 6.36
CA ASN C 243 21.95 28.33 5.01
C ASN C 243 22.47 26.89 4.99
N GLU C 244 22.26 26.20 3.87
CA GLU C 244 22.73 24.82 3.72
C GLU C 244 24.25 24.78 3.52
N VAL C 245 24.73 25.66 2.65
CA VAL C 245 26.15 25.77 2.40
C VAL C 245 26.85 26.31 3.66
N ASP C 246 26.11 27.10 4.44
CA ASP C 246 26.64 27.59 5.71
C ASP C 246 26.69 26.44 6.70
N GLN C 247 25.74 25.51 6.55
CA GLN C 247 25.73 24.30 7.37
C GLN C 247 27.01 23.52 7.14
N MET C 248 27.25 23.17 5.88
CA MET C 248 28.47 22.45 5.51
C MET C 248 29.72 23.20 5.98
N ASN C 249 29.70 24.51 5.77
CA ASN C 249 30.79 25.38 6.19
C ASN C 249 31.05 25.28 7.68
N LYS C 250 29.99 25.06 8.45
CA LYS C 250 30.11 24.85 9.89
C LYS C 250 30.71 23.47 10.18
N ILE C 251 30.37 22.49 9.35
CA ILE C 251 30.87 21.12 9.57
C ILE C 251 32.38 20.97 9.31
N VAL C 252 32.84 21.45 8.16
CA VAL C 252 34.24 21.23 7.79
C VAL C 252 35.21 22.01 8.69
N GLU C 253 34.76 23.12 9.25
CA GLU C 253 35.57 23.89 10.19
C GLU C 253 36.00 23.03 11.36
N VAL C 254 35.04 22.32 11.95
CA VAL C 254 35.33 21.51 13.11
C VAL C 254 36.00 20.19 12.71
N LEU C 255 35.72 19.67 11.51
CA LEU C 255 36.39 18.40 11.19
C LEU C 255 36.73 18.17 9.72
N GLY C 256 37.23 19.21 9.06
CA GLY C 256 37.90 19.07 7.78
C GLY C 256 37.17 18.44 6.61
N ILE C 257 37.93 18.20 5.55
CA ILE C 257 37.42 17.66 4.30
C ILE C 257 37.04 16.18 4.42
N PRO C 258 35.84 15.81 3.91
CA PRO C 258 35.36 14.43 3.89
C PRO C 258 36.23 13.52 3.00
N PRO C 259 36.17 12.19 3.22
CA PRO C 259 36.95 11.22 2.43
C PRO C 259 36.73 11.37 0.93
N ALA C 260 37.81 11.50 0.17
CA ALA C 260 37.74 11.79 -1.26
C ALA C 260 36.84 10.83 -2.05
N HIS C 261 36.81 9.57 -1.63
CA HIS C 261 36.10 8.54 -2.40
C HIS C 261 34.58 8.68 -2.36
N ILE C 262 34.03 9.19 -1.26
CA ILE C 262 32.57 9.37 -1.19
C ILE C 262 32.15 10.66 -1.91
N LEU C 263 33.08 11.59 -2.07
CA LEU C 263 32.82 12.77 -2.89
C LEU C 263 32.92 12.39 -4.35
N ASP C 264 33.75 11.39 -4.64
CA ASP C 264 33.86 10.82 -5.98
C ASP C 264 32.53 10.27 -6.46
N GLN C 265 31.70 9.84 -5.50
CA GLN C 265 30.45 9.14 -5.80
C GLN C 265 29.23 10.02 -5.54
N ALA C 266 29.46 11.31 -5.28
CA ALA C 266 28.39 12.22 -4.86
C ALA C 266 27.73 12.95 -6.03
N PRO C 267 26.38 12.94 -6.05
CA PRO C 267 25.53 13.62 -7.04
C PRO C 267 25.73 15.13 -7.11
N LYS C 268 25.86 15.80 -5.96
CA LYS C 268 26.23 17.20 -5.97
C LYS C 268 27.36 17.50 -4.99
N ALA C 269 28.54 16.96 -5.31
CA ALA C 269 29.75 17.25 -4.54
C ALA C 269 30.29 18.62 -4.91
N ARG C 270 29.84 19.14 -6.05
CA ARG C 270 30.27 20.44 -6.53
C ARG C 270 29.52 21.58 -5.83
N LYS C 271 28.88 21.26 -4.72
CA LYS C 271 28.13 22.23 -3.94
C LYS C 271 29.05 23.19 -3.20
N PHE C 272 30.00 22.63 -2.44
CA PHE C 272 30.92 23.45 -1.66
C PHE C 272 32.35 22.90 -1.71
N PHE C 273 32.69 22.27 -2.82
CA PHE C 273 34.04 21.76 -3.02
C PHE C 273 34.53 21.99 -4.45
N TRP C 281 40.15 17.05 -2.64
CA TRP C 281 39.10 18.06 -2.71
C TRP C 281 39.47 19.28 -1.87
N ASN C 282 38.79 20.39 -2.15
CA ASN C 282 39.15 21.72 -1.60
C ASN C 282 37.99 22.72 -1.63
N LEU C 283 38.14 23.80 -0.89
CA LEU C 283 37.10 24.83 -0.68
C LEU C 283 36.46 25.40 -1.93
N LYS C 284 35.50 26.29 -1.72
CA LYS C 284 34.80 27.00 -2.80
C LYS C 284 34.29 28.35 -2.28
N LYS C 285 34.43 29.38 -3.13
CA LYS C 285 34.01 30.75 -2.83
C LYS C 285 32.74 30.86 -1.98
N ARG C 291 31.57 38.89 6.31
CA ARG C 291 33.00 38.87 6.60
C ARG C 291 33.62 37.52 6.22
N GLU C 292 34.80 37.25 6.77
CA GLU C 292 35.52 36.02 6.46
C GLU C 292 35.24 34.92 7.47
N TYR C 293 35.38 33.67 7.04
CA TYR C 293 35.15 32.53 7.93
C TYR C 293 36.46 31.90 8.38
N LYS C 294 36.41 30.62 8.72
CA LYS C 294 37.56 29.92 9.27
C LYS C 294 38.05 28.78 8.37
N PRO C 295 39.35 28.47 8.44
CA PRO C 295 39.98 27.36 7.71
C PRO C 295 39.50 25.98 8.16
N PRO C 296 39.54 24.99 7.26
CA PRO C 296 39.08 23.61 7.50
C PRO C 296 39.90 22.83 8.52
N GLY C 297 39.50 22.87 9.78
CA GLY C 297 40.16 22.10 10.82
C GLY C 297 40.49 22.90 12.06
N THR C 298 40.34 24.22 11.97
CA THR C 298 40.71 25.13 13.05
C THR C 298 39.94 24.86 14.34
N ARG C 299 38.62 25.01 14.28
CA ARG C 299 37.79 24.90 15.47
C ARG C 299 37.68 23.46 15.99
N LYS C 300 38.65 23.05 16.78
CA LYS C 300 38.61 21.72 17.39
C LYS C 300 37.47 21.61 18.39
N LEU C 301 36.94 20.41 18.55
CA LEU C 301 35.85 20.16 19.49
C LEU C 301 36.30 20.40 20.93
N HIS C 302 37.57 20.11 21.19
CA HIS C 302 38.17 20.30 22.51
C HIS C 302 37.99 21.73 23.00
N ASN C 303 38.13 22.67 22.07
CA ASN C 303 37.98 24.10 22.38
C ASN C 303 36.55 24.45 22.77
N ILE C 304 35.59 23.87 22.05
CA ILE C 304 34.19 24.15 22.30
C ILE C 304 33.72 23.55 23.62
N LEU C 305 34.15 22.31 23.89
CA LEU C 305 33.80 21.66 25.14
C LEU C 305 34.54 22.27 26.32
N GLY C 306 35.72 22.83 26.05
CA GLY C 306 36.52 23.45 27.08
C GLY C 306 37.12 22.42 28.02
N VAL C 307 37.85 21.46 27.45
CA VAL C 307 38.46 20.39 28.23
C VAL C 307 39.55 20.91 29.16
N GLU C 308 40.53 21.60 28.60
CA GLU C 308 41.63 22.16 29.39
C GLU C 308 41.11 23.20 30.37
N THR C 309 40.06 23.91 29.98
CA THR C 309 39.44 24.91 30.84
C THR C 309 38.37 24.26 31.71
N GLY C 310 37.58 25.08 32.39
CA GLY C 310 36.50 24.58 33.22
C GLY C 310 35.21 24.46 32.43
N GLY C 311 35.26 23.67 31.36
CA GLY C 311 34.11 23.52 30.49
C GLY C 311 33.81 24.78 29.70
N PRO C 312 32.57 24.94 29.25
CA PRO C 312 32.13 26.13 28.51
C PRO C 312 32.04 27.36 29.41
N GLY C 313 32.97 28.30 29.25
CA GLY C 313 32.92 29.54 29.98
C GLY C 313 33.54 29.47 31.37
N GLY C 314 34.09 28.32 31.72
CA GLY C 314 34.73 28.15 33.01
C GLY C 314 33.76 28.01 34.16
N ARG C 315 32.51 27.69 33.84
CA ARG C 315 31.48 27.50 34.85
C ARG C 315 31.56 26.10 35.44
N ARG C 316 32.14 25.19 34.67
CA ARG C 316 32.31 23.81 35.11
C ARG C 316 33.66 23.63 35.81
N ALA C 317 34.30 24.75 36.12
CA ALA C 317 35.60 24.74 36.79
C ALA C 317 35.45 24.40 38.27
N GLY C 318 36.14 23.35 38.71
CA GLY C 318 36.07 22.92 40.09
C GLY C 318 34.69 22.43 40.48
N GLU C 319 34.26 21.33 39.84
CA GLU C 319 32.95 20.76 40.11
C GLU C 319 32.94 19.26 39.84
N SER C 320 32.32 18.50 40.75
CA SER C 320 32.21 17.06 40.62
C SER C 320 31.53 16.66 39.32
N GLY C 321 31.96 15.54 38.74
CA GLY C 321 31.40 15.04 37.50
C GLY C 321 31.74 15.92 36.30
N HIS C 322 32.51 16.98 36.54
CA HIS C 322 32.86 17.94 35.51
C HIS C 322 34.37 18.15 35.41
N THR C 323 35.13 17.17 35.90
CA THR C 323 36.58 17.27 35.87
C THR C 323 37.10 17.20 34.44
N VAL C 324 38.42 17.29 34.29
CA VAL C 324 39.04 17.27 32.97
C VAL C 324 38.92 15.88 32.33
N ALA C 325 39.00 14.84 33.15
CA ALA C 325 39.00 13.46 32.66
C ALA C 325 37.71 13.07 31.96
N ASP C 326 36.58 13.52 32.50
CA ASP C 326 35.27 13.14 31.99
C ASP C 326 35.08 13.49 30.52
N TYR C 327 35.78 14.54 30.07
CA TYR C 327 35.66 15.01 28.70
C TYR C 327 36.36 14.10 27.69
N LEU C 328 37.05 13.08 28.19
CA LEU C 328 37.74 12.14 27.31
C LEU C 328 36.73 11.27 26.57
N LYS C 329 35.86 10.61 27.31
CA LYS C 329 34.91 9.67 26.72
C LYS C 329 33.82 10.37 25.93
N PHE C 330 33.38 11.53 26.39
CA PHE C 330 32.30 12.27 25.74
C PHE C 330 32.66 12.64 24.31
N LYS C 331 33.65 13.52 24.16
CA LYS C 331 34.09 13.99 22.86
C LYS C 331 34.34 12.85 21.89
N ASP C 332 35.11 11.85 22.34
CA ASP C 332 35.39 10.67 21.54
C ASP C 332 34.10 10.06 20.99
N LEU C 333 33.13 9.84 21.88
CA LEU C 333 31.85 9.30 21.48
C LEU C 333 31.24 10.18 20.39
N ILE C 334 31.24 11.48 20.63
CA ILE C 334 30.73 12.45 19.66
C ILE C 334 31.42 12.24 18.31
N LEU C 335 32.74 12.05 18.35
CA LEU C 335 33.52 11.87 17.13
C LEU C 335 33.04 10.65 16.35
N ARG C 336 32.66 9.60 17.06
CA ARG C 336 32.17 8.40 16.38
C ARG C 336 30.75 8.63 15.89
N MET C 337 30.02 9.49 16.59
CA MET C 337 28.67 9.83 16.20
C MET C 337 28.69 10.73 14.98
N LEU C 338 29.66 11.64 14.95
CA LEU C 338 29.77 12.58 13.85
C LEU C 338 30.77 12.10 12.81
N ASP C 339 30.86 10.78 12.65
CA ASP C 339 31.67 10.18 11.61
C ASP C 339 31.08 10.53 10.25
N TYR C 340 31.95 10.86 9.30
CA TYR C 340 31.54 11.18 7.94
C TYR C 340 31.08 9.93 7.18
N ASP C 341 31.31 8.77 7.78
CA ASP C 341 31.06 7.49 7.12
C ASP C 341 29.82 6.80 7.68
N PRO C 342 28.64 7.03 7.04
CA PRO C 342 27.37 6.50 7.52
C PRO C 342 27.35 4.98 7.59
N LYS C 343 28.08 4.33 6.70
CA LYS C 343 28.18 2.88 6.69
C LYS C 343 28.89 2.38 7.95
N THR C 344 29.79 3.20 8.48
CA THR C 344 30.53 2.84 9.69
C THR C 344 30.37 3.87 10.80
N ARG C 345 29.49 4.84 10.60
CA ARG C 345 29.12 5.76 11.68
C ARG C 345 28.56 4.91 12.81
N ILE C 346 28.93 5.24 14.04
CA ILE C 346 28.67 4.34 15.16
C ILE C 346 27.18 4.01 15.27
N GLN C 347 26.90 2.71 15.23
CA GLN C 347 25.54 2.22 15.30
C GLN C 347 24.95 2.57 16.65
N PRO C 348 23.60 2.62 16.74
CA PRO C 348 22.92 2.85 18.02
C PRO C 348 23.28 1.80 19.08
N TYR C 349 23.90 0.69 18.66
CA TYR C 349 24.22 -0.41 19.56
C TYR C 349 25.44 -0.15 20.45
N TYR C 350 26.62 -0.10 19.83
CA TYR C 350 27.88 -0.09 20.56
C TYR C 350 28.10 1.14 21.45
N ALA C 351 27.42 2.23 21.14
CA ALA C 351 27.57 3.48 21.87
C ALA C 351 27.23 3.33 23.35
N LEU C 352 26.42 2.32 23.68
CA LEU C 352 26.04 2.07 25.07
C LEU C 352 27.18 1.43 25.86
N GLN C 353 28.07 0.73 25.16
CA GLN C 353 29.19 0.06 25.80
C GLN C 353 30.32 1.04 26.10
N HIS C 354 30.17 2.27 25.61
CA HIS C 354 31.21 3.29 25.73
C HIS C 354 31.55 3.57 27.19
N SER C 355 32.81 3.91 27.43
CA SER C 355 33.33 4.20 28.77
C SER C 355 32.61 5.37 29.42
N PHE C 356 32.02 6.21 28.57
CA PHE C 356 31.27 7.37 29.02
C PHE C 356 30.13 6.95 29.94
N PHE C 357 29.48 5.86 29.59
CA PHE C 357 28.36 5.34 30.36
C PHE C 357 28.82 4.32 31.40
N LYS D 12 14.77 35.29 9.11
CA LYS D 12 15.18 33.95 8.73
C LYS D 12 15.04 33.73 7.22
N VAL D 13 15.75 32.73 6.70
CA VAL D 13 15.72 32.43 5.28
C VAL D 13 15.34 30.96 5.04
N TYR D 14 14.38 30.72 4.16
CA TYR D 14 13.84 29.38 3.96
C TYR D 14 14.18 28.80 2.59
N ASN D 15 14.77 27.61 2.59
CA ASN D 15 15.26 26.96 1.38
C ASN D 15 16.11 27.89 0.53
N ASP D 16 17.12 28.49 1.16
CA ASP D 16 18.10 29.33 0.48
C ASP D 16 17.47 30.52 -0.24
N GLY D 17 16.35 31.00 0.28
CA GLY D 17 15.72 32.20 -0.25
C GLY D 17 14.76 31.97 -1.39
N TYR D 18 14.54 30.70 -1.74
CA TYR D 18 13.61 30.36 -2.81
C TYR D 18 12.18 30.21 -2.29
N ASP D 19 12.06 29.77 -1.05
CA ASP D 19 10.74 29.56 -0.45
C ASP D 19 10.42 30.64 0.58
N ASP D 20 9.13 30.89 0.77
CA ASP D 20 8.68 31.80 1.82
C ASP D 20 8.54 31.02 3.12
N ASP D 21 7.77 31.57 4.06
CA ASP D 21 7.61 30.91 5.36
C ASP D 21 6.54 29.82 5.32
N ASN D 22 5.77 29.78 4.23
CA ASN D 22 4.75 28.75 4.06
C ASN D 22 5.15 27.70 3.03
N TYR D 23 6.45 27.48 2.88
CA TYR D 23 7.00 26.48 1.96
C TYR D 23 6.64 26.70 0.49
N ASP D 24 5.83 27.73 0.21
CA ASP D 24 5.50 28.08 -1.16
C ASP D 24 6.74 28.58 -1.89
N TYR D 25 6.81 28.36 -3.19
CA TYR D 25 7.90 28.88 -3.99
C TYR D 25 7.63 30.35 -4.32
N ILE D 26 8.66 31.18 -4.20
CA ILE D 26 8.52 32.60 -4.50
C ILE D 26 8.47 32.83 -6.01
N VAL D 27 7.27 33.05 -6.52
CA VAL D 27 7.06 33.21 -7.96
C VAL D 27 7.66 34.52 -8.48
N LYS D 28 8.48 34.41 -9.52
CA LYS D 28 9.07 35.59 -10.15
C LYS D 28 8.63 35.68 -11.62
N ASN D 29 8.08 36.83 -11.98
CA ASN D 29 7.61 37.05 -13.35
C ASN D 29 8.76 37.18 -14.34
N GLY D 30 8.75 36.33 -15.36
CA GLY D 30 9.79 36.36 -16.38
C GLY D 30 10.95 35.43 -16.05
N GLU D 31 10.88 34.79 -14.89
CA GLU D 31 11.90 33.85 -14.46
C GLU D 31 11.98 32.67 -15.43
N LYS D 32 13.14 32.03 -15.48
CA LYS D 32 13.36 30.95 -16.44
C LYS D 32 13.89 29.70 -15.74
N TRP D 33 13.24 28.56 -16.02
CA TRP D 33 13.63 27.30 -15.40
C TRP D 33 14.25 26.34 -16.41
N MET D 34 15.42 25.81 -16.07
CA MET D 34 16.03 24.70 -16.79
C MET D 34 16.23 24.96 -18.29
N ASP D 35 16.46 26.22 -18.65
CA ASP D 35 16.64 26.62 -20.04
C ASP D 35 15.49 26.14 -20.92
N ARG D 36 14.26 26.30 -20.44
CA ARG D 36 13.11 25.78 -21.15
C ARG D 36 11.81 26.49 -20.78
N TYR D 37 11.47 26.46 -19.50
CA TYR D 37 10.21 27.03 -19.04
C TYR D 37 10.35 28.50 -18.66
N GLU D 38 9.68 29.36 -19.42
CA GLU D 38 9.68 30.79 -19.14
C GLU D 38 8.42 31.17 -18.39
N ILE D 39 8.56 31.39 -17.09
CA ILE D 39 7.42 31.70 -16.22
C ILE D 39 6.78 33.03 -16.60
N ASP D 40 5.59 32.97 -17.19
CA ASP D 40 4.88 34.18 -17.58
C ASP D 40 4.29 34.88 -16.36
N SER D 41 3.45 34.18 -15.61
CA SER D 41 2.82 34.79 -14.44
C SER D 41 2.25 33.80 -13.44
N LEU D 42 1.57 34.33 -12.41
CA LEU D 42 0.90 33.53 -11.40
C LEU D 42 -0.62 33.63 -11.60
N ILE D 43 -1.25 32.50 -11.89
CA ILE D 43 -2.65 32.50 -12.28
C ILE D 43 -3.60 31.91 -11.23
N GLY D 44 -3.03 31.33 -10.17
CA GLY D 44 -3.85 30.75 -9.12
C GLY D 44 -3.08 30.34 -7.89
N LYS D 45 -3.76 30.33 -6.74
CA LYS D 45 -3.17 29.90 -5.48
C LYS D 45 -4.11 28.89 -4.81
N GLY D 46 -3.57 28.09 -3.90
CA GLY D 46 -4.36 27.11 -3.20
C GLY D 46 -3.66 26.51 -1.99
N SER D 47 -4.24 25.46 -1.43
CA SER D 47 -3.67 24.78 -0.28
C SER D 47 -2.44 23.95 -0.67
N PHE D 48 -2.46 23.44 -1.90
CA PHE D 48 -1.42 22.55 -2.40
C PHE D 48 -0.13 23.30 -2.71
N GLY D 49 -0.26 24.57 -3.08
CA GLY D 49 0.88 25.38 -3.49
C GLY D 49 0.46 26.51 -4.40
N GLN D 50 1.01 26.52 -5.61
CA GLN D 50 0.70 27.59 -6.56
C GLN D 50 0.58 27.06 -8.00
N VAL D 51 -0.08 27.84 -8.84
CA VAL D 51 -0.18 27.50 -10.26
C VAL D 51 0.30 28.68 -11.11
N VAL D 52 1.29 28.42 -11.95
CA VAL D 52 1.86 29.48 -12.78
C VAL D 52 1.64 29.23 -14.27
N LYS D 53 1.36 30.31 -14.99
CA LYS D 53 1.30 30.27 -16.45
C LYS D 53 2.72 30.43 -16.98
N ALA D 54 3.18 29.43 -17.74
CA ALA D 54 4.54 29.47 -18.26
C ALA D 54 4.58 29.04 -19.72
N TYR D 55 5.63 29.45 -20.43
CA TYR D 55 5.79 29.07 -21.83
C TYR D 55 6.85 27.98 -21.97
N ASP D 56 6.52 26.94 -22.73
CA ASP D 56 7.45 25.86 -23.01
C ASP D 56 8.10 26.11 -24.37
N ARG D 57 9.39 26.42 -24.33
CA ARG D 57 10.18 26.84 -25.48
C ARG D 57 10.59 25.66 -26.35
N VAL D 58 10.78 24.51 -25.71
CA VAL D 58 11.18 23.29 -26.39
C VAL D 58 10.04 22.69 -27.21
N GLU D 59 8.87 22.56 -26.59
CA GLU D 59 7.70 21.99 -27.24
C GLU D 59 6.87 23.07 -27.93
N GLN D 60 7.34 24.31 -27.81
CA GLN D 60 6.70 25.46 -28.47
C GLN D 60 5.23 25.62 -28.11
N GLU D 61 4.91 25.55 -26.82
CA GLU D 61 3.51 25.63 -26.41
C GLU D 61 3.34 26.12 -24.97
N TRP D 62 2.19 26.73 -24.69
CA TRP D 62 1.88 27.23 -23.35
C TRP D 62 1.53 26.10 -22.39
N VAL D 63 1.93 26.25 -21.13
CA VAL D 63 1.68 25.25 -20.11
C VAL D 63 1.28 25.85 -18.76
N ALA D 64 0.48 25.11 -18.01
CA ALA D 64 0.11 25.47 -16.65
C ALA D 64 0.86 24.60 -15.66
N ILE D 65 1.80 25.20 -14.94
CA ILE D 65 2.63 24.44 -14.01
C ILE D 65 2.09 24.50 -12.57
N LYS D 66 1.90 23.33 -11.98
CA LYS D 66 1.42 23.21 -10.62
C LYS D 66 2.58 22.95 -9.67
N ILE D 67 3.02 24.01 -8.99
CA ILE D 67 4.11 23.94 -8.03
C ILE D 67 3.61 23.54 -6.66
N ILE D 68 4.05 22.38 -6.19
CA ILE D 68 3.69 21.90 -4.86
C ILE D 68 4.72 22.38 -3.84
N LYS D 69 4.24 22.61 -2.62
CA LYS D 69 5.09 23.12 -1.54
C LYS D 69 6.20 22.13 -1.14
N ASN D 70 7.21 22.65 -0.45
CA ASN D 70 8.36 21.84 -0.06
C ASN D 70 8.15 21.13 1.27
N LYS D 71 7.01 20.45 1.40
CA LYS D 71 6.69 19.70 2.61
C LYS D 71 6.33 18.26 2.26
N LYS D 72 6.45 17.35 3.23
CA LYS D 72 6.21 15.92 2.99
C LYS D 72 4.76 15.61 2.65
N ALA D 73 3.84 16.20 3.41
CA ALA D 73 2.41 15.95 3.25
C ALA D 73 1.91 16.29 1.84
N PHE D 74 2.17 17.52 1.41
CA PHE D 74 1.75 17.99 0.10
C PHE D 74 2.44 17.21 -1.00
N LEU D 75 3.69 16.84 -0.77
CA LEU D 75 4.44 16.04 -1.73
C LEU D 75 3.75 14.71 -1.96
N ASN D 76 3.51 13.97 -0.89
CA ASN D 76 2.82 12.68 -0.96
C ASN D 76 1.45 12.80 -1.62
N GLN D 77 0.65 13.75 -1.13
CA GLN D 77 -0.67 14.00 -1.66
C GLN D 77 -0.61 14.34 -3.15
N ALA D 78 0.55 14.82 -3.60
CA ALA D 78 0.74 15.13 -5.01
C ALA D 78 1.10 13.89 -5.82
N GLN D 79 1.97 13.03 -5.29
CA GLN D 79 2.34 11.81 -6.02
C GLN D 79 1.11 10.90 -6.15
N ILE D 80 0.16 11.00 -5.22
CA ILE D 80 -1.10 10.29 -5.38
C ILE D 80 -1.79 10.73 -6.67
N GLU D 81 -1.99 12.04 -6.81
CA GLU D 81 -2.64 12.60 -8.00
C GLU D 81 -1.90 12.24 -9.27
N VAL D 82 -0.58 12.31 -9.22
CA VAL D 82 0.27 11.93 -10.34
C VAL D 82 0.01 10.49 -10.74
N ARG D 83 -0.06 9.60 -9.74
CA ARG D 83 -0.33 8.19 -10.01
C ARG D 83 -1.68 8.01 -10.69
N LEU D 84 -2.68 8.77 -10.22
CA LEU D 84 -4.00 8.73 -10.84
C LEU D 84 -3.95 9.15 -12.31
N LEU D 85 -3.35 10.31 -12.56
CA LEU D 85 -3.26 10.85 -13.92
C LEU D 85 -2.50 9.93 -14.86
N GLU D 86 -1.39 9.37 -14.39
CA GLU D 86 -0.60 8.46 -15.20
C GLU D 86 -1.33 7.12 -15.35
N LEU D 87 -2.27 6.85 -14.46
CA LEU D 87 -3.11 5.67 -14.58
C LEU D 87 -4.18 5.88 -15.65
N MET D 88 -4.65 7.12 -15.78
CA MET D 88 -5.61 7.46 -16.82
C MET D 88 -4.96 7.47 -18.20
N ASN D 89 -3.67 7.76 -18.24
CA ASN D 89 -2.93 7.85 -19.49
C ASN D 89 -2.84 6.52 -20.24
N LYS D 90 -2.96 5.41 -19.50
CA LYS D 90 -2.85 4.09 -20.10
C LYS D 90 -4.00 3.77 -21.05
N HIS D 91 -5.11 4.48 -20.91
CA HIS D 91 -6.28 4.25 -21.76
C HIS D 91 -6.23 5.13 -23.00
N ASP D 92 -6.70 4.59 -24.12
CA ASP D 92 -6.59 5.26 -25.41
C ASP D 92 -7.91 5.82 -25.90
N THR D 93 -8.97 5.60 -25.13
CA THR D 93 -10.32 6.03 -25.50
C THR D 93 -10.42 7.55 -25.70
N GLU D 94 -11.44 7.97 -26.43
CA GLU D 94 -11.65 9.39 -26.68
C GLU D 94 -12.34 10.04 -25.48
N MET D 95 -12.94 9.20 -24.63
CA MET D 95 -13.63 9.69 -23.43
C MET D 95 -12.68 10.40 -22.48
N LYS D 96 -11.38 10.11 -22.60
CA LYS D 96 -10.36 10.72 -21.77
C LYS D 96 -10.05 12.15 -22.19
N TYR D 97 -10.64 12.58 -23.30
CA TYR D 97 -10.34 13.89 -23.86
C TYR D 97 -11.00 15.03 -23.06
N TYR D 98 -11.84 14.67 -22.09
CA TYR D 98 -12.55 15.66 -21.30
C TYR D 98 -11.91 15.86 -19.93
N ILE D 99 -10.67 15.37 -19.80
CA ILE D 99 -9.90 15.56 -18.58
C ILE D 99 -8.56 16.18 -18.93
N VAL D 100 -8.11 17.12 -18.12
CA VAL D 100 -6.83 17.80 -18.36
C VAL D 100 -5.69 16.77 -18.37
N HIS D 101 -4.77 16.94 -19.31
CA HIS D 101 -3.69 15.98 -19.50
C HIS D 101 -2.39 16.43 -18.84
N LEU D 102 -1.80 15.55 -18.04
CA LEU D 102 -0.49 15.80 -17.47
C LEU D 102 0.60 15.40 -18.46
N LYS D 103 1.25 16.41 -19.04
CA LYS D 103 2.32 16.16 -20.02
C LYS D 103 3.54 15.53 -19.36
N ARG D 104 3.92 16.07 -18.20
CA ARG D 104 5.08 15.57 -17.47
C ARG D 104 5.15 16.13 -16.06
N HIS D 105 5.99 15.52 -15.23
CA HIS D 105 6.23 16.00 -13.87
C HIS D 105 7.71 15.90 -13.54
N PHE D 106 8.20 16.78 -12.68
CA PHE D 106 9.60 16.77 -12.29
C PHE D 106 9.83 17.45 -10.95
N MET D 107 11.04 17.26 -10.41
CA MET D 107 11.45 17.95 -9.19
C MET D 107 12.29 19.17 -9.53
N PHE D 108 11.88 20.33 -9.03
CA PHE D 108 12.59 21.58 -9.27
C PHE D 108 12.81 22.35 -7.99
N ARG D 109 14.07 22.38 -7.52
CA ARG D 109 14.43 23.06 -6.28
C ARG D 109 13.60 22.58 -5.10
N ASN D 110 13.58 21.25 -4.93
CA ASN D 110 12.85 20.59 -3.85
C ASN D 110 11.33 20.78 -3.93
N HIS D 111 10.85 21.14 -5.11
CA HIS D 111 9.41 21.22 -5.36
C HIS D 111 9.02 20.24 -6.46
N LEU D 112 7.90 19.55 -6.28
CA LEU D 112 7.35 18.73 -7.36
C LEU D 112 6.48 19.61 -8.23
N CYS D 113 6.66 19.53 -9.55
CA CYS D 113 5.90 20.36 -10.47
C CYS D 113 5.10 19.52 -11.45
N LEU D 114 3.82 19.88 -11.62
CA LEU D 114 2.96 19.14 -12.54
C LEU D 114 2.65 19.98 -13.78
N VAL D 115 3.06 19.49 -14.94
CA VAL D 115 2.84 20.24 -16.18
C VAL D 115 1.52 19.85 -16.83
N PHE D 116 0.57 20.79 -16.84
CA PHE D 116 -0.73 20.55 -17.47
C PHE D 116 -0.87 21.35 -18.76
N GLU D 117 -1.64 20.79 -19.70
CA GLU D 117 -2.00 21.51 -20.91
C GLU D 117 -2.72 22.79 -20.51
N MET D 118 -2.41 23.88 -21.21
CA MET D 118 -2.97 25.18 -20.85
C MET D 118 -4.39 25.34 -21.37
N LEU D 119 -5.33 25.59 -20.46
CA LEU D 119 -6.72 25.77 -20.81
C LEU D 119 -7.19 27.18 -20.47
N SER D 120 -8.34 27.56 -21.02
CA SER D 120 -8.89 28.89 -20.81
C SER D 120 -9.62 28.99 -19.47
N TYR D 121 -10.47 30.00 -19.34
CA TYR D 121 -11.15 30.28 -18.08
C TYR D 121 -12.25 29.26 -17.77
N ASN D 122 -12.55 29.11 -16.48
CA ASN D 122 -13.53 28.13 -16.02
C ASN D 122 -14.96 28.59 -16.24
N LEU D 123 -15.90 27.70 -15.96
CA LEU D 123 -17.32 27.98 -16.19
C LEU D 123 -17.86 29.02 -15.20
N TYR D 124 -17.18 29.18 -14.07
CA TYR D 124 -17.60 30.17 -13.08
C TYR D 124 -17.34 31.59 -13.61
N ASP D 125 -16.21 31.76 -14.27
CA ASP D 125 -15.90 33.02 -14.94
C ASP D 125 -16.88 33.24 -16.08
N LEU D 126 -17.31 32.14 -16.69
CA LEU D 126 -18.27 32.19 -17.80
C LEU D 126 -19.64 32.64 -17.33
N LEU D 127 -20.01 32.25 -16.12
CA LEU D 127 -21.28 32.65 -15.53
C LEU D 127 -21.17 34.05 -14.92
N ARG D 128 -19.95 34.46 -14.61
CA ARG D 128 -19.70 35.80 -14.08
C ARG D 128 -19.85 36.84 -15.18
N ASN D 129 -19.64 36.39 -16.43
CA ASN D 129 -19.74 37.28 -17.58
C ASN D 129 -21.18 37.55 -17.99
N THR D 130 -22.10 36.69 -17.55
CA THR D 130 -23.52 36.88 -17.82
C THR D 130 -24.18 37.66 -16.70
N ASN D 131 -23.36 38.17 -15.78
CA ASN D 131 -23.84 38.79 -14.55
C ASN D 131 -24.74 37.82 -13.79
N PHE D 132 -24.31 36.56 -13.76
CA PHE D 132 -25.03 35.48 -13.09
C PHE D 132 -26.46 35.35 -13.63
N ARG D 133 -26.58 35.21 -14.95
CA ARG D 133 -27.88 35.07 -15.59
C ARG D 133 -28.01 33.75 -16.33
N GLY D 134 -26.93 32.99 -16.36
CA GLY D 134 -26.94 31.67 -16.99
C GLY D 134 -26.74 31.72 -18.48
N VAL D 135 -26.74 30.54 -19.10
CA VAL D 135 -26.54 30.43 -20.55
C VAL D 135 -27.72 29.71 -21.20
N SER D 136 -27.67 29.58 -22.52
CA SER D 136 -28.73 28.92 -23.27
C SER D 136 -28.78 27.42 -22.97
N LEU D 137 -29.90 26.79 -23.30
CA LEU D 137 -30.09 25.37 -23.02
C LEU D 137 -29.27 24.50 -23.95
N ASN D 138 -28.92 25.03 -25.12
CA ASN D 138 -28.08 24.32 -26.06
C ASN D 138 -26.68 24.11 -25.47
N LEU D 139 -26.11 25.21 -24.97
CA LEU D 139 -24.80 25.20 -24.35
C LEU D 139 -24.77 24.31 -23.11
N THR D 140 -25.81 24.40 -22.29
CA THR D 140 -25.93 23.57 -21.10
C THR D 140 -26.05 22.09 -21.51
N ARG D 141 -26.68 21.85 -22.66
CA ARG D 141 -26.85 20.50 -23.18
C ARG D 141 -25.51 19.89 -23.58
N LYS D 142 -24.74 20.60 -24.40
CA LYS D 142 -23.44 20.07 -24.81
C LYS D 142 -22.48 19.94 -23.61
N PHE D 143 -22.54 20.92 -22.72
CA PHE D 143 -21.81 20.84 -21.45
C PHE D 143 -22.14 19.54 -20.71
N ALA D 144 -23.43 19.29 -20.54
CA ALA D 144 -23.91 18.11 -19.83
C ALA D 144 -23.45 16.82 -20.51
N GLN D 145 -23.47 16.81 -21.84
CA GLN D 145 -23.09 15.60 -22.58
C GLN D 145 -21.59 15.31 -22.39
N GLN D 146 -20.77 16.35 -22.48
CA GLN D 146 -19.33 16.18 -22.29
C GLN D 146 -19.01 15.74 -20.86
N MET D 147 -19.65 16.40 -19.89
CA MET D 147 -19.44 16.06 -18.48
C MET D 147 -19.86 14.62 -18.18
N CYS D 148 -20.98 14.20 -18.76
CA CYS D 148 -21.47 12.83 -18.58
C CYS D 148 -20.55 11.82 -19.26
N THR D 149 -19.95 12.23 -20.37
CA THR D 149 -18.98 11.38 -21.05
C THR D 149 -17.75 11.19 -20.15
N ALA D 150 -17.37 12.27 -19.48
CA ALA D 150 -16.24 12.23 -18.55
C ALA D 150 -16.54 11.32 -17.35
N LEU D 151 -17.75 11.45 -16.80
CA LEU D 151 -18.16 10.60 -15.68
C LEU D 151 -18.32 9.15 -16.11
N LEU D 152 -18.56 8.93 -17.40
CA LEU D 152 -18.61 7.58 -17.94
C LEU D 152 -17.20 7.01 -18.01
N PHE D 153 -16.26 7.87 -18.40
CA PHE D 153 -14.85 7.47 -18.43
C PHE D 153 -14.35 7.10 -17.04
N LEU D 154 -14.67 7.94 -16.06
CA LEU D 154 -14.29 7.67 -14.67
C LEU D 154 -15.00 6.43 -14.12
N ALA D 155 -16.13 6.08 -14.73
CA ALA D 155 -16.92 4.94 -14.27
C ALA D 155 -16.33 3.60 -14.71
N THR D 156 -15.25 3.66 -15.49
CA THR D 156 -14.56 2.44 -15.93
C THR D 156 -14.10 1.64 -14.72
N PRO D 157 -14.47 0.35 -14.67
CA PRO D 157 -14.18 -0.55 -13.55
C PRO D 157 -12.72 -0.55 -13.10
N GLU D 158 -11.80 -0.48 -14.05
CA GLU D 158 -10.38 -0.48 -13.73
C GLU D 158 -9.95 0.80 -13.02
N LEU D 159 -10.65 1.89 -13.31
CA LEU D 159 -10.37 3.16 -12.65
C LEU D 159 -11.22 3.35 -11.41
N SER D 160 -12.53 3.51 -11.60
CA SER D 160 -13.47 3.78 -10.52
C SER D 160 -13.04 5.01 -9.72
N ILE D 161 -12.87 6.12 -10.42
CA ILE D 161 -12.34 7.34 -9.82
C ILE D 161 -13.42 8.37 -9.54
N ILE D 162 -13.42 8.88 -8.31
CA ILE D 162 -14.34 9.94 -7.90
C ILE D 162 -13.57 11.25 -7.78
N HIS D 163 -14.14 12.34 -8.31
CA HIS D 163 -13.47 13.64 -8.23
C HIS D 163 -13.70 14.29 -6.86
N CYS D 164 -14.88 14.04 -6.30
CA CYS D 164 -15.23 14.50 -4.95
C CYS D 164 -15.15 16.01 -4.77
N ASP D 165 -15.19 16.76 -5.86
CA ASP D 165 -15.08 18.22 -5.78
C ASP D 165 -15.53 18.91 -7.05
N LEU D 166 -16.58 18.40 -7.69
CA LEU D 166 -17.07 18.99 -8.93
C LEU D 166 -17.78 20.33 -8.67
N LYS D 167 -17.35 21.35 -9.40
CA LYS D 167 -17.95 22.68 -9.34
C LYS D 167 -17.63 23.42 -10.64
N PRO D 168 -18.33 24.54 -10.91
CA PRO D 168 -18.08 25.32 -12.12
C PRO D 168 -16.61 25.68 -12.35
N GLU D 169 -15.88 25.97 -11.28
CA GLU D 169 -14.50 26.42 -11.39
C GLU D 169 -13.53 25.26 -11.67
N ASN D 170 -14.01 24.03 -11.51
CA ASN D 170 -13.19 22.87 -11.83
C ASN D 170 -13.51 22.32 -13.22
N ILE D 171 -14.28 23.09 -13.98
CA ILE D 171 -14.56 22.76 -15.37
C ILE D 171 -14.09 23.93 -16.25
N LEU D 172 -13.10 23.67 -17.10
CA LEU D 172 -12.47 24.76 -17.85
C LEU D 172 -12.67 24.63 -19.36
N LEU D 173 -12.52 25.74 -20.07
CA LEU D 173 -12.67 25.76 -21.52
C LEU D 173 -11.33 25.58 -22.23
N CYS D 174 -11.34 24.86 -23.34
CA CYS D 174 -10.17 24.75 -24.19
C CYS D 174 -9.99 26.03 -24.98
N ASN D 175 -11.10 26.57 -25.47
CA ASN D 175 -11.11 27.79 -26.27
C ASN D 175 -12.40 28.55 -25.99
N PRO D 176 -12.28 29.82 -25.56
CA PRO D 176 -13.44 30.65 -25.23
C PRO D 176 -14.49 30.71 -26.35
N LYS D 177 -14.05 30.52 -27.59
CA LYS D 177 -14.95 30.58 -28.74
C LYS D 177 -15.52 29.20 -29.07
N ARG D 178 -14.74 28.16 -28.81
CA ARG D 178 -15.15 26.80 -29.15
C ARG D 178 -15.98 26.17 -28.03
N SER D 179 -16.70 25.10 -28.38
CA SER D 179 -17.52 24.39 -27.41
C SER D 179 -16.80 23.13 -26.91
N ALA D 180 -15.85 23.32 -26.01
CA ALA D 180 -15.12 22.20 -25.43
C ALA D 180 -14.78 22.49 -23.97
N ILE D 181 -14.89 21.48 -23.12
CA ILE D 181 -14.55 21.61 -21.72
C ILE D 181 -13.72 20.43 -21.22
N LYS D 182 -12.96 20.67 -20.16
CA LYS D 182 -12.16 19.63 -19.51
C LYS D 182 -12.22 19.78 -18.00
N ILE D 183 -12.13 18.65 -17.29
CA ILE D 183 -12.16 18.66 -15.83
C ILE D 183 -10.75 18.78 -15.29
N VAL D 184 -10.56 19.63 -14.28
CA VAL D 184 -9.24 19.87 -13.71
C VAL D 184 -9.19 19.60 -12.22
N ASP D 185 -7.97 19.60 -11.68
CA ASP D 185 -7.73 19.51 -10.23
C ASP D 185 -8.26 18.21 -9.63
N PHE D 186 -7.43 17.17 -9.65
CA PHE D 186 -7.76 15.90 -9.01
C PHE D 186 -6.97 15.74 -7.71
N GLY D 187 -6.85 16.84 -6.96
CA GLY D 187 -6.08 16.83 -5.73
C GLY D 187 -6.86 16.33 -4.53
N SER D 188 -8.18 16.45 -4.59
CA SER D 188 -9.04 15.97 -3.51
C SER D 188 -9.79 14.71 -3.93
N SER D 189 -9.57 14.31 -5.18
CA SER D 189 -10.21 13.12 -5.74
C SER D 189 -9.75 11.84 -5.05
N CYS D 190 -10.51 10.77 -5.23
CA CYS D 190 -10.14 9.48 -4.65
C CYS D 190 -10.86 8.32 -5.36
N GLN D 191 -10.38 7.11 -5.12
CA GLN D 191 -10.97 5.91 -5.74
C GLN D 191 -11.97 5.23 -4.83
N LEU D 192 -12.78 4.36 -5.42
CA LEU D 192 -13.77 3.58 -4.68
C LEU D 192 -13.06 2.63 -3.72
N GLY D 193 -13.55 2.56 -2.49
CA GLY D 193 -12.93 1.72 -1.49
C GLY D 193 -13.55 1.87 -0.11
N GLN D 194 -12.87 1.33 0.91
CA GLN D 194 -13.34 1.47 2.28
C GLN D 194 -13.30 2.95 2.66
N ARG D 195 -14.29 3.38 3.44
CA ARG D 195 -14.44 4.80 3.73
C ARG D 195 -13.37 5.32 4.67
N ILE D 196 -12.77 6.44 4.29
CA ILE D 196 -11.73 7.08 5.07
C ILE D 196 -12.10 8.54 5.32
N TYR D 197 -12.79 9.12 4.34
CA TYR D 197 -13.19 10.53 4.40
C TYR D 197 -14.71 10.67 4.53
N GLN D 198 -15.15 11.60 5.37
CA GLN D 198 -16.57 11.87 5.53
C GLN D 198 -16.92 13.30 5.17
N PTR D 199 -16.04 14.24 5.52
CA PTR D 199 -16.23 15.64 5.18
C PTR D 199 -15.68 15.92 3.80
O PTR D 199 -14.56 16.44 3.65
CB PTR D 199 -15.53 16.51 6.24
CG PTR D 199 -15.86 17.99 6.17
CD1 PTR D 199 -17.17 18.44 6.35
CD2 PTR D 199 -14.86 18.94 5.95
CE1 PTR D 199 -17.46 19.79 6.32
CE2 PTR D 199 -15.16 20.29 5.92
CZ PTR D 199 -16.46 20.72 6.09
OH PTR D 199 -16.74 21.99 6.06
P PTR D 199 -17.67 22.66 4.93
O1P PTR D 199 -16.94 23.87 4.32
O2P PTR D 199 -18.99 23.13 5.57
O3P PTR D 199 -17.95 21.67 3.88
N ILE D 200 -16.44 15.56 2.77
CA ILE D 200 -15.99 15.71 1.39
C ILE D 200 -16.93 16.55 0.54
N GLN D 201 -16.47 16.91 -0.66
CA GLN D 201 -17.21 17.71 -1.62
C GLN D 201 -17.48 19.13 -1.15
N SER D 202 -17.61 20.05 -2.10
CA SER D 202 -18.02 21.42 -1.78
C SER D 202 -19.44 21.41 -1.23
N ARG D 203 -19.70 22.31 -0.28
CA ARG D 203 -20.97 22.30 0.44
C ARG D 203 -22.16 22.49 -0.49
N PHE D 204 -22.01 23.39 -1.46
CA PHE D 204 -23.06 23.65 -2.44
C PHE D 204 -23.36 22.41 -3.27
N TYR D 205 -22.31 21.62 -3.51
CA TYR D 205 -22.40 20.47 -4.41
C TYR D 205 -22.17 19.17 -3.64
N ARG D 206 -22.59 19.17 -2.38
CA ARG D 206 -22.44 18.02 -1.51
C ARG D 206 -23.65 17.08 -1.62
N SER D 207 -23.37 15.82 -1.95
CA SER D 207 -24.41 14.82 -2.10
C SER D 207 -25.10 14.55 -0.77
N PRO D 208 -26.38 14.12 -0.81
CA PRO D 208 -27.16 13.85 0.40
C PRO D 208 -26.53 12.79 1.32
N GLU D 209 -26.00 11.72 0.74
CA GLU D 209 -25.45 10.63 1.52
C GLU D 209 -24.23 11.05 2.34
N VAL D 210 -23.46 11.99 1.83
CA VAL D 210 -22.29 12.50 2.54
C VAL D 210 -22.69 13.33 3.75
N LEU D 211 -23.66 14.22 3.56
CA LEU D 211 -24.18 15.05 4.63
C LEU D 211 -24.73 14.22 5.78
N LEU D 212 -25.19 13.02 5.47
CA LEU D 212 -25.81 12.13 6.45
C LEU D 212 -24.82 11.16 7.08
N GLY D 213 -23.56 11.23 6.66
CA GLY D 213 -22.54 10.33 7.17
C GLY D 213 -22.77 8.90 6.73
N MET D 214 -23.13 8.74 5.45
CA MET D 214 -23.43 7.43 4.90
C MET D 214 -22.37 6.98 3.90
N PRO D 215 -22.36 5.69 3.52
CA PRO D 215 -21.44 5.25 2.48
C PRO D 215 -21.68 5.94 1.15
N TYR D 216 -20.65 6.05 0.32
CA TYR D 216 -20.77 6.72 -0.96
C TYR D 216 -19.99 6.03 -2.07
N ASP D 217 -20.39 6.31 -3.31
CA ASP D 217 -19.71 5.81 -4.49
C ASP D 217 -19.49 6.95 -5.48
N LEU D 218 -19.46 6.62 -6.76
CA LEU D 218 -19.22 7.62 -7.80
C LEU D 218 -20.43 8.54 -7.98
N ALA D 219 -21.61 8.03 -7.62
CA ALA D 219 -22.86 8.74 -7.83
C ALA D 219 -22.86 10.15 -7.21
N ILE D 220 -22.04 10.34 -6.17
CA ILE D 220 -21.97 11.64 -5.51
C ILE D 220 -21.60 12.71 -6.52
N ASP D 221 -20.62 12.40 -7.37
CA ASP D 221 -20.20 13.32 -8.42
C ASP D 221 -21.39 13.67 -9.29
N MET D 222 -22.16 12.65 -9.67
CA MET D 222 -23.36 12.85 -10.48
C MET D 222 -24.24 13.91 -9.83
N TRP D 223 -24.47 13.78 -8.53
CA TRP D 223 -25.27 14.74 -7.80
C TRP D 223 -24.77 16.15 -8.07
N SER D 224 -23.47 16.35 -7.82
CA SER D 224 -22.85 17.64 -8.03
C SER D 224 -23.16 18.14 -9.43
N LEU D 225 -22.93 17.27 -10.41
CA LEU D 225 -23.16 17.61 -11.81
C LEU D 225 -24.54 18.21 -11.97
N GLY D 226 -25.54 17.53 -11.43
CA GLY D 226 -26.91 17.99 -11.47
C GLY D 226 -26.98 19.45 -11.08
N CYS D 227 -26.57 19.73 -9.83
CA CYS D 227 -26.59 21.08 -9.31
C CYS D 227 -25.92 22.03 -10.28
N ILE D 228 -24.72 21.66 -10.70
CA ILE D 228 -23.91 22.49 -11.57
C ILE D 228 -24.72 22.88 -12.80
N LEU D 229 -25.34 21.89 -13.42
CA LEU D 229 -26.06 22.11 -14.66
C LEU D 229 -27.15 23.16 -14.45
N VAL D 230 -27.85 23.07 -13.33
CA VAL D 230 -28.89 24.04 -13.03
C VAL D 230 -28.28 25.43 -12.96
N GLU D 231 -27.17 25.54 -12.24
CA GLU D 231 -26.48 26.80 -12.08
C GLU D 231 -26.04 27.35 -13.44
N MET D 232 -25.83 26.45 -14.40
CA MET D 232 -25.39 26.86 -15.72
C MET D 232 -26.51 27.57 -16.48
N HIS D 233 -27.75 27.16 -16.23
CA HIS D 233 -28.86 27.75 -16.95
C HIS D 233 -29.45 28.94 -16.18
N THR D 234 -29.49 28.81 -14.86
CA THR D 234 -30.04 29.84 -14.00
C THR D 234 -29.04 30.96 -13.73
N GLY D 235 -27.77 30.59 -13.59
CA GLY D 235 -26.72 31.55 -13.32
C GLY D 235 -26.39 31.63 -11.84
N GLU D 236 -27.22 31.01 -11.02
CA GLU D 236 -27.04 31.03 -9.57
C GLU D 236 -27.04 29.60 -9.02
N PRO D 237 -26.31 29.37 -7.92
CA PRO D 237 -26.25 28.07 -7.24
C PRO D 237 -27.63 27.52 -6.91
N LEU D 238 -27.84 26.22 -7.10
CA LEU D 238 -29.12 25.60 -6.84
C LEU D 238 -29.39 25.50 -5.35
N PHE D 239 -28.43 24.98 -4.60
CA PHE D 239 -28.57 24.84 -3.15
C PHE D 239 -27.47 25.59 -2.41
N SER D 240 -27.58 26.92 -2.33
CA SER D 240 -26.54 27.73 -1.70
C SER D 240 -26.71 27.79 -0.18
N GLY D 241 -26.08 26.87 0.52
CA GLY D 241 -26.19 26.79 1.96
C GLY D 241 -25.02 27.39 2.71
N ALA D 242 -25.32 28.20 3.73
CA ALA D 242 -24.29 28.85 4.54
C ALA D 242 -23.55 27.81 5.38
N ASN D 243 -24.27 26.76 5.77
CA ASN D 243 -23.65 25.61 6.43
C ASN D 243 -24.43 24.34 6.08
N GLU D 244 -24.06 23.22 6.68
CA GLU D 244 -24.62 21.92 6.30
C GLU D 244 -26.13 21.81 6.56
N VAL D 245 -26.58 22.34 7.70
CA VAL D 245 -28.00 22.35 8.03
C VAL D 245 -28.78 23.17 7.00
N ASP D 246 -28.31 24.40 6.77
CA ASP D 246 -28.90 25.28 5.77
C ASP D 246 -28.92 24.58 4.42
N GLN D 247 -27.84 23.89 4.09
CA GLN D 247 -27.73 23.14 2.84
C GLN D 247 -28.83 22.10 2.71
N MET D 248 -28.96 21.25 3.72
CA MET D 248 -29.95 20.19 3.72
C MET D 248 -31.36 20.75 3.61
N ASN D 249 -31.64 21.83 4.34
CA ASN D 249 -32.95 22.47 4.24
C ASN D 249 -33.20 23.01 2.83
N LYS D 250 -32.16 23.57 2.22
CA LYS D 250 -32.25 24.06 0.85
C LYS D 250 -32.56 22.92 -0.11
N ILE D 251 -32.06 21.73 0.20
CA ILE D 251 -32.32 20.56 -0.63
C ILE D 251 -33.76 20.07 -0.45
N VAL D 252 -34.22 20.03 0.79
CA VAL D 252 -35.57 19.59 1.13
C VAL D 252 -36.62 20.51 0.50
N GLU D 253 -36.37 21.81 0.54
CA GLU D 253 -37.27 22.80 -0.06
C GLU D 253 -37.60 22.47 -1.52
N VAL D 254 -36.68 21.78 -2.19
CA VAL D 254 -36.84 21.45 -3.60
C VAL D 254 -37.34 20.03 -3.82
N LEU D 255 -36.67 19.06 -3.18
CA LEU D 255 -36.94 17.66 -3.43
C LEU D 255 -37.78 17.00 -2.34
N GLY D 256 -38.23 17.81 -1.38
CA GLY D 256 -39.08 17.31 -0.32
C GLY D 256 -38.33 16.52 0.74
N ILE D 257 -39.07 15.87 1.63
CA ILE D 257 -38.47 15.04 2.68
C ILE D 257 -37.90 13.75 2.10
N PRO D 258 -36.64 13.45 2.42
CA PRO D 258 -35.96 12.23 1.96
C PRO D 258 -36.67 10.97 2.41
N PRO D 259 -36.64 9.91 1.58
CA PRO D 259 -37.24 8.59 1.88
C PRO D 259 -36.90 8.10 3.28
N ALA D 260 -37.91 7.58 3.98
CA ALA D 260 -37.76 7.18 5.38
C ALA D 260 -36.84 5.96 5.54
N HIS D 261 -36.83 5.09 4.55
CA HIS D 261 -35.99 3.89 4.61
C HIS D 261 -34.51 4.26 4.60
N ILE D 262 -34.20 5.39 3.98
CA ILE D 262 -32.85 5.95 3.99
C ILE D 262 -32.55 6.57 5.35
N LEU D 263 -33.50 7.35 5.86
CA LEU D 263 -33.31 8.10 7.09
C LEU D 263 -33.19 7.20 8.32
N ASP D 264 -33.82 6.04 8.28
CA ASP D 264 -33.74 5.09 9.39
C ASP D 264 -32.33 4.53 9.52
N GLN D 265 -31.62 4.42 8.40
CA GLN D 265 -30.26 3.91 8.39
C GLN D 265 -29.23 5.00 8.68
N ALA D 266 -29.55 6.22 8.26
CA ALA D 266 -28.61 7.34 8.33
C ALA D 266 -28.15 7.64 9.76
N PRO D 267 -26.83 7.65 9.97
CA PRO D 267 -26.23 7.95 11.27
C PRO D 267 -26.47 9.39 11.72
N LYS D 268 -26.33 10.34 10.81
CA LYS D 268 -26.54 11.74 11.14
C LYS D 268 -27.92 12.21 10.68
N ALA D 269 -28.93 11.37 10.91
CA ALA D 269 -30.30 11.71 10.55
C ALA D 269 -30.93 12.61 11.61
N ARG D 270 -30.42 12.53 12.84
CA ARG D 270 -30.90 13.38 13.92
C ARG D 270 -30.40 14.81 13.79
N LYS D 271 -29.53 15.04 12.82
CA LYS D 271 -28.98 16.37 12.61
C LYS D 271 -29.99 17.28 11.90
N PHE D 272 -30.83 16.68 11.06
CA PHE D 272 -31.77 17.47 10.26
C PHE D 272 -33.23 17.11 10.50
N PHE D 273 -33.49 15.91 11.03
CA PHE D 273 -34.87 15.41 11.08
C PHE D 273 -35.32 14.89 12.44
N GLU D 274 -36.64 14.76 12.57
CA GLU D 274 -37.27 14.23 13.79
C GLU D 274 -38.09 12.99 13.49
N LYS D 275 -37.96 11.97 14.33
CA LYS D 275 -38.69 10.73 14.13
C LYS D 275 -39.85 10.61 15.11
N LEU D 276 -41.08 10.67 14.60
CA LEU D 276 -42.25 10.47 15.44
C LEU D 276 -42.52 8.97 15.60
N PRO D 277 -43.12 8.57 16.72
CA PRO D 277 -43.46 7.16 16.94
C PRO D 277 -44.40 6.60 15.86
N ASP D 278 -45.01 7.50 15.10
CA ASP D 278 -45.88 7.13 13.99
C ASP D 278 -45.10 6.42 12.89
N GLY D 279 -43.79 6.60 12.89
CA GLY D 279 -42.95 6.06 11.84
C GLY D 279 -42.73 7.13 10.78
N THR D 280 -42.97 8.38 11.16
CA THR D 280 -42.83 9.48 10.22
C THR D 280 -41.58 10.32 10.53
N TRP D 281 -40.98 10.86 9.48
CA TRP D 281 -39.84 11.74 9.61
C TRP D 281 -40.25 13.17 9.29
N ASN D 282 -39.69 14.13 10.02
CA ASN D 282 -40.12 15.52 9.92
C ASN D 282 -38.95 16.49 9.93
N LEU D 283 -39.19 17.72 9.49
CA LEU D 283 -38.14 18.74 9.51
C LEU D 283 -37.82 19.19 10.93
N LYS D 284 -36.76 19.97 11.07
CA LYS D 284 -36.38 20.54 12.35
C LYS D 284 -36.00 22.00 12.18
N LYS D 285 -35.98 22.74 13.28
CA LYS D 285 -35.59 24.14 13.26
C LYS D 285 -35.32 24.66 14.67
N TYR D 293 -37.95 28.73 6.27
CA TYR D 293 -37.82 27.94 5.06
C TYR D 293 -39.15 27.75 4.35
N LYS D 294 -39.09 27.29 3.11
CA LYS D 294 -40.29 26.86 2.41
C LYS D 294 -40.59 25.41 2.81
N PRO D 295 -41.88 25.06 2.88
CA PRO D 295 -42.28 23.70 3.24
C PRO D 295 -41.68 22.67 2.28
N PRO D 296 -41.39 21.45 2.78
CA PRO D 296 -40.76 20.38 2.01
C PRO D 296 -41.40 20.13 0.64
N GLY D 297 -40.62 20.34 -0.42
CA GLY D 297 -41.07 20.03 -1.76
C GLY D 297 -41.84 21.15 -2.45
N THR D 298 -42.01 22.27 -1.76
CA THR D 298 -42.77 23.39 -2.31
C THR D 298 -42.01 24.13 -3.40
N ARG D 299 -40.75 24.47 -3.16
CA ARG D 299 -39.93 25.11 -4.18
C ARG D 299 -39.61 24.12 -5.29
N LYS D 300 -40.49 24.04 -6.28
CA LYS D 300 -40.39 23.03 -7.34
C LYS D 300 -39.31 23.37 -8.36
N LEU D 301 -38.79 22.34 -9.03
CA LEU D 301 -37.72 22.50 -10.02
C LEU D 301 -38.27 23.02 -11.33
N HIS D 302 -39.57 22.74 -11.53
CA HIS D 302 -40.36 23.28 -12.63
C HIS D 302 -40.29 24.80 -12.67
N ASN D 303 -40.43 25.39 -11.50
CA ASN D 303 -40.34 26.83 -11.31
C ASN D 303 -38.94 27.37 -11.60
N ILE D 304 -37.94 26.73 -11.00
CA ILE D 304 -36.55 27.14 -11.12
C ILE D 304 -36.06 27.09 -12.56
N LEU D 305 -36.27 25.95 -13.21
CA LEU D 305 -35.92 25.76 -14.61
C LEU D 305 -36.78 26.63 -15.51
N GLY D 306 -38.02 26.84 -15.11
CA GLY D 306 -38.94 27.66 -15.87
C GLY D 306 -39.46 26.94 -17.10
N VAL D 307 -40.09 25.80 -16.87
CA VAL D 307 -40.59 24.97 -17.96
C VAL D 307 -41.68 25.67 -18.76
N GLU D 308 -42.82 25.89 -18.13
CA GLU D 308 -43.98 26.45 -18.82
C GLU D 308 -44.04 27.98 -18.80
N THR D 309 -42.94 28.62 -18.42
CA THR D 309 -42.91 30.07 -18.34
C THR D 309 -41.77 30.69 -19.14
N GLY D 310 -41.38 30.03 -20.22
CA GLY D 310 -40.37 30.56 -21.13
C GLY D 310 -39.01 30.77 -20.49
N GLY D 311 -38.48 29.74 -19.85
CA GLY D 311 -37.16 29.81 -19.24
C GLY D 311 -37.09 30.72 -18.02
N PRO D 312 -35.90 30.84 -17.43
CA PRO D 312 -35.66 31.66 -16.24
C PRO D 312 -35.75 33.17 -16.53
N GLY D 313 -36.86 33.60 -17.12
CA GLY D 313 -37.05 35.00 -17.44
C GLY D 313 -36.36 35.40 -18.73
N GLY D 314 -36.72 34.75 -19.82
CA GLY D 314 -36.13 35.03 -21.11
C GLY D 314 -37.12 34.87 -22.25
N GLY D 321 -35.64 27.36 -30.89
CA GLY D 321 -35.01 26.15 -30.38
C GLY D 321 -34.98 25.98 -28.88
N HIS D 322 -35.64 26.87 -28.15
CA HIS D 322 -35.82 26.64 -26.70
C HIS D 322 -37.25 26.22 -26.36
N THR D 323 -37.83 25.36 -27.17
CA THR D 323 -39.13 24.77 -26.89
C THR D 323 -39.07 24.02 -25.56
N VAL D 324 -40.24 23.88 -24.93
CA VAL D 324 -40.31 23.28 -23.61
C VAL D 324 -40.35 21.76 -23.68
N ALA D 325 -40.31 21.24 -24.91
CA ALA D 325 -40.09 19.81 -25.13
C ALA D 325 -38.65 19.50 -24.78
N ASP D 326 -37.80 20.50 -24.94
CA ASP D 326 -36.41 20.41 -24.49
C ASP D 326 -36.37 20.52 -22.97
N TYR D 327 -37.18 21.43 -22.44
CA TYR D 327 -37.20 21.72 -21.00
C TYR D 327 -37.70 20.57 -20.15
N LEU D 328 -38.69 19.82 -20.66
CA LEU D 328 -39.19 18.67 -19.93
C LEU D 328 -38.14 17.56 -19.86
N LYS D 329 -37.39 17.40 -20.94
CA LYS D 329 -36.30 16.44 -21.00
C LYS D 329 -35.18 16.84 -20.05
N PHE D 330 -34.85 18.13 -20.03
CA PHE D 330 -33.81 18.63 -19.15
C PHE D 330 -34.21 18.46 -17.70
N LYS D 331 -35.48 18.74 -17.39
CA LYS D 331 -36.00 18.59 -16.04
C LYS D 331 -35.96 17.13 -15.61
N ASP D 332 -36.38 16.25 -16.51
CA ASP D 332 -36.35 14.81 -16.24
C ASP D 332 -34.93 14.35 -15.94
N LEU D 333 -33.99 14.80 -16.77
CA LEU D 333 -32.58 14.45 -16.60
C LEU D 333 -32.04 14.92 -15.25
N ILE D 334 -32.22 16.20 -14.97
CA ILE D 334 -31.73 16.79 -13.71
C ILE D 334 -32.36 16.08 -12.51
N LEU D 335 -33.63 15.71 -12.64
CA LEU D 335 -34.32 14.98 -11.57
C LEU D 335 -33.76 13.58 -11.40
N ARG D 336 -33.33 12.96 -12.50
CA ARG D 336 -32.69 11.66 -12.44
C ARG D 336 -31.32 11.80 -11.81
N MET D 337 -30.74 13.00 -11.91
CA MET D 337 -29.42 13.27 -11.35
C MET D 337 -29.50 13.70 -9.89
N LEU D 338 -30.63 14.26 -9.49
CA LEU D 338 -30.80 14.72 -8.11
C LEU D 338 -31.64 13.72 -7.32
N ASP D 339 -31.60 12.46 -7.73
CA ASP D 339 -32.23 11.38 -6.99
C ASP D 339 -31.57 11.23 -5.62
N TYR D 340 -32.38 11.04 -4.59
CA TYR D 340 -31.87 10.87 -3.23
C TYR D 340 -31.07 9.57 -3.10
N ASP D 341 -31.62 8.49 -3.64
CA ASP D 341 -31.03 7.17 -3.54
C ASP D 341 -29.90 6.98 -4.55
N PRO D 342 -28.66 6.81 -4.05
CA PRO D 342 -27.47 6.64 -4.90
C PRO D 342 -27.56 5.38 -5.76
N LYS D 343 -28.29 4.39 -5.29
CA LYS D 343 -28.42 3.11 -5.99
C LYS D 343 -29.26 3.23 -7.25
N THR D 344 -30.29 4.07 -7.21
CA THR D 344 -31.19 4.23 -8.34
C THR D 344 -30.98 5.54 -9.08
N ARG D 345 -30.01 6.34 -8.64
CA ARG D 345 -29.66 7.57 -9.34
C ARG D 345 -29.12 7.22 -10.72
N ILE D 346 -29.37 8.09 -11.69
CA ILE D 346 -29.04 7.80 -13.08
C ILE D 346 -27.54 7.60 -13.29
N GLN D 347 -27.18 6.54 -13.99
CA GLN D 347 -25.79 6.23 -14.28
C GLN D 347 -25.37 6.90 -15.59
N PRO D 348 -24.08 7.26 -15.72
CA PRO D 348 -23.55 7.96 -16.90
C PRO D 348 -23.91 7.31 -18.23
N TYR D 349 -23.83 6.00 -18.32
CA TYR D 349 -24.16 5.30 -19.56
C TYR D 349 -25.61 5.50 -19.95
N TYR D 350 -26.49 5.41 -18.96
CA TYR D 350 -27.92 5.59 -19.19
C TYR D 350 -28.28 7.06 -19.30
N ALA D 351 -27.50 7.91 -18.63
CA ALA D 351 -27.72 9.35 -18.69
C ALA D 351 -27.45 9.87 -20.09
N LEU D 352 -26.45 9.29 -20.75
CA LEU D 352 -26.11 9.67 -22.12
C LEU D 352 -27.14 9.16 -23.12
N GLN D 353 -27.95 8.19 -22.69
CA GLN D 353 -29.01 7.65 -23.54
C GLN D 353 -30.30 8.46 -23.42
N HIS D 354 -30.28 9.49 -22.61
CA HIS D 354 -31.47 10.30 -22.36
C HIS D 354 -31.94 10.99 -23.64
N SER D 355 -33.21 11.39 -23.65
CA SER D 355 -33.80 12.03 -24.81
C SER D 355 -33.38 13.49 -24.93
N PHE D 356 -32.82 14.02 -23.85
CA PHE D 356 -32.35 15.40 -23.82
C PHE D 356 -31.20 15.62 -24.81
N PHE D 357 -30.47 14.55 -25.08
CA PHE D 357 -29.35 14.60 -26.01
C PHE D 357 -29.78 14.24 -27.43
CAD B6Q E . -13.34 -30.46 8.08
CAC B6Q E . -14.37 -31.33 7.38
NAB B6Q E . -14.36 -32.71 7.90
CAA B6Q E . -15.31 -33.52 7.14
CAG B6Q E . -14.78 -32.67 9.31
CAF B6Q E . -13.79 -31.89 10.17
NAE B6Q E . -13.44 -30.60 9.55
CAH B6Q E . -13.13 -29.55 10.33
CBG B6Q E . -12.01 -28.78 10.03
CBF B6Q E . -11.69 -27.69 10.84
CAI B6Q E . -13.92 -29.22 11.43
CAJ B6Q E . -13.59 -28.13 12.23
CAK B6Q E . -12.48 -27.34 11.92
NAL B6Q E . -12.19 -26.30 12.73
CAM B6Q E . -11.97 -25.06 12.27
SAQ B6Q E . -11.57 -24.55 10.75
NAN B6Q E . -12.02 -23.98 13.06
CAO B6Q E . -11.76 -22.82 12.43
NBE B6Q E . -11.79 -21.67 13.11
CAP B6Q E . -11.49 -22.96 11.13
CAR B6Q E . -11.20 -21.94 10.30
OAS B6Q E . -11.32 -20.77 10.68
CAT B6Q E . -10.69 -22.25 9.05
CAY B6Q E . -11.53 -22.73 8.04
CAU B6Q E . -9.34 -22.05 8.77
CAV B6Q E . -8.84 -22.36 7.52
CAW B6Q E . -9.68 -22.85 6.53
CAX B6Q E . -11.02 -23.06 6.79
NAZ B6Q E . -11.82 -23.52 5.82
CBA B6Q E . -12.30 -24.78 5.84
OBB B6Q E . -13.04 -25.23 4.96
CBC B6Q E . -11.90 -25.68 7.03
CBD B6Q E . -12.49 -27.08 6.99
CAD B6Q F . 15.99 -24.38 -20.15
CAC B6Q F . 17.00 -25.45 -19.84
NAB B6Q F . 16.96 -26.54 -20.84
CAA B6Q F . 18.22 -27.29 -20.76
CAG B6Q F . 16.71 -26.05 -22.22
CAF B6Q F . 17.11 -24.60 -22.42
NAE B6Q F . 16.33 -23.77 -21.45
CAH B6Q F . 15.95 -22.52 -21.75
CBG B6Q F . 16.37 -21.44 -20.98
CBF B6Q F . 15.96 -20.16 -21.31
CAI B6Q F . 15.11 -22.31 -22.83
CAJ B6Q F . 14.70 -21.02 -23.16
CAK B6Q F . 15.11 -19.94 -22.39
NAL B6Q F . 14.69 -18.72 -22.74
CAM B6Q F . 14.27 -17.83 -21.83
SAQ B6Q F . 13.65 -18.13 -20.32
NAN B6Q F . 14.27 -16.51 -22.04
CAO B6Q F . 13.80 -15.79 -21.01
NBE B6Q F . 13.75 -14.46 -21.08
CAP B6Q F . 13.42 -16.53 -19.96
CAR B6Q F . 12.92 -15.99 -18.84
OAS B6Q F . 12.65 -14.79 -18.79
CAT B6Q F . 12.68 -16.81 -17.73
CAY B6Q F . 13.68 -17.61 -17.18
CAU B6Q F . 11.43 -16.77 -17.13
CAV B6Q F . 11.15 -17.55 -16.02
CAW B6Q F . 12.14 -18.37 -15.48
CAX B6Q F . 13.40 -18.41 -16.07
NAZ B6Q F . 14.34 -19.20 -15.56
CBA B6Q F . 14.51 -20.45 -16.05
OBB B6Q F . 15.36 -21.23 -15.63
CBC B6Q F . 13.56 -20.86 -17.18
CBD B6Q F . 13.77 -22.29 -17.71
CAD B6Q G . 4.20 24.49 26.45
CAC B6Q G . 4.80 25.65 25.68
NAB B6Q G . 6.05 26.15 26.30
CAA B6Q G . 6.90 26.70 25.23
CAG B6Q G . 6.77 25.12 27.07
CAF B6Q G . 6.63 23.74 26.44
NAE B6Q G . 5.19 23.39 26.47
CAH B6Q G . 4.80 22.10 26.52
CBG B6Q G . 3.60 21.71 25.96
CBF B6Q G . 3.19 20.38 26.03
CAI B6Q G . 5.61 21.17 27.14
CAJ B6Q G . 5.22 19.83 27.21
CAK B6Q G . 4.01 19.43 26.64
NAL B6Q G . 3.65 18.14 26.72
CAM B6Q G . 3.56 17.38 25.63
SAQ B6Q G . 3.66 17.84 24.05
NAN B6Q G . 3.35 16.05 25.67
CAO B6Q G . 3.29 15.47 24.46
NBE B6Q G . 3.08 14.16 24.36
CAP B6Q G . 3.45 16.31 23.44
CAR B6Q G . 3.41 15.91 22.17
OAS B6Q G . 3.04 14.76 21.91
CAT B6Q G . 3.73 16.79 21.14
CAY B6Q G . 4.92 17.53 21.10
CAU B6Q G . 2.84 16.90 20.07
CAV B6Q G . 3.12 17.74 19.01
CAW B6Q G . 4.28 18.50 19.00
CAX B6Q G . 5.18 18.41 20.06
NAZ B6Q G . 6.31 19.15 19.99
CBA B6Q G . 6.63 20.10 20.90
OBB B6Q G . 7.65 20.77 20.81
CBC B6Q G . 5.68 20.37 22.06
CBD B6Q G . 6.13 21.45 23.03
CAD B6Q H . -7.99 31.94 -12.97
CAC B6Q H . -9.23 32.68 -12.47
NAB B6Q H . -9.44 33.91 -13.23
CAA B6Q H . -10.58 34.64 -12.67
CAG B6Q H . -9.74 33.55 -14.63
CAF B6Q H . -8.55 32.88 -15.29
NAE B6Q H . -7.96 31.82 -14.45
CAH B6Q H . -7.35 30.77 -15.02
CBG B6Q H . -6.31 30.13 -14.35
CBF B6Q H . -5.67 29.05 -14.95
CAI B6Q H . -7.75 30.34 -16.27
CAJ B6Q H . -7.10 29.25 -16.87
CAK B6Q H . -6.08 28.59 -16.20
NAL B6Q H . -5.47 27.57 -16.82
CAM B6Q H . -5.35 26.35 -16.27
SAQ B6Q H . -5.30 25.91 -14.67
NAN B6Q H . -5.21 25.24 -17.01
CAO B6Q H . -5.09 24.11 -16.28
NBE B6Q H . -4.96 22.93 -16.89
CAP B6Q H . -5.13 24.32 -14.96
CAR B6Q H . -5.01 23.34 -14.07
OAS B6Q H . -4.56 22.23 -14.37
CAT B6Q H . -5.38 23.63 -12.75
CAY B6Q H . -6.68 23.98 -12.41
CAU B6Q H . -4.42 23.53 -11.75
CAV B6Q H . -4.74 23.80 -10.43
CAW B6Q H . -6.04 24.17 -10.10
CAX B6Q H . -7.02 24.27 -11.09
NAZ B6Q H . -8.26 24.61 -10.73
CBA B6Q H . -8.78 25.84 -10.99
OBB B6Q H . -9.91 26.16 -10.66
CBC B6Q H . -7.89 26.85 -11.71
CBD B6Q H . -8.55 28.21 -11.97
#